data_3TZ1
# 
_entry.id   3TZ1 
# 
_audit_conform.dict_name       mmcif_pdbx.dic 
_audit_conform.dict_version    5.388 
_audit_conform.dict_location   http://mmcif.pdb.org/dictionaries/ascii/mmcif_pdbx.dic 
# 
loop_
_database_2.database_id 
_database_2.database_code 
_database_2.pdbx_database_accession 
_database_2.pdbx_DOI 
PDB   3TZ1         pdb_00003tz1 10.2210/pdb3tz1/pdb 
RCSB  RCSB068098   ?            ?                   
WWPDB D_1000068098 ?            ?                   
# 
loop_
_pdbx_audit_revision_history.ordinal 
_pdbx_audit_revision_history.data_content_type 
_pdbx_audit_revision_history.major_revision 
_pdbx_audit_revision_history.minor_revision 
_pdbx_audit_revision_history.revision_date 
1 'Structure model' 1 0 2013-01-23 
2 'Structure model' 1 1 2024-03-20 
# 
_pdbx_audit_revision_details.ordinal             1 
_pdbx_audit_revision_details.revision_ordinal    1 
_pdbx_audit_revision_details.data_content_type   'Structure model' 
_pdbx_audit_revision_details.provider            repository 
_pdbx_audit_revision_details.type                'Initial release' 
_pdbx_audit_revision_details.description         ? 
_pdbx_audit_revision_details.details             ? 
# 
loop_
_pdbx_audit_revision_group.ordinal 
_pdbx_audit_revision_group.revision_ordinal 
_pdbx_audit_revision_group.data_content_type 
_pdbx_audit_revision_group.group 
1 2 'Structure model' 'Data collection'      
2 2 'Structure model' 'Database references'  
3 2 'Structure model' 'Derived calculations' 
# 
loop_
_pdbx_audit_revision_category.ordinal 
_pdbx_audit_revision_category.revision_ordinal 
_pdbx_audit_revision_category.data_content_type 
_pdbx_audit_revision_category.category 
1 2 'Structure model' chem_comp_atom         
2 2 'Structure model' chem_comp_bond         
3 2 'Structure model' database_2             
4 2 'Structure model' pdbx_struct_conn_angle 
5 2 'Structure model' struct_conn            
6 2 'Structure model' struct_ref_seq_dif     
7 2 'Structure model' struct_site            
# 
loop_
_pdbx_audit_revision_item.ordinal 
_pdbx_audit_revision_item.revision_ordinal 
_pdbx_audit_revision_item.data_content_type 
_pdbx_audit_revision_item.item 
1  2 'Structure model' '_database_2.pdbx_DOI'                        
2  2 'Structure model' '_database_2.pdbx_database_accession'         
3  2 'Structure model' '_pdbx_struct_conn_angle.ptnr1_auth_comp_id'  
4  2 'Structure model' '_pdbx_struct_conn_angle.ptnr1_auth_seq_id'   
5  2 'Structure model' '_pdbx_struct_conn_angle.ptnr1_label_asym_id' 
6  2 'Structure model' '_pdbx_struct_conn_angle.ptnr1_label_atom_id' 
7  2 'Structure model' '_pdbx_struct_conn_angle.ptnr1_label_comp_id' 
8  2 'Structure model' '_pdbx_struct_conn_angle.ptnr1_label_seq_id'  
9  2 'Structure model' '_pdbx_struct_conn_angle.ptnr3_auth_comp_id'  
10 2 'Structure model' '_pdbx_struct_conn_angle.ptnr3_auth_seq_id'   
11 2 'Structure model' '_pdbx_struct_conn_angle.ptnr3_label_asym_id' 
12 2 'Structure model' '_pdbx_struct_conn_angle.ptnr3_label_atom_id' 
13 2 'Structure model' '_pdbx_struct_conn_angle.ptnr3_label_comp_id' 
14 2 'Structure model' '_pdbx_struct_conn_angle.ptnr3_label_seq_id'  
15 2 'Structure model' '_pdbx_struct_conn_angle.value'               
16 2 'Structure model' '_struct_conn.pdbx_dist_value'                
17 2 'Structure model' '_struct_conn.ptnr1_auth_comp_id'             
18 2 'Structure model' '_struct_conn.ptnr1_auth_seq_id'              
19 2 'Structure model' '_struct_conn.ptnr1_label_asym_id'            
20 2 'Structure model' '_struct_conn.ptnr1_label_atom_id'            
21 2 'Structure model' '_struct_conn.ptnr1_label_comp_id'            
22 2 'Structure model' '_struct_conn.ptnr1_label_seq_id'             
23 2 'Structure model' '_struct_conn.ptnr2_auth_comp_id'             
24 2 'Structure model' '_struct_conn.ptnr2_auth_seq_id'              
25 2 'Structure model' '_struct_conn.ptnr2_label_asym_id'            
26 2 'Structure model' '_struct_conn.ptnr2_label_atom_id'            
27 2 'Structure model' '_struct_conn.ptnr2_label_comp_id'            
28 2 'Structure model' '_struct_conn.ptnr2_label_seq_id'             
29 2 'Structure model' '_struct_ref_seq_dif.details'                 
30 2 'Structure model' '_struct_site.pdbx_auth_asym_id'              
31 2 'Structure model' '_struct_site.pdbx_auth_comp_id'              
32 2 'Structure model' '_struct_site.pdbx_auth_seq_id'               
# 
_pdbx_database_status.status_code                     REL 
_pdbx_database_status.entry_id                        3TZ1 
_pdbx_database_status.recvd_initial_deposition_date   2011-09-26 
_pdbx_database_status.deposit_site                    RCSB 
_pdbx_database_status.process_site                    PDBJ 
_pdbx_database_status.status_code_sf                  REL 
_pdbx_database_status.status_code_mr                  ? 
_pdbx_database_status.SG_entry                        ? 
_pdbx_database_status.status_code_cs                  ? 
_pdbx_database_status.methods_development_category    ? 
_pdbx_database_status.pdb_format_compatible           Y 
_pdbx_database_status.status_code_nmr_data            ? 
# 
loop_
_audit_author.name 
_audit_author.pdbx_ordinal 
'Yumoto, F.'   1 
'Kato, Y.S.'   2 
'Ohtsuki, I.'  3 
'Tanokura, M.' 4 
# 
_citation.id                        primary 
_citation.title                     
'Structure of the Ca2+-saturated C-terminal domain of scallop troponin C in complex with a troponin I fragment' 
_citation.journal_abbrev            Biol.Chem. 
_citation.journal_volume            394 
_citation.page_first                55 
_citation.page_last                 68 
_citation.year                      2012 
_citation.journal_id_ASTM           ? 
_citation.country                   GE 
_citation.journal_id_ISSN           1431-6730 
_citation.journal_id_CSD            ? 
_citation.book_publisher            ? 
_citation.pdbx_database_id_PubMed   23096565 
_citation.pdbx_database_id_DOI      10.1515/hsz-2012-0152 
# 
loop_
_citation_author.citation_id 
_citation_author.name 
_citation_author.ordinal 
_citation_author.identifier_ORCID 
primary 'Kato, Y.S.'    1  ? 
primary 'Yumoto, F.'    2  ? 
primary 'Tanaka, H.'    3  ? 
primary 'Miyakawa, T.'  4  ? 
primary 'Miyauchi, Y.'  5  ? 
primary 'Takeshita, D.' 6  ? 
primary 'Sawano, Y.'    7  ? 
primary 'Ojima, T.'     8  ? 
primary 'Ohtsuki, I.'   9  ? 
primary 'Tanokura, M.'  10 ? 
# 
loop_
_entity.id 
_entity.type 
_entity.src_method 
_entity.pdbx_description 
_entity.formula_weight 
_entity.pdbx_number_of_molecules 
_entity.pdbx_ec 
_entity.pdbx_mutation 
_entity.pdbx_fragment 
_entity.details 
1 polymer     man 'Troponin C'  8527.572 1  ? ? 'C-terminal Domain, UNP residues 81-153' ? 
2 polymer     syn 'Troponin I'  2691.299 1  ? ? 'UNP residues 143-166'                   ? 
3 non-polymer syn 'CALCIUM ION' 40.078   1  ? ? ?                                        ? 
4 water       nat water         18.015   27 ? ? ?                                        ? 
# 
_entity_name_com.entity_id   2 
_entity_name_com.name        TnI 
# 
loop_
_entity_poly.entity_id 
_entity_poly.type 
_entity_poly.nstd_linkage 
_entity_poly.nstd_monomer 
_entity_poly.pdbx_seq_one_letter_code 
_entity_poly.pdbx_seq_one_letter_code_can 
_entity_poly.pdbx_strand_id 
_entity_poly.pdbx_target_identifier 
1 'polypeptide(L)' no no MEDLDERELKEAFRVLDKEKKGVIKVDVLRWILKSLGDELTEDEIENMIAETDTDGSGTVDYEEFKCLMMSSDA 
MEDLDERELKEAFRVLDKEKKGVIKVDVLRWILKSLGDELTEDEIENMIAETDTDGSGTVDYEEFKCLMMSSDA A ? 
2 'polypeptide(L)' no no GLSPEKKKMLKKLIMQKAAEDLAN                                                   GLSPEKKKMLKKLIMQKAAEDLAN B ? 
# 
loop_
_pdbx_entity_nonpoly.entity_id 
_pdbx_entity_nonpoly.name 
_pdbx_entity_nonpoly.comp_id 
3 'CALCIUM ION' CA  
4 water         HOH 
# 
loop_
_entity_poly_seq.entity_id 
_entity_poly_seq.num 
_entity_poly_seq.mon_id 
_entity_poly_seq.hetero 
1 1  MET n 
1 2  GLU n 
1 3  ASP n 
1 4  LEU n 
1 5  ASP n 
1 6  GLU n 
1 7  ARG n 
1 8  GLU n 
1 9  LEU n 
1 10 LYS n 
1 11 GLU n 
1 12 ALA n 
1 13 PHE n 
1 14 ARG n 
1 15 VAL n 
1 16 LEU n 
1 17 ASP n 
1 18 LYS n 
1 19 GLU n 
1 20 LYS n 
1 21 LYS n 
1 22 GLY n 
1 23 VAL n 
1 24 ILE n 
1 25 LYS n 
1 26 VAL n 
1 27 ASP n 
1 28 VAL n 
1 29 LEU n 
1 30 ARG n 
1 31 TRP n 
1 32 ILE n 
1 33 LEU n 
1 34 LYS n 
1 35 SER n 
1 36 LEU n 
1 37 GLY n 
1 38 ASP n 
1 39 GLU n 
1 40 LEU n 
1 41 THR n 
1 42 GLU n 
1 43 ASP n 
1 44 GLU n 
1 45 ILE n 
1 46 GLU n 
1 47 ASN n 
1 48 MET n 
1 49 ILE n 
1 50 ALA n 
1 51 GLU n 
1 52 THR n 
1 53 ASP n 
1 54 THR n 
1 55 ASP n 
1 56 GLY n 
1 57 SER n 
1 58 GLY n 
1 59 THR n 
1 60 VAL n 
1 61 ASP n 
1 62 TYR n 
1 63 GLU n 
1 64 GLU n 
1 65 PHE n 
1 66 LYS n 
1 67 CYS n 
1 68 LEU n 
1 69 MET n 
1 70 MET n 
1 71 SER n 
1 72 SER n 
1 73 ASP n 
1 74 ALA n 
2 1  GLY n 
2 2  LEU n 
2 3  SER n 
2 4  PRO n 
2 5  GLU n 
2 6  LYS n 
2 7  LYS n 
2 8  LYS n 
2 9  MET n 
2 10 LEU n 
2 11 LYS n 
2 12 LYS n 
2 13 LEU n 
2 14 ILE n 
2 15 MET n 
2 16 GLN n 
2 17 LYS n 
2 18 ALA n 
2 19 ALA n 
2 20 GLU n 
2 21 ASP n 
2 22 LEU n 
2 23 ALA n 
2 24 ASN n 
# 
_entity_src_gen.entity_id                          1 
_entity_src_gen.pdbx_src_id                        1 
_entity_src_gen.pdbx_alt_source_flag               sample 
_entity_src_gen.pdbx_seq_type                      ? 
_entity_src_gen.pdbx_beg_seq_num                   ? 
_entity_src_gen.pdbx_end_seq_num                   ? 
_entity_src_gen.gene_src_common_name               'Akazara scallop' 
_entity_src_gen.gene_src_genus                     ? 
_entity_src_gen.pdbx_gene_src_gene                 'Troponin C' 
_entity_src_gen.gene_src_species                   ? 
_entity_src_gen.gene_src_strain                    ? 
_entity_src_gen.gene_src_tissue                    ? 
_entity_src_gen.gene_src_tissue_fraction           ? 
_entity_src_gen.gene_src_details                   ? 
_entity_src_gen.pdbx_gene_src_fragment             ? 
_entity_src_gen.pdbx_gene_src_scientific_name      'Chlamys nipponensis akazara' 
_entity_src_gen.pdbx_gene_src_ncbi_taxonomy_id     6571 
_entity_src_gen.pdbx_gene_src_variant              ? 
_entity_src_gen.pdbx_gene_src_cell_line            ? 
_entity_src_gen.pdbx_gene_src_atcc                 ? 
_entity_src_gen.pdbx_gene_src_organ                ? 
_entity_src_gen.pdbx_gene_src_organelle            ? 
_entity_src_gen.pdbx_gene_src_cell                 ? 
_entity_src_gen.pdbx_gene_src_cellular_location    ? 
_entity_src_gen.host_org_common_name               ? 
_entity_src_gen.pdbx_host_org_scientific_name      'Escherichia coli' 
_entity_src_gen.pdbx_host_org_ncbi_taxonomy_id     562 
_entity_src_gen.host_org_genus                     ? 
_entity_src_gen.pdbx_host_org_gene                 ? 
_entity_src_gen.pdbx_host_org_organ                ? 
_entity_src_gen.host_org_species                   ? 
_entity_src_gen.pdbx_host_org_tissue               ? 
_entity_src_gen.pdbx_host_org_tissue_fraction      ? 
_entity_src_gen.pdbx_host_org_strain               'BL21 (DE3)' 
_entity_src_gen.pdbx_host_org_variant              ? 
_entity_src_gen.pdbx_host_org_cell_line            ? 
_entity_src_gen.pdbx_host_org_atcc                 ? 
_entity_src_gen.pdbx_host_org_culture_collection   ? 
_entity_src_gen.pdbx_host_org_cell                 ? 
_entity_src_gen.pdbx_host_org_organelle            ? 
_entity_src_gen.pdbx_host_org_cellular_location    ? 
_entity_src_gen.pdbx_host_org_vector_type          Plasmid 
_entity_src_gen.pdbx_host_org_vector               ? 
_entity_src_gen.host_org_details                   ? 
_entity_src_gen.expression_system_id               ? 
_entity_src_gen.plasmid_name                       pET16b 
_entity_src_gen.plasmid_details                    ? 
_entity_src_gen.pdbx_description                   ? 
# 
_pdbx_entity_src_syn.entity_id              2 
_pdbx_entity_src_syn.pdbx_src_id            1 
_pdbx_entity_src_syn.pdbx_alt_source_flag   sample 
_pdbx_entity_src_syn.pdbx_beg_seq_num       ? 
_pdbx_entity_src_syn.pdbx_end_seq_num       ? 
_pdbx_entity_src_syn.organism_scientific    'Chlamys nipponensis akazara' 
_pdbx_entity_src_syn.organism_common_name   'Akazara scallop' 
_pdbx_entity_src_syn.ncbi_taxonomy_id       6571 
_pdbx_entity_src_syn.details                ? 
# 
loop_
_chem_comp.id 
_chem_comp.type 
_chem_comp.mon_nstd_flag 
_chem_comp.name 
_chem_comp.pdbx_synonyms 
_chem_comp.formula 
_chem_comp.formula_weight 
ALA 'L-peptide linking' y ALANINE         ? 'C3 H7 N O2'     89.093  
ARG 'L-peptide linking' y ARGININE        ? 'C6 H15 N4 O2 1' 175.209 
ASN 'L-peptide linking' y ASPARAGINE      ? 'C4 H8 N2 O3'    132.118 
ASP 'L-peptide linking' y 'ASPARTIC ACID' ? 'C4 H7 N O4'     133.103 
CA  non-polymer         . 'CALCIUM ION'   ? 'Ca 2'           40.078  
CYS 'L-peptide linking' y CYSTEINE        ? 'C3 H7 N O2 S'   121.158 
GLN 'L-peptide linking' y GLUTAMINE       ? 'C5 H10 N2 O3'   146.144 
GLU 'L-peptide linking' y 'GLUTAMIC ACID' ? 'C5 H9 N O4'     147.129 
GLY 'peptide linking'   y GLYCINE         ? 'C2 H5 N O2'     75.067  
HOH non-polymer         . WATER           ? 'H2 O'           18.015  
ILE 'L-peptide linking' y ISOLEUCINE      ? 'C6 H13 N O2'    131.173 
LEU 'L-peptide linking' y LEUCINE         ? 'C6 H13 N O2'    131.173 
LYS 'L-peptide linking' y LYSINE          ? 'C6 H15 N2 O2 1' 147.195 
MET 'L-peptide linking' y METHIONINE      ? 'C5 H11 N O2 S'  149.211 
PHE 'L-peptide linking' y PHENYLALANINE   ? 'C9 H11 N O2'    165.189 
PRO 'L-peptide linking' y PROLINE         ? 'C5 H9 N O2'     115.130 
SER 'L-peptide linking' y SERINE          ? 'C3 H7 N O3'     105.093 
THR 'L-peptide linking' y THREONINE       ? 'C4 H9 N O3'     119.119 
TRP 'L-peptide linking' y TRYPTOPHAN      ? 'C11 H12 N2 O2'  204.225 
TYR 'L-peptide linking' y TYROSINE        ? 'C9 H11 N O3'    181.189 
VAL 'L-peptide linking' y VALINE          ? 'C5 H11 N O2'    117.146 
# 
loop_
_pdbx_poly_seq_scheme.asym_id 
_pdbx_poly_seq_scheme.entity_id 
_pdbx_poly_seq_scheme.seq_id 
_pdbx_poly_seq_scheme.mon_id 
_pdbx_poly_seq_scheme.ndb_seq_num 
_pdbx_poly_seq_scheme.pdb_seq_num 
_pdbx_poly_seq_scheme.auth_seq_num 
_pdbx_poly_seq_scheme.pdb_mon_id 
_pdbx_poly_seq_scheme.auth_mon_id 
_pdbx_poly_seq_scheme.pdb_strand_id 
_pdbx_poly_seq_scheme.pdb_ins_code 
_pdbx_poly_seq_scheme.hetero 
A 1 1  MET 1  79  ?   ?   ?   A . n 
A 1 2  GLU 2  80  ?   ?   ?   A . n 
A 1 3  ASP 3  81  ?   ?   ?   A . n 
A 1 4  LEU 4  82  82  LEU LEU A . n 
A 1 5  ASP 5  83  83  ASP ASP A . n 
A 1 6  GLU 6  84  84  GLU GLU A . n 
A 1 7  ARG 7  85  85  ARG ARG A . n 
A 1 8  GLU 8  86  86  GLU GLU A . n 
A 1 9  LEU 9  87  87  LEU LEU A . n 
A 1 10 LYS 10 88  88  LYS LYS A . n 
A 1 11 GLU 11 89  89  GLU GLU A . n 
A 1 12 ALA 12 90  90  ALA ALA A . n 
A 1 13 PHE 13 91  91  PHE PHE A . n 
A 1 14 ARG 14 92  92  ARG ARG A . n 
A 1 15 VAL 15 93  93  VAL VAL A . n 
A 1 16 LEU 16 94  94  LEU LEU A . n 
A 1 17 ASP 17 95  95  ASP ASP A . n 
A 1 18 LYS 18 96  96  LYS LYS A . n 
A 1 19 GLU 19 97  97  GLU GLU A . n 
A 1 20 LYS 20 98  98  LYS LYS A . n 
A 1 21 LYS 21 99  99  LYS LYS A . n 
A 1 22 GLY 22 100 100 GLY GLY A . n 
A 1 23 VAL 23 101 101 VAL VAL A . n 
A 1 24 ILE 24 102 102 ILE ILE A . n 
A 1 25 LYS 25 103 103 LYS LYS A . n 
A 1 26 VAL 26 104 104 VAL VAL A . n 
A 1 27 ASP 27 105 105 ASP ASP A . n 
A 1 28 VAL 28 106 106 VAL VAL A . n 
A 1 29 LEU 29 107 107 LEU LEU A . n 
A 1 30 ARG 30 108 108 ARG ARG A . n 
A 1 31 TRP 31 109 109 TRP TRP A . n 
A 1 32 ILE 32 110 110 ILE ILE A . n 
A 1 33 LEU 33 111 111 LEU LEU A . n 
A 1 34 LYS 34 112 112 LYS LYS A . n 
A 1 35 SER 35 113 113 SER SER A . n 
A 1 36 LEU 36 114 114 LEU LEU A . n 
A 1 37 GLY 37 115 115 GLY GLY A . n 
A 1 38 ASP 38 116 116 ASP ASP A . n 
A 1 39 GLU 39 117 117 GLU GLU A . n 
A 1 40 LEU 40 118 118 LEU LEU A . n 
A 1 41 THR 41 119 119 THR THR A . n 
A 1 42 GLU 42 120 120 GLU GLU A . n 
A 1 43 ASP 43 121 121 ASP ASP A . n 
A 1 44 GLU 44 122 122 GLU GLU A . n 
A 1 45 ILE 45 123 123 ILE ILE A . n 
A 1 46 GLU 46 124 124 GLU GLU A . n 
A 1 47 ASN 47 125 125 ASN ASN A . n 
A 1 48 MET 48 126 126 MET MET A . n 
A 1 49 ILE 49 127 127 ILE ILE A . n 
A 1 50 ALA 50 128 128 ALA ALA A . n 
A 1 51 GLU 51 129 129 GLU GLU A . n 
A 1 52 THR 52 130 130 THR THR A . n 
A 1 53 ASP 53 131 131 ASP ASP A . n 
A 1 54 THR 54 132 132 THR THR A . n 
A 1 55 ASP 55 133 133 ASP ASP A . n 
A 1 56 GLY 56 134 134 GLY GLY A . n 
A 1 57 SER 57 135 135 SER SER A . n 
A 1 58 GLY 58 136 136 GLY GLY A . n 
A 1 59 THR 59 137 137 THR THR A . n 
A 1 60 VAL 60 138 138 VAL VAL A . n 
A 1 61 ASP 61 139 139 ASP ASP A . n 
A 1 62 TYR 62 140 140 TYR TYR A . n 
A 1 63 GLU 63 141 141 GLU GLU A . n 
A 1 64 GLU 64 142 142 GLU GLU A . n 
A 1 65 PHE 65 143 143 PHE PHE A . n 
A 1 66 LYS 66 144 144 LYS LYS A . n 
A 1 67 CYS 67 145 145 CYS CYS A . n 
A 1 68 LEU 68 146 146 LEU LEU A . n 
A 1 69 MET 69 147 147 MET MET A . n 
A 1 70 MET 70 148 148 MET MET A . n 
A 1 71 SER 71 149 149 SER SER A . n 
A 1 72 SER 72 150 150 SER SER A . n 
A 1 73 ASP 73 151 151 ASP ASP A . n 
A 1 74 ALA 74 152 152 ALA ALA A . n 
B 2 1  GLY 1  143 143 GLY GLY B . n 
B 2 2  LEU 2  144 144 LEU LEU B . n 
B 2 3  SER 3  145 145 SER SER B . n 
B 2 4  PRO 4  146 146 PRO PRO B . n 
B 2 5  GLU 5  147 147 GLU GLU B . n 
B 2 6  LYS 6  148 148 LYS LYS B . n 
B 2 7  LYS 7  149 149 LYS LYS B . n 
B 2 8  LYS 8  150 150 LYS LYS B . n 
B 2 9  MET 9  151 151 MET MET B . n 
B 2 10 LEU 10 152 152 LEU LEU B . n 
B 2 11 LYS 11 153 153 LYS LYS B . n 
B 2 12 LYS 12 154 154 LYS LYS B . n 
B 2 13 LEU 13 155 155 LEU LEU B . n 
B 2 14 ILE 14 156 156 ILE ILE B . n 
B 2 15 MET 15 157 157 MET MET B . n 
B 2 16 GLN 16 158 158 GLN GLN B . n 
B 2 17 LYS 17 159 159 LYS LYS B . n 
B 2 18 ALA 18 160 160 ALA ALA B . n 
B 2 19 ALA 19 161 161 ALA ALA B . n 
B 2 20 GLU 20 162 162 GLU GLU B . n 
B 2 21 ASP 21 163 163 ASP ASP B . n 
B 2 22 LEU 22 164 164 LEU LEU B . n 
B 2 23 ALA 23 165 165 ALA ALA B . n 
B 2 24 ASN 24 166 166 ASN ASN B . n 
# 
loop_
_pdbx_nonpoly_scheme.asym_id 
_pdbx_nonpoly_scheme.entity_id 
_pdbx_nonpoly_scheme.mon_id 
_pdbx_nonpoly_scheme.ndb_seq_num 
_pdbx_nonpoly_scheme.pdb_seq_num 
_pdbx_nonpoly_scheme.auth_seq_num 
_pdbx_nonpoly_scheme.pdb_mon_id 
_pdbx_nonpoly_scheme.auth_mon_id 
_pdbx_nonpoly_scheme.pdb_strand_id 
_pdbx_nonpoly_scheme.pdb_ins_code 
C 3 CA  1  1   1  CA  CA  A . 
D 4 HOH 1  2   2  HOH HOH A . 
D 4 HOH 2  3   3  HOH HOH A . 
D 4 HOH 3  4   4  HOH HOH A . 
D 4 HOH 4  5   5  HOH HOH A . 
D 4 HOH 5  7   7  HOH HOH A . 
D 4 HOH 6  8   8  HOH HOH A . 
D 4 HOH 7  9   9  HOH HOH A . 
D 4 HOH 8  10  10 HOH HOH A . 
D 4 HOH 9  11  11 HOH HOH A . 
D 4 HOH 10 12  12 HOH HOH A . 
D 4 HOH 11 14  14 HOH HOH A . 
D 4 HOH 12 15  15 HOH HOH A . 
D 4 HOH 13 16  16 HOH HOH A . 
D 4 HOH 14 17  17 HOH HOH A . 
D 4 HOH 15 18  18 HOH HOH A . 
D 4 HOH 16 19  19 HOH HOH A . 
D 4 HOH 17 20  20 HOH HOH A . 
D 4 HOH 18 21  21 HOH HOH A . 
D 4 HOH 19 22  22 HOH HOH A . 
D 4 HOH 20 24  24 HOH HOH A . 
D 4 HOH 21 25  25 HOH HOH A . 
D 4 HOH 22 27  27 HOH HOH A . 
D 4 HOH 23 153 1  HOH HOH A . 
E 4 HOH 1  6   6  HOH HOH B . 
E 4 HOH 2  13  13 HOH HOH B . 
E 4 HOH 3  23  23 HOH HOH B . 
E 4 HOH 4  26  26 HOH HOH B . 
# 
loop_
_software.name 
_software.classification 
_software.version 
_software.citation_id 
_software.pdbx_ordinal 
SOLVE    phasing          .                            ? 1 
PHENIX   refinement       '(phenix.refine: 1.7.1_743)' ? 2 
HKL-2000 'data reduction' .                            ? 3 
HKL-2000 'data scaling'   .                            ? 4 
# 
_cell.entry_id           3TZ1 
_cell.length_a           32.130 
_cell.length_b           42.151 
_cell.length_c           59.966 
_cell.angle_alpha        90.00 
_cell.angle_beta         90.00 
_cell.angle_gamma        90.00 
_cell.Z_PDB              4 
_cell.pdbx_unique_axis   ? 
_cell.length_a_esd       ? 
_cell.length_b_esd       ? 
_cell.length_c_esd       ? 
_cell.angle_alpha_esd    ? 
_cell.angle_beta_esd     ? 
_cell.angle_gamma_esd    ? 
# 
_symmetry.entry_id                         3TZ1 
_symmetry.space_group_name_H-M             'P 21 21 21' 
_symmetry.pdbx_full_space_group_name_H-M   ? 
_symmetry.cell_setting                     ? 
_symmetry.Int_Tables_number                19 
_symmetry.space_group_name_Hall            ? 
# 
_exptl.entry_id          3TZ1 
_exptl.method            'X-RAY DIFFRACTION' 
_exptl.crystals_number   2 
# 
_exptl_crystal.id                    1 
_exptl_crystal.density_meas          ? 
_exptl_crystal.density_Matthews      1.81 
_exptl_crystal.density_percent_sol   32.03 
_exptl_crystal.description           ? 
_exptl_crystal.F_000                 ? 
_exptl_crystal.preparation           ? 
# 
_exptl_crystal_grow.crystal_id      1 
_exptl_crystal_grow.method          'VAPOR DIFFUSION, SITTING DROP' 
_exptl_crystal_grow.temp            293 
_exptl_crystal_grow.temp_details    ? 
_exptl_crystal_grow.pH              4.6 
_exptl_crystal_grow.pdbx_details    
'30% PEG 4000, 0.1 M sodium acetate pH 4.6 and 0.2 M ammonium acetate, VAPOR DIFFUSION, SITTING DROP, temperature 293K' 
_exptl_crystal_grow.pdbx_pH_range   . 
# 
loop_
_diffrn.id 
_diffrn.ambient_temp 
_diffrn.ambient_temp_details 
_diffrn.crystal_id 
1 95 ? 1 
2 95 ? 1 
# 
loop_
_diffrn_detector.diffrn_id 
_diffrn_detector.detector 
_diffrn_detector.type 
_diffrn_detector.pdbx_collection_date 
_diffrn_detector.details 
1 CCD 'ADSC QUANTUM 210' 2006-03-03 ? 
2 CCD 'ADSC QUANTUM 210' 2006-10-31 ? 
# 
loop_
_diffrn_radiation.diffrn_id 
_diffrn_radiation.wavelength_id 
_diffrn_radiation.pdbx_monochromatic_or_laue_m_l 
_diffrn_radiation.monochromator 
_diffrn_radiation.pdbx_diffrn_protocol 
_diffrn_radiation.pdbx_scattering_type 
1 1 M ? 'SINGLE WAVELENGTH' x-ray 
2 1 M ? MAD                 x-ray 
# 
loop_
_diffrn_radiation_wavelength.id 
_diffrn_radiation_wavelength.wavelength 
_diffrn_radiation_wavelength.wt 
1 1.000   1.0 
2 0.97854 1.0 
3 0.9791  1.0 
4 0.974   1.0 
# 
loop_
_diffrn_source.diffrn_id 
_diffrn_source.source 
_diffrn_source.type 
_diffrn_source.pdbx_synchrotron_site 
_diffrn_source.pdbx_synchrotron_beamline 
_diffrn_source.pdbx_wavelength 
_diffrn_source.pdbx_wavelength_list 
1 SYNCHROTRON 'PHOTON FACTORY BEAMLINE AR-NW12A' 'Photon Factory' AR-NW12A ? 1.000                    
2 SYNCHROTRON 'PHOTON FACTORY BEAMLINE AR-NW12A' 'Photon Factory' AR-NW12A ? '0.97854, 0.9791, 0.974' 
# 
_reflns.entry_id                     3TZ1 
_reflns.observed_criterion_sigma_I   -3 
_reflns.observed_criterion_sigma_F   ? 
_reflns.d_resolution_low             50 
_reflns.d_resolution_high            1.8 
_reflns.number_obs                   8036 
_reflns.number_all                   8076 
_reflns.percent_possible_obs         99.5 
_reflns.pdbx_Rmerge_I_obs            0.053 
_reflns.pdbx_Rsym_value              0.053 
_reflns.pdbx_netI_over_sigmaI        ? 
_reflns.B_iso_Wilson_estimate        24.870 
_reflns.pdbx_redundancy              3.8 
_reflns.R_free_details               ? 
_reflns.limit_h_max                  ? 
_reflns.limit_h_min                  ? 
_reflns.limit_k_max                  ? 
_reflns.limit_k_min                  ? 
_reflns.limit_l_max                  ? 
_reflns.limit_l_min                  ? 
_reflns.observed_criterion_F_max     ? 
_reflns.observed_criterion_F_min     ? 
_reflns.pdbx_chi_squared             ? 
_reflns.pdbx_scaling_rejects         ? 
_reflns.pdbx_ordinal                 1 
_reflns.pdbx_diffrn_id               1,2 
# 
_reflns_shell.d_res_high                  1.80 
_reflns_shell.d_res_low                   1.86 
_reflns_shell.percent_possible_all        97.8 
_reflns_shell.Rmerge_I_obs                ? 
_reflns_shell.pdbx_Rsym_value             0.266 
_reflns_shell.meanI_over_sigI_obs         5.5 
_reflns_shell.pdbx_redundancy             3.3 
_reflns_shell.percent_possible_obs        ? 
_reflns_shell.number_unique_all           ? 
_reflns_shell.number_measured_all         ? 
_reflns_shell.number_measured_obs         ? 
_reflns_shell.number_unique_obs           ? 
_reflns_shell.pdbx_chi_squared            ? 
_reflns_shell.pdbx_rejects                ? 
_reflns_shell.pdbx_netI_over_sigmaI_obs   ? 
_reflns_shell.number_possible             ? 
_reflns_shell.Rmerge_F_all                ? 
_reflns_shell.Rmerge_F_obs                ? 
_reflns_shell.Rmerge_I_all                ? 
_reflns_shell.meanI_over_sigI_all         ? 
_reflns_shell.pdbx_Rrim_I_all             ? 
_reflns_shell.pdbx_Rpim_I_all             ? 
_reflns_shell.pdbx_ordinal                1 
_reflns_shell.pdbx_diffrn_id              1,2 
# 
_refine.entry_id                                 3TZ1 
_refine.ls_number_reflns_obs                     7950 
_refine.ls_number_reflns_all                     7950 
_refine.pdbx_ls_sigma_I                          ? 
_refine.pdbx_ls_sigma_F                          1.38 
_refine.pdbx_data_cutoff_high_absF               ? 
_refine.pdbx_data_cutoff_low_absF                ? 
_refine.pdbx_data_cutoff_high_rms_absF           ? 
_refine.ls_d_res_low                             28.321 
_refine.ls_d_res_high                            1.80 
_refine.ls_percent_reflns_obs                    99.35 
_refine.ls_R_factor_obs                          0.2047 
_refine.ls_R_factor_all                          ? 
_refine.ls_R_factor_R_work                       0.2030 
_refine.ls_R_factor_R_free                       0.2367 
_refine.ls_R_factor_R_free_error                 ? 
_refine.ls_R_factor_R_free_error_details         ? 
_refine.ls_percent_reflns_R_free                 4.63 
_refine.ls_number_reflns_R_free                  368 
_refine.ls_number_parameters                     ? 
_refine.ls_number_restraints                     ? 
_refine.correlation_coeff_Fo_to_Fc               ? 
_refine.correlation_coeff_Fo_to_Fc_free          ? 
_refine.B_iso_mean                               32.3004 
_refine.aniso_B[1][1]                            6.7015 
_refine.aniso_B[2][2]                            -10.2534 
_refine.aniso_B[3][3]                            3.5519 
_refine.aniso_B[1][2]                            -0.0000 
_refine.aniso_B[1][3]                            0.0000 
_refine.aniso_B[2][3]                            -0.0000 
_refine.solvent_model_details                    'FLAT BULK SOLVENT MODEL' 
_refine.solvent_model_param_ksol                 0.437 
_refine.solvent_model_param_bsol                 55.343 
_refine.pdbx_solvent_vdw_probe_radii             1.00 
_refine.pdbx_solvent_ion_probe_radii             ? 
_refine.pdbx_solvent_shrinkage_radii             0.72 
_refine.pdbx_ls_cross_valid_method               ? 
_refine.details                                  ? 
_refine.pdbx_starting_model                      ? 
_refine.pdbx_method_to_determine_struct          MAD 
_refine.pdbx_isotropic_thermal_model             ? 
_refine.pdbx_stereochemistry_target_values       ML 
_refine.pdbx_stereochem_target_val_spec_case     ? 
_refine.pdbx_R_Free_selection_details            random 
_refine.pdbx_overall_ESU_R_Free                  ? 
_refine.overall_SU_ML                            0.33 
_refine.pdbx_overall_phase_error                 23.95 
_refine.overall_SU_B                             ? 
_refine.overall_SU_R_Cruickshank_DPI             ? 
_refine.ls_redundancy_reflns_obs                 ? 
_refine.overall_SU_R_free                        ? 
_refine.ls_wR_factor_R_free                      ? 
_refine.ls_wR_factor_R_work                      ? 
_refine.overall_FOM_work_R_set                   0.8166 
_refine.B_iso_max                                102.200 
_refine.B_iso_min                                14.700 
_refine.occupancy_max                            1.000 
_refine.occupancy_min                            1.000 
_refine.pdbx_diffrn_id                           1,2 
_refine.pdbx_refine_id                           'X-RAY DIFFRACTION' 
_refine.overall_FOM_free_R_set                   ? 
_refine.pdbx_overall_ESU_R                       ? 
_refine.pdbx_TLS_residual_ADP_flag               ? 
_refine.pdbx_overall_SU_R_free_Cruickshank_DPI   ? 
_refine.pdbx_overall_SU_R_Blow_DPI               ? 
_refine.pdbx_overall_SU_R_free_Blow_DPI          ? 
# 
_refine_hist.pdbx_refine_id                   'X-RAY DIFFRACTION' 
_refine_hist.cycle_id                         LAST 
_refine_hist.pdbx_number_atoms_protein        752 
_refine_hist.pdbx_number_atoms_nucleic_acid   0 
_refine_hist.pdbx_number_atoms_ligand         1 
_refine_hist.number_atoms_solvent             27 
_refine_hist.number_atoms_total               780 
_refine_hist.d_res_high                       1.80 
_refine_hist.d_res_low                        28.321 
# 
loop_
_refine_ls_restr.type 
_refine_ls_restr.dev_ideal 
_refine_ls_restr.dev_ideal_target 
_refine_ls_restr.weight 
_refine_ls_restr.number 
_refine_ls_restr.pdbx_restraint_function 
_refine_ls_restr.pdbx_refine_id 
f_bond_d           0.005  ? ? 756  ? 'X-RAY DIFFRACTION' 
f_angle_d          0.978  ? ? 1006 ? 'X-RAY DIFFRACTION' 
f_dihedral_angle_d 13.852 ? ? 302  ? 'X-RAY DIFFRACTION' 
f_chiral_restr     0.082  ? ? 116  ? 'X-RAY DIFFRACTION' 
f_plane_restr      0.005  ? ? 127  ? 'X-RAY DIFFRACTION' 
# 
loop_
_refine_ls_shell.pdbx_refine_id 
_refine_ls_shell.pdbx_total_number_of_bins_used 
_refine_ls_shell.d_res_high 
_refine_ls_shell.d_res_low 
_refine_ls_shell.number_reflns_R_work 
_refine_ls_shell.R_factor_R_work 
_refine_ls_shell.percent_reflns_obs 
_refine_ls_shell.R_factor_R_free 
_refine_ls_shell.R_factor_R_free_error 
_refine_ls_shell.percent_reflns_R_free 
_refine_ls_shell.number_reflns_R_free 
_refine_ls_shell.number_reflns_all 
_refine_ls_shell.R_factor_all 
_refine_ls_shell.number_reflns_obs 
_refine_ls_shell.redundancy_reflns_obs 
'X-RAY DIFFRACTION' 3 1.7987 2.0589  2481 0.2078 99.00  0.2772 . . 110 . . . . 
'X-RAY DIFFRACTION' 3 2.0589 2.5937  2516 0.1797 100.00 0.2773 . . 110 . . . . 
'X-RAY DIFFRACTION' 3 2.5937 28.3244 2585 0.2115 99.00  0.2200 . . 148 . . . . 
# 
_struct.entry_id                  3TZ1 
_struct.title                     
'Crystal structure of the Ca2+-saturated C-terminal domain of Akazara scallop troponin C in complex with a troponin I fragment' 
_struct.pdbx_model_details        ? 
_struct.pdbx_CASP_flag            ? 
_struct.pdbx_model_type_details   ? 
# 
_struct_keywords.entry_id        3TZ1 
_struct_keywords.pdbx_keywords   'CONTRACTILE PROTEIN' 
_struct_keywords.text            'protein-peptide complex, EF hand, Ca2+-sensor, CONTRACTILE PROTEIN' 
# 
loop_
_struct_asym.id 
_struct_asym.pdbx_blank_PDB_chainid_flag 
_struct_asym.pdbx_modified 
_struct_asym.entity_id 
_struct_asym.details 
A N N 1 ? 
B N N 2 ? 
C N N 3 ? 
D N N 4 ? 
E N N 4 ? 
# 
loop_
_struct_ref.id 
_struct_ref.db_name 
_struct_ref.db_code 
_struct_ref.pdbx_db_accession 
_struct_ref.entity_id 
_struct_ref.pdbx_seq_one_letter_code 
_struct_ref.pdbx_align_begin 
_struct_ref.pdbx_db_isoform 
1 UNP Q27428_CHLNI Q27428 1 EDLDERELKEAFRVLDKEKKGVIKVDVLRWILKSLGDELTEDEIENMIAETDTDGSGTVDYEEFKCLMMSSDA 81  ? 
2 UNP TNNI_CHLNI   Q7M3Y3 2 GLSPEKKKMLKKLIMQKAAEDLAN                                                  143 ? 
# 
loop_
_struct_ref_seq.align_id 
_struct_ref_seq.ref_id 
_struct_ref_seq.pdbx_PDB_id_code 
_struct_ref_seq.pdbx_strand_id 
_struct_ref_seq.seq_align_beg 
_struct_ref_seq.pdbx_seq_align_beg_ins_code 
_struct_ref_seq.seq_align_end 
_struct_ref_seq.pdbx_seq_align_end_ins_code 
_struct_ref_seq.pdbx_db_accession 
_struct_ref_seq.db_align_beg 
_struct_ref_seq.pdbx_db_align_beg_ins_code 
_struct_ref_seq.db_align_end 
_struct_ref_seq.pdbx_db_align_end_ins_code 
_struct_ref_seq.pdbx_auth_seq_align_beg 
_struct_ref_seq.pdbx_auth_seq_align_end 
1 1 3TZ1 A 2 ? 74 ? Q27428 81  ? 153 ? 80  152 
2 2 3TZ1 B 1 ? 24 ? Q7M3Y3 143 ? 166 ? 143 166 
# 
_struct_ref_seq_dif.align_id                     1 
_struct_ref_seq_dif.pdbx_pdb_id_code             3TZ1 
_struct_ref_seq_dif.mon_id                       MET 
_struct_ref_seq_dif.pdbx_pdb_strand_id           A 
_struct_ref_seq_dif.seq_num                      1 
_struct_ref_seq_dif.pdbx_pdb_ins_code            ? 
_struct_ref_seq_dif.pdbx_seq_db_name             UNP 
_struct_ref_seq_dif.pdbx_seq_db_accession_code   Q27428 
_struct_ref_seq_dif.db_mon_id                    ? 
_struct_ref_seq_dif.pdbx_seq_db_seq_num          ? 
_struct_ref_seq_dif.details                      'expression tag' 
_struct_ref_seq_dif.pdbx_auth_seq_num            79 
_struct_ref_seq_dif.pdbx_ordinal                 1 
# 
_pdbx_struct_assembly.id                   1 
_pdbx_struct_assembly.details              author_and_software_defined_assembly 
_pdbx_struct_assembly.method_details       PISA 
_pdbx_struct_assembly.oligomeric_details   dimeric 
_pdbx_struct_assembly.oligomeric_count     2 
# 
loop_
_pdbx_struct_assembly_prop.biol_id 
_pdbx_struct_assembly_prop.type 
_pdbx_struct_assembly_prop.value 
_pdbx_struct_assembly_prop.details 
1 'ABSA (A^2)' 1870 ? 
1 MORE         -30  ? 
1 'SSA (A^2)'  6090 ? 
# 
_pdbx_struct_assembly_gen.assembly_id       1 
_pdbx_struct_assembly_gen.oper_expression   1 
_pdbx_struct_assembly_gen.asym_id_list      A,B,C,D,E 
# 
_pdbx_struct_oper_list.id                   1 
_pdbx_struct_oper_list.type                 'identity operation' 
_pdbx_struct_oper_list.name                 1_555 
_pdbx_struct_oper_list.symmetry_operation   x,y,z 
_pdbx_struct_oper_list.matrix[1][1]         1.0000000000 
_pdbx_struct_oper_list.matrix[1][2]         0.0000000000 
_pdbx_struct_oper_list.matrix[1][3]         0.0000000000 
_pdbx_struct_oper_list.vector[1]            0.0000000000 
_pdbx_struct_oper_list.matrix[2][1]         0.0000000000 
_pdbx_struct_oper_list.matrix[2][2]         1.0000000000 
_pdbx_struct_oper_list.matrix[2][3]         0.0000000000 
_pdbx_struct_oper_list.vector[2]            0.0000000000 
_pdbx_struct_oper_list.matrix[3][1]         0.0000000000 
_pdbx_struct_oper_list.matrix[3][2]         0.0000000000 
_pdbx_struct_oper_list.matrix[3][3]         1.0000000000 
_pdbx_struct_oper_list.vector[3]            0.0000000000 
# 
_struct_biol.id        1 
_struct_biol.details   ? 
# 
loop_
_struct_conf.conf_type_id 
_struct_conf.id 
_struct_conf.pdbx_PDB_helix_id 
_struct_conf.beg_label_comp_id 
_struct_conf.beg_label_asym_id 
_struct_conf.beg_label_seq_id 
_struct_conf.pdbx_beg_PDB_ins_code 
_struct_conf.end_label_comp_id 
_struct_conf.end_label_asym_id 
_struct_conf.end_label_seq_id 
_struct_conf.pdbx_end_PDB_ins_code 
_struct_conf.beg_auth_comp_id 
_struct_conf.beg_auth_asym_id 
_struct_conf.beg_auth_seq_id 
_struct_conf.end_auth_comp_id 
_struct_conf.end_auth_asym_id 
_struct_conf.end_auth_seq_id 
_struct_conf.pdbx_PDB_helix_class 
_struct_conf.details 
_struct_conf.pdbx_PDB_helix_length 
HELX_P HELX_P1 1 ASP A 5  ? ASP A 17 ? ASP A 83  ASP A 95  1 ? 13 
HELX_P HELX_P2 2 VAL A 26 ? GLY A 37 ? VAL A 104 GLY A 115 1 ? 12 
HELX_P HELX_P3 3 THR A 41 ? ASP A 53 ? THR A 119 ASP A 131 1 ? 13 
HELX_P HELX_P4 4 ASP A 61 ? SER A 71 ? ASP A 139 SER A 149 1 ? 11 
HELX_P HELX_P5 5 SER B 3  ? ALA B 23 ? SER B 145 ALA B 165 1 ? 21 
# 
_struct_conf_type.id          HELX_P 
_struct_conf_type.criteria    ? 
_struct_conf_type.reference   ? 
# 
loop_
_struct_conn.id 
_struct_conn.conn_type_id 
_struct_conn.pdbx_leaving_atom_flag 
_struct_conn.pdbx_PDB_id 
_struct_conn.ptnr1_label_asym_id 
_struct_conn.ptnr1_label_comp_id 
_struct_conn.ptnr1_label_seq_id 
_struct_conn.ptnr1_label_atom_id 
_struct_conn.pdbx_ptnr1_label_alt_id 
_struct_conn.pdbx_ptnr1_PDB_ins_code 
_struct_conn.pdbx_ptnr1_standard_comp_id 
_struct_conn.ptnr1_symmetry 
_struct_conn.ptnr2_label_asym_id 
_struct_conn.ptnr2_label_comp_id 
_struct_conn.ptnr2_label_seq_id 
_struct_conn.ptnr2_label_atom_id 
_struct_conn.pdbx_ptnr2_label_alt_id 
_struct_conn.pdbx_ptnr2_PDB_ins_code 
_struct_conn.ptnr1_auth_asym_id 
_struct_conn.ptnr1_auth_comp_id 
_struct_conn.ptnr1_auth_seq_id 
_struct_conn.ptnr2_auth_asym_id 
_struct_conn.ptnr2_auth_comp_id 
_struct_conn.ptnr2_auth_seq_id 
_struct_conn.ptnr2_symmetry 
_struct_conn.pdbx_ptnr3_label_atom_id 
_struct_conn.pdbx_ptnr3_label_seq_id 
_struct_conn.pdbx_ptnr3_label_comp_id 
_struct_conn.pdbx_ptnr3_label_asym_id 
_struct_conn.pdbx_ptnr3_label_alt_id 
_struct_conn.pdbx_ptnr3_PDB_ins_code 
_struct_conn.details 
_struct_conn.pdbx_dist_value 
_struct_conn.pdbx_value_order 
_struct_conn.pdbx_role 
metalc1 metalc ? ? C CA . CA ? ? ? 1_555 D HOH .  O   ? ? A CA 1 A HOH 12  1_555 ? ? ? ? ? ? ? 2.629 ? ? 
metalc2 metalc ? ? C CA . CA ? ? ? 1_555 A ASP 53 OD1 ? ? A CA 1 A ASP 131 1_555 ? ? ? ? ? ? ? 2.338 ? ? 
metalc3 metalc ? ? C CA . CA ? ? ? 1_555 A ASP 55 OD1 ? ? A CA 1 A ASP 133 1_555 ? ? ? ? ? ? ? 2.330 ? ? 
metalc4 metalc ? ? C CA . CA ? ? ? 1_555 A SER 57 OG  ? ? A CA 1 A SER 135 1_555 ? ? ? ? ? ? ? 2.689 ? ? 
metalc5 metalc ? ? C CA . CA ? ? ? 1_555 A THR 59 O   ? ? A CA 1 A THR 137 1_555 ? ? ? ? ? ? ? 2.349 ? ? 
metalc6 metalc ? ? C CA . CA ? ? ? 1_555 A GLU 64 OE2 ? ? A CA 1 A GLU 142 1_555 ? ? ? ? ? ? ? 2.583 ? ? 
metalc7 metalc ? ? C CA . CA ? ? ? 1_555 A GLU 64 OE1 ? ? A CA 1 A GLU 142 1_555 ? ? ? ? ? ? ? 2.585 ? ? 
# 
_struct_conn_type.id          metalc 
_struct_conn_type.criteria    ? 
_struct_conn_type.reference   ? 
# 
loop_
_pdbx_struct_conn_angle.id 
_pdbx_struct_conn_angle.ptnr1_label_atom_id 
_pdbx_struct_conn_angle.ptnr1_label_alt_id 
_pdbx_struct_conn_angle.ptnr1_label_asym_id 
_pdbx_struct_conn_angle.ptnr1_label_comp_id 
_pdbx_struct_conn_angle.ptnr1_label_seq_id 
_pdbx_struct_conn_angle.ptnr1_auth_atom_id 
_pdbx_struct_conn_angle.ptnr1_auth_asym_id 
_pdbx_struct_conn_angle.ptnr1_auth_comp_id 
_pdbx_struct_conn_angle.ptnr1_auth_seq_id 
_pdbx_struct_conn_angle.ptnr1_PDB_ins_code 
_pdbx_struct_conn_angle.ptnr1_symmetry 
_pdbx_struct_conn_angle.ptnr2_label_atom_id 
_pdbx_struct_conn_angle.ptnr2_label_alt_id 
_pdbx_struct_conn_angle.ptnr2_label_asym_id 
_pdbx_struct_conn_angle.ptnr2_label_comp_id 
_pdbx_struct_conn_angle.ptnr2_label_seq_id 
_pdbx_struct_conn_angle.ptnr2_auth_atom_id 
_pdbx_struct_conn_angle.ptnr2_auth_asym_id 
_pdbx_struct_conn_angle.ptnr2_auth_comp_id 
_pdbx_struct_conn_angle.ptnr2_auth_seq_id 
_pdbx_struct_conn_angle.ptnr2_PDB_ins_code 
_pdbx_struct_conn_angle.ptnr2_symmetry 
_pdbx_struct_conn_angle.ptnr3_label_atom_id 
_pdbx_struct_conn_angle.ptnr3_label_alt_id 
_pdbx_struct_conn_angle.ptnr3_label_asym_id 
_pdbx_struct_conn_angle.ptnr3_label_comp_id 
_pdbx_struct_conn_angle.ptnr3_label_seq_id 
_pdbx_struct_conn_angle.ptnr3_auth_atom_id 
_pdbx_struct_conn_angle.ptnr3_auth_asym_id 
_pdbx_struct_conn_angle.ptnr3_auth_comp_id 
_pdbx_struct_conn_angle.ptnr3_auth_seq_id 
_pdbx_struct_conn_angle.ptnr3_PDB_ins_code 
_pdbx_struct_conn_angle.ptnr3_symmetry 
_pdbx_struct_conn_angle.value 
_pdbx_struct_conn_angle.value_esd 
1  O   ? D HOH .  ? A HOH 12  ? 1_555 CA ? C CA . ? A CA 1 ? 1_555 OD1 ? A ASP 53 ? A ASP 131 ? 1_555 172.0 ? 
2  O   ? D HOH .  ? A HOH 12  ? 1_555 CA ? C CA . ? A CA 1 ? 1_555 OD1 ? A ASP 55 ? A ASP 133 ? 1_555 94.4  ? 
3  OD1 ? A ASP 53 ? A ASP 131 ? 1_555 CA ? C CA . ? A CA 1 ? 1_555 OD1 ? A ASP 55 ? A ASP 133 ? 1_555 81.3  ? 
4  O   ? D HOH .  ? A HOH 12  ? 1_555 CA ? C CA . ? A CA 1 ? 1_555 OG  ? A SER 57 ? A SER 135 ? 1_555 81.9  ? 
5  OD1 ? A ASP 53 ? A ASP 131 ? 1_555 CA ? C CA . ? A CA 1 ? 1_555 OG  ? A SER 57 ? A SER 135 ? 1_555 90.6  ? 
6  OD1 ? A ASP 55 ? A ASP 133 ? 1_555 CA ? C CA . ? A CA 1 ? 1_555 OG  ? A SER 57 ? A SER 135 ? 1_555 78.8  ? 
7  O   ? D HOH .  ? A HOH 12  ? 1_555 CA ? C CA . ? A CA 1 ? 1_555 O   ? A THR 59 ? A THR 137 ? 1_555 98.1  ? 
8  OD1 ? A ASP 53 ? A ASP 131 ? 1_555 CA ? C CA . ? A CA 1 ? 1_555 O   ? A THR 59 ? A THR 137 ? 1_555 82.5  ? 
9  OD1 ? A ASP 55 ? A ASP 133 ? 1_555 CA ? C CA . ? A CA 1 ? 1_555 O   ? A THR 59 ? A THR 137 ? 1_555 149.1 ? 
10 OG  ? A SER 57 ? A SER 135 ? 1_555 CA ? C CA . ? A CA 1 ? 1_555 O   ? A THR 59 ? A THR 137 ? 1_555 75.2  ? 
11 O   ? D HOH .  ? A HOH 12  ? 1_555 CA ? C CA . ? A CA 1 ? 1_555 OE2 ? A GLU 64 ? A GLU 142 ? 1_555 91.6  ? 
12 OD1 ? A ASP 53 ? A ASP 131 ? 1_555 CA ? C CA . ? A CA 1 ? 1_555 OE2 ? A GLU 64 ? A GLU 142 ? 1_555 94.5  ? 
13 OD1 ? A ASP 55 ? A ASP 133 ? 1_555 CA ? C CA . ? A CA 1 ? 1_555 OE2 ? A GLU 64 ? A GLU 142 ? 1_555 81.2  ? 
14 OG  ? A SER 57 ? A SER 135 ? 1_555 CA ? C CA . ? A CA 1 ? 1_555 OE2 ? A GLU 64 ? A GLU 142 ? 1_555 158.3 ? 
15 O   ? A THR 59 ? A THR 137 ? 1_555 CA ? C CA . ? A CA 1 ? 1_555 OE2 ? A GLU 64 ? A GLU 142 ? 1_555 126.3 ? 
16 O   ? D HOH .  ? A HOH 12  ? 1_555 CA ? C CA . ? A CA 1 ? 1_555 OE1 ? A GLU 64 ? A GLU 142 ? 1_555 81.8  ? 
17 OD1 ? A ASP 53 ? A ASP 131 ? 1_555 CA ? C CA . ? A CA 1 ? 1_555 OE1 ? A GLU 64 ? A GLU 142 ? 1_555 106.1 ? 
18 OD1 ? A ASP 55 ? A ASP 133 ? 1_555 CA ? C CA . ? A CA 1 ? 1_555 OE1 ? A GLU 64 ? A GLU 142 ? 1_555 131.2 ? 
19 OG  ? A SER 57 ? A SER 135 ? 1_555 CA ? C CA . ? A CA 1 ? 1_555 OE1 ? A GLU 64 ? A GLU 142 ? 1_555 146.8 ? 
20 O   ? A THR 59 ? A THR 137 ? 1_555 CA ? C CA . ? A CA 1 ? 1_555 OE1 ? A GLU 64 ? A GLU 142 ? 1_555 78.7  ? 
21 OE2 ? A GLU 64 ? A GLU 142 ? 1_555 CA ? C CA . ? A CA 1 ? 1_555 OE1 ? A GLU 64 ? A GLU 142 ? 1_555 50.5  ? 
# 
_struct_sheet.id               A 
_struct_sheet.type             ? 
_struct_sheet.number_strands   2 
_struct_sheet.details          ? 
# 
_struct_sheet_order.sheet_id     A 
_struct_sheet_order.range_id_1   1 
_struct_sheet_order.range_id_2   2 
_struct_sheet_order.offset       ? 
_struct_sheet_order.sense        anti-parallel 
# 
loop_
_struct_sheet_range.sheet_id 
_struct_sheet_range.id 
_struct_sheet_range.beg_label_comp_id 
_struct_sheet_range.beg_label_asym_id 
_struct_sheet_range.beg_label_seq_id 
_struct_sheet_range.pdbx_beg_PDB_ins_code 
_struct_sheet_range.end_label_comp_id 
_struct_sheet_range.end_label_asym_id 
_struct_sheet_range.end_label_seq_id 
_struct_sheet_range.pdbx_end_PDB_ins_code 
_struct_sheet_range.beg_auth_comp_id 
_struct_sheet_range.beg_auth_asym_id 
_struct_sheet_range.beg_auth_seq_id 
_struct_sheet_range.end_auth_comp_id 
_struct_sheet_range.end_auth_asym_id 
_struct_sheet_range.end_auth_seq_id 
A 1 ILE A 24 ? LYS A 25 ? ILE A 102 LYS A 103 
A 2 THR A 59 ? VAL A 60 ? THR A 137 VAL A 138 
# 
_pdbx_struct_sheet_hbond.sheet_id                A 
_pdbx_struct_sheet_hbond.range_id_1              1 
_pdbx_struct_sheet_hbond.range_id_2              2 
_pdbx_struct_sheet_hbond.range_1_label_atom_id   N 
_pdbx_struct_sheet_hbond.range_1_label_comp_id   ILE 
_pdbx_struct_sheet_hbond.range_1_label_asym_id   A 
_pdbx_struct_sheet_hbond.range_1_label_seq_id    24 
_pdbx_struct_sheet_hbond.range_1_PDB_ins_code    ? 
_pdbx_struct_sheet_hbond.range_1_auth_atom_id    N 
_pdbx_struct_sheet_hbond.range_1_auth_comp_id    ILE 
_pdbx_struct_sheet_hbond.range_1_auth_asym_id    A 
_pdbx_struct_sheet_hbond.range_1_auth_seq_id     102 
_pdbx_struct_sheet_hbond.range_2_label_atom_id   O 
_pdbx_struct_sheet_hbond.range_2_label_comp_id   VAL 
_pdbx_struct_sheet_hbond.range_2_label_asym_id   A 
_pdbx_struct_sheet_hbond.range_2_label_seq_id    60 
_pdbx_struct_sheet_hbond.range_2_PDB_ins_code    ? 
_pdbx_struct_sheet_hbond.range_2_auth_atom_id    O 
_pdbx_struct_sheet_hbond.range_2_auth_comp_id    VAL 
_pdbx_struct_sheet_hbond.range_2_auth_asym_id    A 
_pdbx_struct_sheet_hbond.range_2_auth_seq_id     138 
# 
_struct_site.id                   AC1 
_struct_site.pdbx_evidence_code   Software 
_struct_site.pdbx_auth_asym_id    A 
_struct_site.pdbx_auth_comp_id    CA 
_struct_site.pdbx_auth_seq_id     1 
_struct_site.pdbx_auth_ins_code   ? 
_struct_site.pdbx_num_residues    6 
_struct_site.details              'BINDING SITE FOR RESIDUE CA A 1' 
# 
loop_
_struct_site_gen.id 
_struct_site_gen.site_id 
_struct_site_gen.pdbx_num_res 
_struct_site_gen.label_comp_id 
_struct_site_gen.label_asym_id 
_struct_site_gen.label_seq_id 
_struct_site_gen.pdbx_auth_ins_code 
_struct_site_gen.auth_comp_id 
_struct_site_gen.auth_asym_id 
_struct_site_gen.auth_seq_id 
_struct_site_gen.label_atom_id 
_struct_site_gen.label_alt_id 
_struct_site_gen.symmetry 
_struct_site_gen.details 
1 AC1 6 HOH D .  ? HOH A 12  . ? 1_555 ? 
2 AC1 6 ASP A 53 ? ASP A 131 . ? 1_555 ? 
3 AC1 6 ASP A 55 ? ASP A 133 . ? 1_555 ? 
4 AC1 6 SER A 57 ? SER A 135 . ? 1_555 ? 
5 AC1 6 THR A 59 ? THR A 137 . ? 1_555 ? 
6 AC1 6 GLU A 64 ? GLU A 142 . ? 1_555 ? 
# 
loop_
_pdbx_refine_tls.pdbx_refine_id 
_pdbx_refine_tls.id 
_pdbx_refine_tls.details 
_pdbx_refine_tls.method 
_pdbx_refine_tls.origin_x 
_pdbx_refine_tls.origin_y 
_pdbx_refine_tls.origin_z 
_pdbx_refine_tls.T[1][1] 
_pdbx_refine_tls.T[2][2] 
_pdbx_refine_tls.T[3][3] 
_pdbx_refine_tls.T[1][2] 
_pdbx_refine_tls.T[1][3] 
_pdbx_refine_tls.T[2][3] 
_pdbx_refine_tls.L[1][1] 
_pdbx_refine_tls.L[2][2] 
_pdbx_refine_tls.L[3][3] 
_pdbx_refine_tls.L[1][2] 
_pdbx_refine_tls.L[1][3] 
_pdbx_refine_tls.L[2][3] 
_pdbx_refine_tls.S[1][1] 
_pdbx_refine_tls.S[1][2] 
_pdbx_refine_tls.S[1][3] 
_pdbx_refine_tls.S[2][1] 
_pdbx_refine_tls.S[2][2] 
_pdbx_refine_tls.S[2][3] 
_pdbx_refine_tls.S[3][1] 
_pdbx_refine_tls.S[3][2] 
_pdbx_refine_tls.S[3][3] 
'X-RAY DIFFRACTION' 1 ? refined 5.5596  6.0297  7.0756  0.2588 0.2397 0.2051 0.0183  -0.0094 0.0016  0.1352 0.4836 0.0955 -0.0968 0.0668  -0.1139 -0.1181 -0.1636 0.0358  0.2779  0.0844  -0.4243 -0.0123 0.1585  -0.0774 
'X-RAY DIFFRACTION' 2 ? refined -7.6496 -2.0174 -2.5692 0.1833 0.2058 0.2636 -0.0019 -0.0282 -0.0111 0.7177 0.4370 0.3535 -0.2437 -0.0033 -0.1141 0.1402  0.2782  -0.1543 -0.0560 -0.1237 0.3006  0.3822  -0.1046 -0.0466 
'X-RAY DIFFRACTION' 3 ? refined 5.1096  -5.4920 3.0282  0.2128 0.2338 0.2565 0.0237  -0.0395 0.0401  0.3346 0.9197 0.9319 0.4945  0.3838  0.2882  0.1375  0.0557  -0.6934 0.1116  0.0986  -0.5255 0.5218  0.4214  0.1585  
'X-RAY DIFFRACTION' 4 ? refined 0.4706  3.5787  -5.2058 0.2015 0.1713 0.1922 0.0079  0.0361  -0.0037 0.5997 0.0472 0.4793 0.1734  -0.0353 0.0401  0.0581  0.1288  -0.0368 -0.3167 0.0747  -0.0131 0.0097  -0.0038 -0.0601  
# 
loop_
_pdbx_refine_tls_group.pdbx_refine_id 
_pdbx_refine_tls_group.id 
_pdbx_refine_tls_group.refine_tls_id 
_pdbx_refine_tls_group.beg_auth_asym_id 
_pdbx_refine_tls_group.beg_auth_seq_id 
_pdbx_refine_tls_group.end_auth_asym_id 
_pdbx_refine_tls_group.end_auth_seq_id 
_pdbx_refine_tls_group.selection_details 
_pdbx_refine_tls_group.beg_label_asym_id 
_pdbx_refine_tls_group.beg_label_seq_id 
_pdbx_refine_tls_group.end_label_asym_id 
_pdbx_refine_tls_group.end_label_seq_id 
_pdbx_refine_tls_group.selection 
'X-RAY DIFFRACTION' 1 1 A 82  A 100 
;chain 'A' and (resseq 82:100)
;
? ? ? ? ? 
'X-RAY DIFFRACTION' 2 2 A 101 A 130 
;chain 'A' and (resseq 101:130)
;
? ? ? ? ? 
'X-RAY DIFFRACTION' 3 3 A 131 A 152 
;chain 'A' and (resseq 131:152)
;
? ? ? ? ? 
'X-RAY DIFFRACTION' 4 4 B 143 B 166 
;chain 'B'
;
? ? ? ? ? 
# 
loop_
_pdbx_unobs_or_zero_occ_residues.id 
_pdbx_unobs_or_zero_occ_residues.PDB_model_num 
_pdbx_unobs_or_zero_occ_residues.polymer_flag 
_pdbx_unobs_or_zero_occ_residues.occupancy_flag 
_pdbx_unobs_or_zero_occ_residues.auth_asym_id 
_pdbx_unobs_or_zero_occ_residues.auth_comp_id 
_pdbx_unobs_or_zero_occ_residues.auth_seq_id 
_pdbx_unobs_or_zero_occ_residues.PDB_ins_code 
_pdbx_unobs_or_zero_occ_residues.label_asym_id 
_pdbx_unobs_or_zero_occ_residues.label_comp_id 
_pdbx_unobs_or_zero_occ_residues.label_seq_id 
1 1 Y 1 A MET 79 ? A MET 1 
2 1 Y 1 A GLU 80 ? A GLU 2 
3 1 Y 1 A ASP 81 ? A ASP 3 
# 
loop_
_chem_comp_atom.comp_id 
_chem_comp_atom.atom_id 
_chem_comp_atom.type_symbol 
_chem_comp_atom.pdbx_aromatic_flag 
_chem_comp_atom.pdbx_stereo_config 
_chem_comp_atom.pdbx_ordinal 
ALA N    N  N N 1   
ALA CA   C  N S 2   
ALA C    C  N N 3   
ALA O    O  N N 4   
ALA CB   C  N N 5   
ALA OXT  O  N N 6   
ALA H    H  N N 7   
ALA H2   H  N N 8   
ALA HA   H  N N 9   
ALA HB1  H  N N 10  
ALA HB2  H  N N 11  
ALA HB3  H  N N 12  
ALA HXT  H  N N 13  
ARG N    N  N N 14  
ARG CA   C  N S 15  
ARG C    C  N N 16  
ARG O    O  N N 17  
ARG CB   C  N N 18  
ARG CG   C  N N 19  
ARG CD   C  N N 20  
ARG NE   N  N N 21  
ARG CZ   C  N N 22  
ARG NH1  N  N N 23  
ARG NH2  N  N N 24  
ARG OXT  O  N N 25  
ARG H    H  N N 26  
ARG H2   H  N N 27  
ARG HA   H  N N 28  
ARG HB2  H  N N 29  
ARG HB3  H  N N 30  
ARG HG2  H  N N 31  
ARG HG3  H  N N 32  
ARG HD2  H  N N 33  
ARG HD3  H  N N 34  
ARG HE   H  N N 35  
ARG HH11 H  N N 36  
ARG HH12 H  N N 37  
ARG HH21 H  N N 38  
ARG HH22 H  N N 39  
ARG HXT  H  N N 40  
ASN N    N  N N 41  
ASN CA   C  N S 42  
ASN C    C  N N 43  
ASN O    O  N N 44  
ASN CB   C  N N 45  
ASN CG   C  N N 46  
ASN OD1  O  N N 47  
ASN ND2  N  N N 48  
ASN OXT  O  N N 49  
ASN H    H  N N 50  
ASN H2   H  N N 51  
ASN HA   H  N N 52  
ASN HB2  H  N N 53  
ASN HB3  H  N N 54  
ASN HD21 H  N N 55  
ASN HD22 H  N N 56  
ASN HXT  H  N N 57  
ASP N    N  N N 58  
ASP CA   C  N S 59  
ASP C    C  N N 60  
ASP O    O  N N 61  
ASP CB   C  N N 62  
ASP CG   C  N N 63  
ASP OD1  O  N N 64  
ASP OD2  O  N N 65  
ASP OXT  O  N N 66  
ASP H    H  N N 67  
ASP H2   H  N N 68  
ASP HA   H  N N 69  
ASP HB2  H  N N 70  
ASP HB3  H  N N 71  
ASP HD2  H  N N 72  
ASP HXT  H  N N 73  
CA  CA   CA N N 74  
CYS N    N  N N 75  
CYS CA   C  N R 76  
CYS C    C  N N 77  
CYS O    O  N N 78  
CYS CB   C  N N 79  
CYS SG   S  N N 80  
CYS OXT  O  N N 81  
CYS H    H  N N 82  
CYS H2   H  N N 83  
CYS HA   H  N N 84  
CYS HB2  H  N N 85  
CYS HB3  H  N N 86  
CYS HG   H  N N 87  
CYS HXT  H  N N 88  
GLN N    N  N N 89  
GLN CA   C  N S 90  
GLN C    C  N N 91  
GLN O    O  N N 92  
GLN CB   C  N N 93  
GLN CG   C  N N 94  
GLN CD   C  N N 95  
GLN OE1  O  N N 96  
GLN NE2  N  N N 97  
GLN OXT  O  N N 98  
GLN H    H  N N 99  
GLN H2   H  N N 100 
GLN HA   H  N N 101 
GLN HB2  H  N N 102 
GLN HB3  H  N N 103 
GLN HG2  H  N N 104 
GLN HG3  H  N N 105 
GLN HE21 H  N N 106 
GLN HE22 H  N N 107 
GLN HXT  H  N N 108 
GLU N    N  N N 109 
GLU CA   C  N S 110 
GLU C    C  N N 111 
GLU O    O  N N 112 
GLU CB   C  N N 113 
GLU CG   C  N N 114 
GLU CD   C  N N 115 
GLU OE1  O  N N 116 
GLU OE2  O  N N 117 
GLU OXT  O  N N 118 
GLU H    H  N N 119 
GLU H2   H  N N 120 
GLU HA   H  N N 121 
GLU HB2  H  N N 122 
GLU HB3  H  N N 123 
GLU HG2  H  N N 124 
GLU HG3  H  N N 125 
GLU HE2  H  N N 126 
GLU HXT  H  N N 127 
GLY N    N  N N 128 
GLY CA   C  N N 129 
GLY C    C  N N 130 
GLY O    O  N N 131 
GLY OXT  O  N N 132 
GLY H    H  N N 133 
GLY H2   H  N N 134 
GLY HA2  H  N N 135 
GLY HA3  H  N N 136 
GLY HXT  H  N N 137 
HOH O    O  N N 138 
HOH H1   H  N N 139 
HOH H2   H  N N 140 
ILE N    N  N N 141 
ILE CA   C  N S 142 
ILE C    C  N N 143 
ILE O    O  N N 144 
ILE CB   C  N S 145 
ILE CG1  C  N N 146 
ILE CG2  C  N N 147 
ILE CD1  C  N N 148 
ILE OXT  O  N N 149 
ILE H    H  N N 150 
ILE H2   H  N N 151 
ILE HA   H  N N 152 
ILE HB   H  N N 153 
ILE HG12 H  N N 154 
ILE HG13 H  N N 155 
ILE HG21 H  N N 156 
ILE HG22 H  N N 157 
ILE HG23 H  N N 158 
ILE HD11 H  N N 159 
ILE HD12 H  N N 160 
ILE HD13 H  N N 161 
ILE HXT  H  N N 162 
LEU N    N  N N 163 
LEU CA   C  N S 164 
LEU C    C  N N 165 
LEU O    O  N N 166 
LEU CB   C  N N 167 
LEU CG   C  N N 168 
LEU CD1  C  N N 169 
LEU CD2  C  N N 170 
LEU OXT  O  N N 171 
LEU H    H  N N 172 
LEU H2   H  N N 173 
LEU HA   H  N N 174 
LEU HB2  H  N N 175 
LEU HB3  H  N N 176 
LEU HG   H  N N 177 
LEU HD11 H  N N 178 
LEU HD12 H  N N 179 
LEU HD13 H  N N 180 
LEU HD21 H  N N 181 
LEU HD22 H  N N 182 
LEU HD23 H  N N 183 
LEU HXT  H  N N 184 
LYS N    N  N N 185 
LYS CA   C  N S 186 
LYS C    C  N N 187 
LYS O    O  N N 188 
LYS CB   C  N N 189 
LYS CG   C  N N 190 
LYS CD   C  N N 191 
LYS CE   C  N N 192 
LYS NZ   N  N N 193 
LYS OXT  O  N N 194 
LYS H    H  N N 195 
LYS H2   H  N N 196 
LYS HA   H  N N 197 
LYS HB2  H  N N 198 
LYS HB3  H  N N 199 
LYS HG2  H  N N 200 
LYS HG3  H  N N 201 
LYS HD2  H  N N 202 
LYS HD3  H  N N 203 
LYS HE2  H  N N 204 
LYS HE3  H  N N 205 
LYS HZ1  H  N N 206 
LYS HZ2  H  N N 207 
LYS HZ3  H  N N 208 
LYS HXT  H  N N 209 
MET N    N  N N 210 
MET CA   C  N S 211 
MET C    C  N N 212 
MET O    O  N N 213 
MET CB   C  N N 214 
MET CG   C  N N 215 
MET SD   S  N N 216 
MET CE   C  N N 217 
MET OXT  O  N N 218 
MET H    H  N N 219 
MET H2   H  N N 220 
MET HA   H  N N 221 
MET HB2  H  N N 222 
MET HB3  H  N N 223 
MET HG2  H  N N 224 
MET HG3  H  N N 225 
MET HE1  H  N N 226 
MET HE2  H  N N 227 
MET HE3  H  N N 228 
MET HXT  H  N N 229 
PHE N    N  N N 230 
PHE CA   C  N S 231 
PHE C    C  N N 232 
PHE O    O  N N 233 
PHE CB   C  N N 234 
PHE CG   C  Y N 235 
PHE CD1  C  Y N 236 
PHE CD2  C  Y N 237 
PHE CE1  C  Y N 238 
PHE CE2  C  Y N 239 
PHE CZ   C  Y N 240 
PHE OXT  O  N N 241 
PHE H    H  N N 242 
PHE H2   H  N N 243 
PHE HA   H  N N 244 
PHE HB2  H  N N 245 
PHE HB3  H  N N 246 
PHE HD1  H  N N 247 
PHE HD2  H  N N 248 
PHE HE1  H  N N 249 
PHE HE2  H  N N 250 
PHE HZ   H  N N 251 
PHE HXT  H  N N 252 
PRO N    N  N N 253 
PRO CA   C  N S 254 
PRO C    C  N N 255 
PRO O    O  N N 256 
PRO CB   C  N N 257 
PRO CG   C  N N 258 
PRO CD   C  N N 259 
PRO OXT  O  N N 260 
PRO H    H  N N 261 
PRO HA   H  N N 262 
PRO HB2  H  N N 263 
PRO HB3  H  N N 264 
PRO HG2  H  N N 265 
PRO HG3  H  N N 266 
PRO HD2  H  N N 267 
PRO HD3  H  N N 268 
PRO HXT  H  N N 269 
SER N    N  N N 270 
SER CA   C  N S 271 
SER C    C  N N 272 
SER O    O  N N 273 
SER CB   C  N N 274 
SER OG   O  N N 275 
SER OXT  O  N N 276 
SER H    H  N N 277 
SER H2   H  N N 278 
SER HA   H  N N 279 
SER HB2  H  N N 280 
SER HB3  H  N N 281 
SER HG   H  N N 282 
SER HXT  H  N N 283 
THR N    N  N N 284 
THR CA   C  N S 285 
THR C    C  N N 286 
THR O    O  N N 287 
THR CB   C  N R 288 
THR OG1  O  N N 289 
THR CG2  C  N N 290 
THR OXT  O  N N 291 
THR H    H  N N 292 
THR H2   H  N N 293 
THR HA   H  N N 294 
THR HB   H  N N 295 
THR HG1  H  N N 296 
THR HG21 H  N N 297 
THR HG22 H  N N 298 
THR HG23 H  N N 299 
THR HXT  H  N N 300 
TRP N    N  N N 301 
TRP CA   C  N S 302 
TRP C    C  N N 303 
TRP O    O  N N 304 
TRP CB   C  N N 305 
TRP CG   C  Y N 306 
TRP CD1  C  Y N 307 
TRP CD2  C  Y N 308 
TRP NE1  N  Y N 309 
TRP CE2  C  Y N 310 
TRP CE3  C  Y N 311 
TRP CZ2  C  Y N 312 
TRP CZ3  C  Y N 313 
TRP CH2  C  Y N 314 
TRP OXT  O  N N 315 
TRP H    H  N N 316 
TRP H2   H  N N 317 
TRP HA   H  N N 318 
TRP HB2  H  N N 319 
TRP HB3  H  N N 320 
TRP HD1  H  N N 321 
TRP HE1  H  N N 322 
TRP HE3  H  N N 323 
TRP HZ2  H  N N 324 
TRP HZ3  H  N N 325 
TRP HH2  H  N N 326 
TRP HXT  H  N N 327 
TYR N    N  N N 328 
TYR CA   C  N S 329 
TYR C    C  N N 330 
TYR O    O  N N 331 
TYR CB   C  N N 332 
TYR CG   C  Y N 333 
TYR CD1  C  Y N 334 
TYR CD2  C  Y N 335 
TYR CE1  C  Y N 336 
TYR CE2  C  Y N 337 
TYR CZ   C  Y N 338 
TYR OH   O  N N 339 
TYR OXT  O  N N 340 
TYR H    H  N N 341 
TYR H2   H  N N 342 
TYR HA   H  N N 343 
TYR HB2  H  N N 344 
TYR HB3  H  N N 345 
TYR HD1  H  N N 346 
TYR HD2  H  N N 347 
TYR HE1  H  N N 348 
TYR HE2  H  N N 349 
TYR HH   H  N N 350 
TYR HXT  H  N N 351 
VAL N    N  N N 352 
VAL CA   C  N S 353 
VAL C    C  N N 354 
VAL O    O  N N 355 
VAL CB   C  N N 356 
VAL CG1  C  N N 357 
VAL CG2  C  N N 358 
VAL OXT  O  N N 359 
VAL H    H  N N 360 
VAL H2   H  N N 361 
VAL HA   H  N N 362 
VAL HB   H  N N 363 
VAL HG11 H  N N 364 
VAL HG12 H  N N 365 
VAL HG13 H  N N 366 
VAL HG21 H  N N 367 
VAL HG22 H  N N 368 
VAL HG23 H  N N 369 
VAL HXT  H  N N 370 
# 
loop_
_chem_comp_bond.comp_id 
_chem_comp_bond.atom_id_1 
_chem_comp_bond.atom_id_2 
_chem_comp_bond.value_order 
_chem_comp_bond.pdbx_aromatic_flag 
_chem_comp_bond.pdbx_stereo_config 
_chem_comp_bond.pdbx_ordinal 
ALA N   CA   sing N N 1   
ALA N   H    sing N N 2   
ALA N   H2   sing N N 3   
ALA CA  C    sing N N 4   
ALA CA  CB   sing N N 5   
ALA CA  HA   sing N N 6   
ALA C   O    doub N N 7   
ALA C   OXT  sing N N 8   
ALA CB  HB1  sing N N 9   
ALA CB  HB2  sing N N 10  
ALA CB  HB3  sing N N 11  
ALA OXT HXT  sing N N 12  
ARG N   CA   sing N N 13  
ARG N   H    sing N N 14  
ARG N   H2   sing N N 15  
ARG CA  C    sing N N 16  
ARG CA  CB   sing N N 17  
ARG CA  HA   sing N N 18  
ARG C   O    doub N N 19  
ARG C   OXT  sing N N 20  
ARG CB  CG   sing N N 21  
ARG CB  HB2  sing N N 22  
ARG CB  HB3  sing N N 23  
ARG CG  CD   sing N N 24  
ARG CG  HG2  sing N N 25  
ARG CG  HG3  sing N N 26  
ARG CD  NE   sing N N 27  
ARG CD  HD2  sing N N 28  
ARG CD  HD3  sing N N 29  
ARG NE  CZ   sing N N 30  
ARG NE  HE   sing N N 31  
ARG CZ  NH1  sing N N 32  
ARG CZ  NH2  doub N N 33  
ARG NH1 HH11 sing N N 34  
ARG NH1 HH12 sing N N 35  
ARG NH2 HH21 sing N N 36  
ARG NH2 HH22 sing N N 37  
ARG OXT HXT  sing N N 38  
ASN N   CA   sing N N 39  
ASN N   H    sing N N 40  
ASN N   H2   sing N N 41  
ASN CA  C    sing N N 42  
ASN CA  CB   sing N N 43  
ASN CA  HA   sing N N 44  
ASN C   O    doub N N 45  
ASN C   OXT  sing N N 46  
ASN CB  CG   sing N N 47  
ASN CB  HB2  sing N N 48  
ASN CB  HB3  sing N N 49  
ASN CG  OD1  doub N N 50  
ASN CG  ND2  sing N N 51  
ASN ND2 HD21 sing N N 52  
ASN ND2 HD22 sing N N 53  
ASN OXT HXT  sing N N 54  
ASP N   CA   sing N N 55  
ASP N   H    sing N N 56  
ASP N   H2   sing N N 57  
ASP CA  C    sing N N 58  
ASP CA  CB   sing N N 59  
ASP CA  HA   sing N N 60  
ASP C   O    doub N N 61  
ASP C   OXT  sing N N 62  
ASP CB  CG   sing N N 63  
ASP CB  HB2  sing N N 64  
ASP CB  HB3  sing N N 65  
ASP CG  OD1  doub N N 66  
ASP CG  OD2  sing N N 67  
ASP OD2 HD2  sing N N 68  
ASP OXT HXT  sing N N 69  
CYS N   CA   sing N N 70  
CYS N   H    sing N N 71  
CYS N   H2   sing N N 72  
CYS CA  C    sing N N 73  
CYS CA  CB   sing N N 74  
CYS CA  HA   sing N N 75  
CYS C   O    doub N N 76  
CYS C   OXT  sing N N 77  
CYS CB  SG   sing N N 78  
CYS CB  HB2  sing N N 79  
CYS CB  HB3  sing N N 80  
CYS SG  HG   sing N N 81  
CYS OXT HXT  sing N N 82  
GLN N   CA   sing N N 83  
GLN N   H    sing N N 84  
GLN N   H2   sing N N 85  
GLN CA  C    sing N N 86  
GLN CA  CB   sing N N 87  
GLN CA  HA   sing N N 88  
GLN C   O    doub N N 89  
GLN C   OXT  sing N N 90  
GLN CB  CG   sing N N 91  
GLN CB  HB2  sing N N 92  
GLN CB  HB3  sing N N 93  
GLN CG  CD   sing N N 94  
GLN CG  HG2  sing N N 95  
GLN CG  HG3  sing N N 96  
GLN CD  OE1  doub N N 97  
GLN CD  NE2  sing N N 98  
GLN NE2 HE21 sing N N 99  
GLN NE2 HE22 sing N N 100 
GLN OXT HXT  sing N N 101 
GLU N   CA   sing N N 102 
GLU N   H    sing N N 103 
GLU N   H2   sing N N 104 
GLU CA  C    sing N N 105 
GLU CA  CB   sing N N 106 
GLU CA  HA   sing N N 107 
GLU C   O    doub N N 108 
GLU C   OXT  sing N N 109 
GLU CB  CG   sing N N 110 
GLU CB  HB2  sing N N 111 
GLU CB  HB3  sing N N 112 
GLU CG  CD   sing N N 113 
GLU CG  HG2  sing N N 114 
GLU CG  HG3  sing N N 115 
GLU CD  OE1  doub N N 116 
GLU CD  OE2  sing N N 117 
GLU OE2 HE2  sing N N 118 
GLU OXT HXT  sing N N 119 
GLY N   CA   sing N N 120 
GLY N   H    sing N N 121 
GLY N   H2   sing N N 122 
GLY CA  C    sing N N 123 
GLY CA  HA2  sing N N 124 
GLY CA  HA3  sing N N 125 
GLY C   O    doub N N 126 
GLY C   OXT  sing N N 127 
GLY OXT HXT  sing N N 128 
HOH O   H1   sing N N 129 
HOH O   H2   sing N N 130 
ILE N   CA   sing N N 131 
ILE N   H    sing N N 132 
ILE N   H2   sing N N 133 
ILE CA  C    sing N N 134 
ILE CA  CB   sing N N 135 
ILE CA  HA   sing N N 136 
ILE C   O    doub N N 137 
ILE C   OXT  sing N N 138 
ILE CB  CG1  sing N N 139 
ILE CB  CG2  sing N N 140 
ILE CB  HB   sing N N 141 
ILE CG1 CD1  sing N N 142 
ILE CG1 HG12 sing N N 143 
ILE CG1 HG13 sing N N 144 
ILE CG2 HG21 sing N N 145 
ILE CG2 HG22 sing N N 146 
ILE CG2 HG23 sing N N 147 
ILE CD1 HD11 sing N N 148 
ILE CD1 HD12 sing N N 149 
ILE CD1 HD13 sing N N 150 
ILE OXT HXT  sing N N 151 
LEU N   CA   sing N N 152 
LEU N   H    sing N N 153 
LEU N   H2   sing N N 154 
LEU CA  C    sing N N 155 
LEU CA  CB   sing N N 156 
LEU CA  HA   sing N N 157 
LEU C   O    doub N N 158 
LEU C   OXT  sing N N 159 
LEU CB  CG   sing N N 160 
LEU CB  HB2  sing N N 161 
LEU CB  HB3  sing N N 162 
LEU CG  CD1  sing N N 163 
LEU CG  CD2  sing N N 164 
LEU CG  HG   sing N N 165 
LEU CD1 HD11 sing N N 166 
LEU CD1 HD12 sing N N 167 
LEU CD1 HD13 sing N N 168 
LEU CD2 HD21 sing N N 169 
LEU CD2 HD22 sing N N 170 
LEU CD2 HD23 sing N N 171 
LEU OXT HXT  sing N N 172 
LYS N   CA   sing N N 173 
LYS N   H    sing N N 174 
LYS N   H2   sing N N 175 
LYS CA  C    sing N N 176 
LYS CA  CB   sing N N 177 
LYS CA  HA   sing N N 178 
LYS C   O    doub N N 179 
LYS C   OXT  sing N N 180 
LYS CB  CG   sing N N 181 
LYS CB  HB2  sing N N 182 
LYS CB  HB3  sing N N 183 
LYS CG  CD   sing N N 184 
LYS CG  HG2  sing N N 185 
LYS CG  HG3  sing N N 186 
LYS CD  CE   sing N N 187 
LYS CD  HD2  sing N N 188 
LYS CD  HD3  sing N N 189 
LYS CE  NZ   sing N N 190 
LYS CE  HE2  sing N N 191 
LYS CE  HE3  sing N N 192 
LYS NZ  HZ1  sing N N 193 
LYS NZ  HZ2  sing N N 194 
LYS NZ  HZ3  sing N N 195 
LYS OXT HXT  sing N N 196 
MET N   CA   sing N N 197 
MET N   H    sing N N 198 
MET N   H2   sing N N 199 
MET CA  C    sing N N 200 
MET CA  CB   sing N N 201 
MET CA  HA   sing N N 202 
MET C   O    doub N N 203 
MET C   OXT  sing N N 204 
MET CB  CG   sing N N 205 
MET CB  HB2  sing N N 206 
MET CB  HB3  sing N N 207 
MET CG  SD   sing N N 208 
MET CG  HG2  sing N N 209 
MET CG  HG3  sing N N 210 
MET SD  CE   sing N N 211 
MET CE  HE1  sing N N 212 
MET CE  HE2  sing N N 213 
MET CE  HE3  sing N N 214 
MET OXT HXT  sing N N 215 
PHE N   CA   sing N N 216 
PHE N   H    sing N N 217 
PHE N   H2   sing N N 218 
PHE CA  C    sing N N 219 
PHE CA  CB   sing N N 220 
PHE CA  HA   sing N N 221 
PHE C   O    doub N N 222 
PHE C   OXT  sing N N 223 
PHE CB  CG   sing N N 224 
PHE CB  HB2  sing N N 225 
PHE CB  HB3  sing N N 226 
PHE CG  CD1  doub Y N 227 
PHE CG  CD2  sing Y N 228 
PHE CD1 CE1  sing Y N 229 
PHE CD1 HD1  sing N N 230 
PHE CD2 CE2  doub Y N 231 
PHE CD2 HD2  sing N N 232 
PHE CE1 CZ   doub Y N 233 
PHE CE1 HE1  sing N N 234 
PHE CE2 CZ   sing Y N 235 
PHE CE2 HE2  sing N N 236 
PHE CZ  HZ   sing N N 237 
PHE OXT HXT  sing N N 238 
PRO N   CA   sing N N 239 
PRO N   CD   sing N N 240 
PRO N   H    sing N N 241 
PRO CA  C    sing N N 242 
PRO CA  CB   sing N N 243 
PRO CA  HA   sing N N 244 
PRO C   O    doub N N 245 
PRO C   OXT  sing N N 246 
PRO CB  CG   sing N N 247 
PRO CB  HB2  sing N N 248 
PRO CB  HB3  sing N N 249 
PRO CG  CD   sing N N 250 
PRO CG  HG2  sing N N 251 
PRO CG  HG3  sing N N 252 
PRO CD  HD2  sing N N 253 
PRO CD  HD3  sing N N 254 
PRO OXT HXT  sing N N 255 
SER N   CA   sing N N 256 
SER N   H    sing N N 257 
SER N   H2   sing N N 258 
SER CA  C    sing N N 259 
SER CA  CB   sing N N 260 
SER CA  HA   sing N N 261 
SER C   O    doub N N 262 
SER C   OXT  sing N N 263 
SER CB  OG   sing N N 264 
SER CB  HB2  sing N N 265 
SER CB  HB3  sing N N 266 
SER OG  HG   sing N N 267 
SER OXT HXT  sing N N 268 
THR N   CA   sing N N 269 
THR N   H    sing N N 270 
THR N   H2   sing N N 271 
THR CA  C    sing N N 272 
THR CA  CB   sing N N 273 
THR CA  HA   sing N N 274 
THR C   O    doub N N 275 
THR C   OXT  sing N N 276 
THR CB  OG1  sing N N 277 
THR CB  CG2  sing N N 278 
THR CB  HB   sing N N 279 
THR OG1 HG1  sing N N 280 
THR CG2 HG21 sing N N 281 
THR CG2 HG22 sing N N 282 
THR CG2 HG23 sing N N 283 
THR OXT HXT  sing N N 284 
TRP N   CA   sing N N 285 
TRP N   H    sing N N 286 
TRP N   H2   sing N N 287 
TRP CA  C    sing N N 288 
TRP CA  CB   sing N N 289 
TRP CA  HA   sing N N 290 
TRP C   O    doub N N 291 
TRP C   OXT  sing N N 292 
TRP CB  CG   sing N N 293 
TRP CB  HB2  sing N N 294 
TRP CB  HB3  sing N N 295 
TRP CG  CD1  doub Y N 296 
TRP CG  CD2  sing Y N 297 
TRP CD1 NE1  sing Y N 298 
TRP CD1 HD1  sing N N 299 
TRP CD2 CE2  doub Y N 300 
TRP CD2 CE3  sing Y N 301 
TRP NE1 CE2  sing Y N 302 
TRP NE1 HE1  sing N N 303 
TRP CE2 CZ2  sing Y N 304 
TRP CE3 CZ3  doub Y N 305 
TRP CE3 HE3  sing N N 306 
TRP CZ2 CH2  doub Y N 307 
TRP CZ2 HZ2  sing N N 308 
TRP CZ3 CH2  sing Y N 309 
TRP CZ3 HZ3  sing N N 310 
TRP CH2 HH2  sing N N 311 
TRP OXT HXT  sing N N 312 
TYR N   CA   sing N N 313 
TYR N   H    sing N N 314 
TYR N   H2   sing N N 315 
TYR CA  C    sing N N 316 
TYR CA  CB   sing N N 317 
TYR CA  HA   sing N N 318 
TYR C   O    doub N N 319 
TYR C   OXT  sing N N 320 
TYR CB  CG   sing N N 321 
TYR CB  HB2  sing N N 322 
TYR CB  HB3  sing N N 323 
TYR CG  CD1  doub Y N 324 
TYR CG  CD2  sing Y N 325 
TYR CD1 CE1  sing Y N 326 
TYR CD1 HD1  sing N N 327 
TYR CD2 CE2  doub Y N 328 
TYR CD2 HD2  sing N N 329 
TYR CE1 CZ   doub Y N 330 
TYR CE1 HE1  sing N N 331 
TYR CE2 CZ   sing Y N 332 
TYR CE2 HE2  sing N N 333 
TYR CZ  OH   sing N N 334 
TYR OH  HH   sing N N 335 
TYR OXT HXT  sing N N 336 
VAL N   CA   sing N N 337 
VAL N   H    sing N N 338 
VAL N   H2   sing N N 339 
VAL CA  C    sing N N 340 
VAL CA  CB   sing N N 341 
VAL CA  HA   sing N N 342 
VAL C   O    doub N N 343 
VAL C   OXT  sing N N 344 
VAL CB  CG1  sing N N 345 
VAL CB  CG2  sing N N 346 
VAL CB  HB   sing N N 347 
VAL CG1 HG11 sing N N 348 
VAL CG1 HG12 sing N N 349 
VAL CG1 HG13 sing N N 350 
VAL CG2 HG21 sing N N 351 
VAL CG2 HG22 sing N N 352 
VAL CG2 HG23 sing N N 353 
VAL OXT HXT  sing N N 354 
# 
_atom_sites.entry_id                    3TZ1 
_atom_sites.fract_transf_matrix[1][1]   -0.02720013 
_atom_sites.fract_transf_matrix[1][2]   -0.00260702 
_atom_sites.fract_transf_matrix[1][3]   0.01490167 
_atom_sites.fract_transf_matrix[2][1]   0.00185702 
_atom_sites.fract_transf_matrix[2][2]   0.02248864 
_atom_sites.fract_transf_matrix[2][3]   0.00732398 
_atom_sites.fract_transf_matrix[3][1]   -0.00799967 
_atom_sites.fract_transf_matrix[3][2]   0.00512408 
_atom_sites.fract_transf_matrix[3][3]   -0.01370540 
_atom_sites.fract_transf_vector[1]      -0.502864 
_atom_sites.fract_transf_vector[2]      0.049565 
_atom_sites.fract_transf_vector[3]      -0.065441 
# 
loop_
_atom_type.symbol 
C  
CA 
N  
O  
S  
# 
loop_
_atom_site.group_PDB 
_atom_site.id 
_atom_site.type_symbol 
_atom_site.label_atom_id 
_atom_site.label_alt_id 
_atom_site.label_comp_id 
_atom_site.label_asym_id 
_atom_site.label_entity_id 
_atom_site.label_seq_id 
_atom_site.pdbx_PDB_ins_code 
_atom_site.Cartn_x 
_atom_site.Cartn_y 
_atom_site.Cartn_z 
_atom_site.occupancy 
_atom_site.B_iso_or_equiv 
_atom_site.pdbx_formal_charge 
_atom_site.auth_seq_id 
_atom_site.auth_comp_id 
_atom_site.auth_asym_id 
_atom_site.auth_atom_id 
_atom_site.pdbx_PDB_model_num 
ATOM   1   N  N   . LEU A 1 4  ? 13.572  2.244   -3.850  1.00 46.50  ? 82  LEU A N   1 
ATOM   2   C  CA  . LEU A 1 4  ? 12.957  3.208   -2.947  1.00 46.46  ? 82  LEU A CA  1 
ATOM   3   C  C   . LEU A 1 4  ? 13.891  3.530   -1.778  1.00 45.18  ? 82  LEU A C   1 
ATOM   4   O  O   . LEU A 1 4  ? 14.334  2.634   -1.061  1.00 48.81  ? 82  LEU A O   1 
ATOM   5   C  CB  . LEU A 1 4  ? 11.623  2.669   -2.418  1.00 48.92  ? 82  LEU A CB  1 
ATOM   6   C  CG  . LEU A 1 4  ? 10.409  3.602   -2.412  1.00 48.09  ? 82  LEU A CG  1 
ATOM   7   C  CD1 . LEU A 1 4  ? 9.269   2.963   -1.657  1.00 33.43  ? 82  LEU A CD1 1 
ATOM   8   C  CD2 . LEU A 1 4  ? 10.751  4.946   -1.796  1.00 51.08  ? 82  LEU A CD2 1 
ATOM   9   N  N   . ASP A 1 5  ? 14.193  4.812   -1.604  1.00 37.22  ? 83  ASP A N   1 
ATOM   10  C  CA  . ASP A 1 5  ? 14.910  5.296   -0.433  1.00 38.60  ? 83  ASP A CA  1 
ATOM   11  C  C   . ASP A 1 5  ? 14.140  4.882   0.819   1.00 36.15  ? 83  ASP A C   1 
ATOM   12  O  O   . ASP A 1 5  ? 12.921  5.056   0.878   1.00 33.59  ? 83  ASP A O   1 
ATOM   13  C  CB  . ASP A 1 5  ? 15.013  6.825   -0.489  1.00 43.90  ? 83  ASP A CB  1 
ATOM   14  C  CG  . ASP A 1 5  ? 16.090  7.374   0.427   1.00 52.02  ? 83  ASP A CG  1 
ATOM   15  O  OD1 . ASP A 1 5  ? 15.970  7.202   1.658   1.00 52.76  ? 83  ASP A OD1 1 
ATOM   16  O  OD2 . ASP A 1 5  ? 17.052  7.989   -0.086  1.00 52.78  ? 83  ASP A OD2 1 
ATOM   17  N  N   . GLU A 1 6  ? 14.835  4.333   1.814   1.00 38.99  ? 84  GLU A N   1 
ATOM   18  C  CA  . GLU A 1 6  ? 14.156  3.901   3.039   1.00 38.28  ? 84  GLU A CA  1 
ATOM   19  C  C   . GLU A 1 6  ? 13.601  5.082   3.830   1.00 32.92  ? 84  GLU A C   1 
ATOM   20  O  O   . GLU A 1 6  ? 12.623  4.944   4.560   1.00 28.38  ? 84  GLU A O   1 
ATOM   21  C  CB  . GLU A 1 6  ? 15.063  3.043   3.925   1.00 45.36  ? 84  GLU A CB  1 
ATOM   22  C  CG  . GLU A 1 6  ? 14.352  2.497   5.157   1.00 50.92  ? 84  GLU A CG  1 
ATOM   23  C  CD  . GLU A 1 6  ? 14.601  1.014   5.397   1.00 55.60  ? 84  GLU A CD  1 
ATOM   24  O  OE1 . GLU A 1 6  ? 15.350  0.387   4.614   1.00 61.08  ? 84  GLU A OE1 1 
ATOM   25  O  OE2 . GLU A 1 6  ? 14.040  0.476   6.378   1.00 50.99  ? 84  GLU A OE2 1 
ATOM   26  N  N   . ARG A 1 7  ? 14.234  6.241   3.687   1.00 34.45  ? 85  ARG A N   1 
ATOM   27  C  CA  . ARG A 1 7  ? 13.720  7.461   4.309   1.00 31.20  ? 85  ARG A CA  1 
ATOM   28  C  C   . ARG A 1 7  ? 12.344  7.784   3.767   1.00 24.73  ? 85  ARG A C   1 
ATOM   29  O  O   . ARG A 1 7  ? 11.440  8.193   4.502   1.00 25.97  ? 85  ARG A O   1 
ATOM   30  C  CB  . ARG A 1 7  ? 14.646  8.643   4.034   1.00 38.41  ? 85  ARG A CB  1 
ATOM   31  C  CG  . ARG A 1 7  ? 15.667  8.896   5.113   1.00 48.85  ? 85  ARG A CG  1 
ATOM   32  C  CD  . ARG A 1 7  ? 16.555  10.061  4.712   1.00 54.30  ? 85  ARG A CD  1 
ATOM   33  N  NE  . ARG A 1 7  ? 17.128  9.846   3.386   1.00 56.74  ? 85  ARG A NE  1 
ATOM   34  C  CZ  . ARG A 1 7  ? 17.912  10.715  2.757   1.00 59.58  ? 85  ARG A CZ  1 
ATOM   35  N  NH1 . ARG A 1 7  ? 18.220  11.871  3.332   1.00 58.88  ? 85  ARG A NH1 1 
ATOM   36  N  NH2 . ARG A 1 7  ? 18.387  10.424  1.551   1.00 59.07  ? 85  ARG A NH2 1 
ATOM   37  N  N   . GLU A 1 8  ? 12.197  7.622   2.459   1.00 27.81  ? 86  GLU A N   1 
ATOM   38  C  CA  . GLU A 1 8  ? 10.939  7.901   1.790   1.00 31.53  ? 86  GLU A CA  1 
ATOM   39  C  C   . GLU A 1 8  ? 9.893   6.871   2.202   1.00 24.92  ? 86  GLU A C   1 
ATOM   40  O  O   . GLU A 1 8  ? 8.730   7.203   2.426   1.00 24.64  ? 86  GLU A O   1 
ATOM   41  C  CB  . GLU A 1 8  ? 11.146  7.859   0.280   1.00 37.91  ? 86  GLU A CB  1 
ATOM   42  C  CG  . GLU A 1 8  ? 10.225  8.756   -0.486  1.00 35.63  ? 86  GLU A CG  1 
ATOM   43  C  CD  . GLU A 1 8  ? 10.493  8.700   -1.967  1.00 33.42  ? 86  GLU A CD  1 
ATOM   44  O  OE1 . GLU A 1 8  ? 11.649  8.414   -2.351  1.00 38.67  ? 86  GLU A OE1 1 
ATOM   45  O  OE2 . GLU A 1 8  ? 9.545   8.925   -2.741  1.00 30.15  ? 86  GLU A OE2 1 
ATOM   46  N  N   . LEU A 1 9  ? 10.323  5.616   2.291   1.00 22.17  ? 87  LEU A N   1 
ATOM   47  C  CA  . LEU A 1 9  ? 9.461   4.525   2.734   1.00 18.97  ? 87  LEU A CA  1 
ATOM   48  C  C   . LEU A 1 9  ? 8.934   4.772   4.141   1.00 21.12  ? 87  LEU A C   1 
ATOM   49  O  O   . LEU A 1 9  ? 7.744   4.599   4.411   1.00 21.34  ? 87  LEU A O   1 
ATOM   50  C  CB  . LEU A 1 9  ? 10.226  3.196   2.712   1.00 22.19  ? 87  LEU A CB  1 
ATOM   51  C  CG  . LEU A 1 9  ? 9.370   1.969   3.024   1.00 31.71  ? 87  LEU A CG  1 
ATOM   52  C  CD1 . LEU A 1 9  ? 8.482   1.662   1.834   1.00 34.82  ? 87  LEU A CD1 1 
ATOM   53  C  CD2 . LEU A 1 9  ? 10.239  0.760   3.376   1.00 31.32  ? 87  LEU A CD2 1 
ATOM   54  N  N   . LYS A 1 10 ? 9.826   5.176   5.041   1.00 21.48  ? 88  LYS A N   1 
ATOM   55  C  CA  . LYS A 1 10 ? 9.435   5.447   6.416   1.00 20.95  ? 88  LYS A CA  1 
ATOM   56  C  C   . LYS A 1 10 ? 8.477   6.633   6.491   1.00 20.68  ? 88  LYS A C   1 
ATOM   57  O  O   . LYS A 1 10 ? 7.524   6.615   7.264   1.00 22.58  ? 88  LYS A O   1 
ATOM   58  C  CB  . LYS A 1 10 ? 10.670  5.679   7.298   1.00 21.55  ? 88  LYS A CB  1 
ATOM   59  C  CG  . LYS A 1 10 ? 11.465  4.409   7.544   1.00 30.58  ? 88  LYS A CG  1 
ATOM   60  C  CD  . LYS A 1 10 ? 12.583  4.630   8.542   1.00 30.97  ? 88  LYS A CD  1 
ATOM   61  C  CE  . LYS A 1 10 ? 13.367  3.345   8.767   1.00 31.49  ? 88  LYS A CE  1 
ATOM   62  N  NZ  . LYS A 1 10 ? 14.480  3.520   9.743   1.00 39.83  ? 88  LYS A NZ  1 
ATOM   63  N  N   . GLU A 1 11 ? 8.716   7.652   5.674   1.00 19.78  ? 89  GLU A N   1 
ATOM   64  C  CA  . GLU A 1 11 ? 7.822   8.806   5.641   1.00 22.55  ? 89  GLU A CA  1 
ATOM   65  C  C   . GLU A 1 11 ? 6.432   8.417   5.132   1.00 22.91  ? 89  GLU A C   1 
ATOM   66  O  O   . GLU A 1 11 ? 5.419   8.852   5.677   1.00 21.35  ? 89  GLU A O   1 
ATOM   67  C  CB  . GLU A 1 11 ? 8.412   9.935   4.787   1.00 23.74  ? 89  GLU A CB  1 
ATOM   68  C  CG  . GLU A 1 11 ? 7.515   11.172  4.671   1.00 23.94  ? 89  GLU A CG  1 
ATOM   69  C  CD  . GLU A 1 11 ? 7.419   11.962  5.976   1.00 32.83  ? 89  GLU A CD  1 
ATOM   70  O  OE1 . GLU A 1 11 ? 8.224   11.708  6.896   1.00 32.85  ? 89  GLU A OE1 1 
ATOM   71  O  OE2 . GLU A 1 11 ? 6.539   12.842  6.078   1.00 33.12  ? 89  GLU A OE2 1 
ATOM   72  N  N   . ALA A 1 12 ? 6.385   7.607   4.075   1.00 21.00  ? 90  ALA A N   1 
ATOM   73  C  CA  . ALA A 1 12 ? 5.117   7.107   3.547   1.00 19.95  ? 90  ALA A CA  1 
ATOM   74  C  C   . ALA A 1 12 ? 4.352   6.307   4.597   1.00 20.35  ? 90  ALA A C   1 
ATOM   75  O  O   . ALA A 1 12 ? 3.144   6.486   4.772   1.00 17.81  ? 90  ALA A O   1 
ATOM   76  C  CB  . ALA A 1 12 ? 5.360   6.241   2.312   1.00 18.32  ? 90  ALA A CB  1 
ATOM   77  N  N   . PHE A 1 13 ? 5.055   5.407   5.279   1.00 18.85  ? 91  PHE A N   1 
ATOM   78  C  CA  . PHE A 1 13 ? 4.433   4.598   6.329   1.00 18.10  ? 91  PHE A CA  1 
ATOM   79  C  C   . PHE A 1 13 ? 3.842   5.491   7.422   1.00 21.97  ? 91  PHE A C   1 
ATOM   80  O  O   . PHE A 1 13 ? 2.701   5.303   7.851   1.00 21.44  ? 91  PHE A O   1 
ATOM   81  C  CB  . PHE A 1 13 ? 5.446   3.609   6.916   1.00 21.91  ? 91  PHE A CB  1 
ATOM   82  C  CG  . PHE A 1 13 ? 4.831   2.570   7.821   1.00 20.79  ? 91  PHE A CG  1 
ATOM   83  C  CD1 . PHE A 1 13 ? 4.194   1.460   7.295   1.00 21.43  ? 91  PHE A CD1 1 
ATOM   84  C  CD2 . PHE A 1 13 ? 4.901   2.706   9.197   1.00 24.99  ? 91  PHE A CD2 1 
ATOM   85  C  CE1 . PHE A 1 13 ? 3.631   0.502   8.129   1.00 24.11  ? 91  PHE A CE1 1 
ATOM   86  C  CE2 . PHE A 1 13 ? 4.339   1.758   10.035  1.00 30.02  ? 91  PHE A CE2 1 
ATOM   87  C  CZ  . PHE A 1 13 ? 3.709   0.652   9.501   1.00 25.09  ? 91  PHE A CZ  1 
ATOM   88  N  N   . ARG A 1 14 ? 4.615   6.474   7.864   1.00 21.66  ? 92  ARG A N   1 
ATOM   89  C  CA  . ARG A 1 14 ? 4.143   7.391   8.895   1.00 23.54  ? 92  ARG A CA  1 
ATOM   90  C  C   . ARG A 1 14 ? 2.880   8.123   8.464   1.00 23.36  ? 92  ARG A C   1 
ATOM   91  O  O   . ARG A 1 14 ? 1.930   8.262   9.238   1.00 25.24  ? 92  ARG A O   1 
ATOM   92  C  CB  . ARG A 1 14 ? 5.226   8.416   9.236   1.00 24.05  ? 92  ARG A CB  1 
ATOM   93  C  CG  . ARG A 1 14 ? 6.209   7.957   10.311  1.00 38.95  ? 92  ARG A CG  1 
ATOM   94  C  CD  . ARG A 1 14 ? 7.196   9.069   10.665  1.00 46.04  ? 92  ARG A CD  1 
ATOM   95  N  NE  . ARG A 1 14 ? 6.732   9.938   11.748  1.00 54.06  ? 92  ARG A NE  1 
ATOM   96  C  CZ  . ARG A 1 14 ? 5.923   10.981  11.581  1.00 55.76  ? 92  ARG A CZ  1 
ATOM   97  N  NH1 . ARG A 1 14 ? 5.463   11.280  10.373  1.00 61.62  ? 92  ARG A NH1 1 
ATOM   98  N  NH2 . ARG A 1 14 ? 5.563   11.718  12.626  1.00 43.96  ? 92  ARG A NH2 1 
ATOM   99  N  N   . VAL A 1 15 ? 2.880   8.614   7.232   1.00 19.87  ? 93  VAL A N   1 
ATOM   100 C  CA  . VAL A 1 15 ? 1.726   9.345   6.719   1.00 20.64  ? 93  VAL A CA  1 
ATOM   101 C  C   . VAL A 1 15 ? 0.470   8.484   6.665   1.00 22.36  ? 93  VAL A C   1 
ATOM   102 O  O   . VAL A 1 15 ? -0.620  8.947   7.011   1.00 19.64  ? 93  VAL A O   1 
ATOM   103 C  CB  . VAL A 1 15 ? 2.001   9.964   5.329   1.00 20.23  ? 93  VAL A CB  1 
ATOM   104 C  CG1 . VAL A 1 15 ? 0.736   10.601  4.783   1.00 20.16  ? 93  VAL A CG1 1 
ATOM   105 C  CG2 . VAL A 1 15 ? 3.117   11.001  5.418   1.00 24.00  ? 93  VAL A CG2 1 
ATOM   106 N  N   . LEU A 1 16 ? 0.626   7.225   6.249   1.00 18.93  ? 94  LEU A N   1 
ATOM   107 C  CA  . LEU A 1 16 ? -0.518  6.335   6.061   1.00 19.77  ? 94  LEU A CA  1 
ATOM   108 C  C   . LEU A 1 16 ? -0.952  5.638   7.350   1.00 24.64  ? 94  LEU A C   1 
ATOM   109 O  O   . LEU A 1 16 ? -1.988  4.974   7.383   1.00 22.56  ? 94  LEU A O   1 
ATOM   110 C  CB  . LEU A 1 16 ? -0.199  5.289   4.985   1.00 21.43  ? 94  LEU A CB  1 
ATOM   111 C  CG  . LEU A 1 16 ? 0.133   5.873   3.612   1.00 20.32  ? 94  LEU A CG  1 
ATOM   112 C  CD1 . LEU A 1 16 ? 0.483   4.759   2.623   1.00 17.34  ? 94  LEU A CD1 1 
ATOM   113 C  CD2 . LEU A 1 16 ? -1.043  6.710   3.086   1.00 19.32  ? 94  LEU A CD2 1 
ATOM   114 N  N   . ASP A 1 17 ? -0.168  5.799   8.415   1.00 23.65  ? 95  ASP A N   1 
ATOM   115 C  CA  . ASP A 1 17 ? -0.552  5.231   9.695   1.00 23.44  ? 95  ASP A CA  1 
ATOM   116 C  C   . ASP A 1 17 ? -1.338  6.327   10.372  1.00 29.86  ? 95  ASP A C   1 
ATOM   117 O  O   . ASP A 1 17 ? -0.784  7.186   11.062  1.00 28.87  ? 95  ASP A O   1 
ATOM   118 C  CB  . ASP A 1 17 ? 0.727   4.928   10.483  1.00 24.75  ? 95  ASP A CB  1 
ATOM   119 C  CG  . ASP A 1 17 ? 0.463   4.504   11.921  1.00 24.89  ? 95  ASP A CG  1 
ATOM   120 O  OD1 . ASP A 1 17 ? -0.697  4.184   12.255  1.00 27.44  ? 95  ASP A OD1 1 
ATOM   121 O  OD2 . ASP A 1 17 ? 1.438   4.488   12.711  1.00 29.31  ? 95  ASP A OD2 1 
ATOM   122 N  N   . LYS A 1 18 ? -2.659  6.222   10.257  1.00 28.62  ? 96  LYS A N   1 
ATOM   123 C  CA  . LYS A 1 18 ? -3.549  7.337   10.594  1.00 28.91  ? 96  LYS A CA  1 
ATOM   124 C  C   . LYS A 1 18 ? -3.765  7.415   12.092  1.00 28.40  ? 96  LYS A C   1 
ATOM   125 O  O   . LYS A 1 18 ? -3.980  8.497   12.655  1.00 30.83  ? 96  LYS A O   1 
ATOM   126 C  CB  . LYS A 1 18 ? -4.901  7.204   9.871   1.00 21.99  ? 96  LYS A CB  1 
ATOM   127 C  CG  . LYS A 1 18 ? -4.823  7.244   8.340   1.00 28.72  ? 96  LYS A CG  1 
ATOM   128 C  CD  . LYS A 1 18 ? -4.115  8.496   7.853   1.00 33.44  ? 96  LYS A CD  1 
ATOM   129 C  CE  . LYS A 1 18 ? -4.139  8.624   6.333   1.00 27.59  ? 96  LYS A CE  1 
ATOM   130 N  NZ  . LYS A 1 18 ? -3.345  9.815   5.909   1.00 26.56  ? 96  LYS A NZ  1 
ATOM   131 N  N   . GLU A 1 19 ? -3.716  6.257   12.738  1.00 30.70  ? 97  GLU A N   1 
ATOM   132 C  CA  . GLU A 1 19 ? -3.968  6.181   14.171  1.00 30.57  ? 97  GLU A CA  1 
ATOM   133 C  C   . GLU A 1 19 ? -2.675  6.227   14.971  1.00 30.93  ? 97  GLU A C   1 
ATOM   134 O  O   . GLU A 1 19 ? -2.697  6.173   16.200  1.00 32.47  ? 97  GLU A O   1 
ATOM   135 C  CB  . GLU A 1 19 ? -4.743  4.903   14.498  1.00 34.01  ? 97  GLU A CB  1 
ATOM   136 C  CG  . GLU A 1 19 ? -6.122  4.844   13.866  1.00 44.63  ? 97  GLU A CG  1 
ATOM   137 C  CD  . GLU A 1 19 ? -6.746  3.461   13.949  1.00 54.91  ? 97  GLU A CD  1 
ATOM   138 O  OE1 . GLU A 1 19 ? -6.235  2.618   14.716  1.00 56.24  ? 97  GLU A OE1 1 
ATOM   139 O  OE2 . GLU A 1 19 ? -7.746  3.213   13.239  1.00 60.15  ? 97  GLU A OE2 1 
ATOM   140 N  N   . LYS A 1 20 ? -1.548  6.331   14.270  1.00 25.53  ? 98  LYS A N   1 
ATOM   141 C  CA  . LYS A 1 20 ? -0.234  6.324   14.911  1.00 30.85  ? 98  LYS A CA  1 
ATOM   142 C  C   . LYS A 1 20 ? -0.061  5.078   15.775  1.00 34.17  ? 98  LYS A C   1 
ATOM   143 O  O   . LYS A 1 20 ? 0.458   5.146   16.891  1.00 33.15  ? 98  LYS A O   1 
ATOM   144 C  CB  . LYS A 1 20 ? -0.026  7.590   15.755  1.00 30.54  ? 98  LYS A CB  1 
ATOM   145 C  CG  . LYS A 1 20 ? -0.156  8.883   14.968  1.00 37.11  ? 98  LYS A CG  1 
ATOM   146 C  CD  . LYS A 1 20 ? 0.651   8.809   13.674  1.00 44.73  ? 98  LYS A CD  1 
ATOM   147 C  CE  . LYS A 1 20 ? 0.160   9.832   12.654  1.00 46.91  ? 98  LYS A CE  1 
ATOM   148 N  NZ  . LYS A 1 20 ? 0.681   9.554   11.283  1.00 40.72  ? 98  LYS A NZ  1 
ATOM   149 N  N   . LYS A 1 21 ? -0.558  3.952   15.268  1.00 30.79  ? 99  LYS A N   1 
ATOM   150 C  CA  . LYS A 1 21 ? -0.439  2.671   15.953  1.00 31.45  ? 99  LYS A CA  1 
ATOM   151 C  C   . LYS A 1 21 ? 0.679   1.762   15.416  1.00 32.14  ? 99  LYS A C   1 
ATOM   152 O  O   . LYS A 1 21 ? 0.827   0.629   15.863  1.00 33.12  ? 99  LYS A O   1 
ATOM   153 C  CB  . LYS A 1 21 ? -1.791  1.952   15.988  1.00 33.97  ? 99  LYS A CB  1 
ATOM   154 C  CG  . LYS A 1 21 ? -2.833  2.665   16.856  1.00 44.83  ? 99  LYS A CG  1 
ATOM   155 C  CD  . LYS A 1 21 ? -4.128  1.868   16.961  1.00 54.46  ? 99  LYS A CD  1 
ATOM   156 C  CE  . LYS A 1 21 ? -5.183  2.629   17.763  1.00 59.92  ? 99  LYS A CE  1 
ATOM   157 N  NZ  . LYS A 1 21 ? -6.482  2.765   17.033  1.00 60.82  ? 99  LYS A NZ  1 
ATOM   158 N  N   . GLY A 1 22 ? 1.447   2.251   14.445  1.00 26.49  ? 100 GLY A N   1 
ATOM   159 C  CA  . GLY A 1 22 ? 2.547   1.483   13.885  1.00 26.34  ? 100 GLY A CA  1 
ATOM   160 C  C   . GLY A 1 22 ? 2.152   0.570   12.734  1.00 27.56  ? 100 GLY A C   1 
ATOM   161 O  O   . GLY A 1 22 ? 2.919   -0.298  12.319  1.00 24.41  ? 100 GLY A O   1 
ATOM   162 N  N   . VAL A 1 23 ? 0.941   0.752   12.220  1.00 26.57  ? 101 VAL A N   1 
ATOM   163 C  CA  . VAL A 1 23 ? 0.467   -0.052  11.093  1.00 24.62  ? 101 VAL A CA  1 
ATOM   164 C  C   . VAL A 1 23 ? -0.369  0.798   10.150  1.00 24.60  ? 101 VAL A C   1 
ATOM   165 O  O   . VAL A 1 23 ? -0.800  1.893   10.504  1.00 27.12  ? 101 VAL A O   1 
ATOM   166 C  CB  . VAL A 1 23 ? -0.403  -1.248  11.545  1.00 27.78  ? 101 VAL A CB  1 
ATOM   167 C  CG1 . VAL A 1 23 ? 0.417   -2.248  12.346  1.00 31.29  ? 101 VAL A CG1 1 
ATOM   168 C  CG2 . VAL A 1 23 ? -1.620  -0.762  12.340  1.00 30.96  ? 101 VAL A CG2 1 
ATOM   169 N  N   . ILE A 1 24 ? -0.586  0.287   8.942   1.00 20.25  ? 102 ILE A N   1 
ATOM   170 C  CA  . ILE A 1 24 ? -1.554  0.876   8.029   1.00 22.80  ? 102 ILE A CA  1 
ATOM   171 C  C   . ILE A 1 24 ? -2.760  -0.063  7.993   1.00 20.23  ? 102 ILE A C   1 
ATOM   172 O  O   . ILE A 1 24 ? -2.617  -1.228  7.669   1.00 24.02  ? 102 ILE A O   1 
ATOM   173 C  CB  . ILE A 1 24 ? -0.962  1.020   6.614   1.00 23.27  ? 102 ILE A CB  1 
ATOM   174 C  CG1 . ILE A 1 24 ? 0.329   1.848   6.663   1.00 25.52  ? 102 ILE A CG1 1 
ATOM   175 C  CG2 . ILE A 1 24 ? -1.976  1.666   5.670   1.00 22.41  ? 102 ILE A CG2 1 
ATOM   176 C  CD1 . ILE A 1 24 ? 1.110   1.843   5.360   1.00 24.41  ? 102 ILE A CD1 1 
ATOM   177 N  N   . LYS A 1 25 ? -3.939  0.433   8.358   1.00 20.11  ? 103 LYS A N   1 
ATOM   178 C  CA  . LYS A 1 25 ? -5.140  -0.389  8.311   1.00 24.53  ? 103 LYS A CA  1 
ATOM   179 C  C   . LYS A 1 25 ? -5.470  -0.704  6.858   1.00 20.79  ? 103 LYS A C   1 
ATOM   180 O  O   . LYS A 1 25 ? -5.245  0.115   5.969   1.00 20.72  ? 103 LYS A O   1 
ATOM   181 C  CB  . LYS A 1 25 ? -6.317  0.324   8.983   1.00 36.52  ? 103 LYS A CB  1 
ATOM   182 C  CG  . LYS A 1 25 ? -6.166  0.497   10.488  1.00 43.57  ? 103 LYS A CG  1 
ATOM   183 C  CD  . LYS A 1 25 ? -7.180  1.495   11.026  1.00 48.28  ? 103 LYS A CD  1 
ATOM   184 C  CE  . LYS A 1 25 ? -8.597  0.920   11.068  1.00 54.42  ? 103 LYS A CE  1 
ATOM   185 N  NZ  . LYS A 1 25 ? -8.798  -0.051  12.185  1.00 60.60  ? 103 LYS A NZ  1 
ATOM   186 N  N   . VAL A 1 26 ? -5.998  -1.893  6.613   1.00 21.24  ? 104 VAL A N   1 
ATOM   187 C  CA  . VAL A 1 26 ? -6.298  -2.302  5.250   1.00 24.98  ? 104 VAL A CA  1 
ATOM   188 C  C   . VAL A 1 26 ? -7.364  -1.408  4.595   1.00 29.42  ? 104 VAL A C   1 
ATOM   189 O  O   . VAL A 1 26 ? -7.398  -1.266  3.372   1.00 27.10  ? 104 VAL A O   1 
ATOM   190 C  CB  . VAL A 1 26 ? -6.657  -3.805  5.192   1.00 27.34  ? 104 VAL A CB  1 
ATOM   191 C  CG1 . VAL A 1 26 ? -7.635  -4.093  4.070   1.00 43.80  ? 104 VAL A CG1 1 
ATOM   192 C  CG2 . VAL A 1 26 ? -5.380  -4.628  5.060   1.00 26.58  ? 104 VAL A CG2 1 
ATOM   193 N  N   . ASP A 1 27 ? -8.211  -0.783  5.411   1.00 24.46  ? 105 ASP A N   1 
ATOM   194 C  CA  . ASP A 1 27 ? -9.202  0.163   4.900   1.00 28.09  ? 105 ASP A CA  1 
ATOM   195 C  C   . ASP A 1 27 ? -8.561  1.288   4.090   1.00 23.22  ? 105 ASP A C   1 
ATOM   196 O  O   . ASP A 1 27 ? -9.173  1.824   3.164   1.00 25.50  ? 105 ASP A O   1 
ATOM   197 C  CB  . ASP A 1 27 ? -10.007 0.784   6.049   1.00 40.18  ? 105 ASP A CB  1 
ATOM   198 C  CG  . ASP A 1 27 ? -10.890 -0.222  6.756   1.00 53.60  ? 105 ASP A CG  1 
ATOM   199 O  OD1 . ASP A 1 27 ? -11.014 -1.366  6.261   1.00 54.83  ? 105 ASP A OD1 1 
ATOM   200 O  OD2 . ASP A 1 27 ? -11.472 0.143   7.804   1.00 57.28  ? 105 ASP A OD2 1 
ATOM   201 N  N   . VAL A 1 28 ? -7.347  1.679   4.473   1.00 24.26  ? 106 VAL A N   1 
ATOM   202 C  CA  . VAL A 1 28 ? -6.635  2.760   3.791   1.00 21.62  ? 106 VAL A CA  1 
ATOM   203 C  C   . VAL A 1 28 ? -6.240  2.296   2.399   1.00 22.32  ? 106 VAL A C   1 
ATOM   204 O  O   . VAL A 1 28 ? -6.420  3.007   1.413   1.00 19.04  ? 106 VAL A O   1 
ATOM   205 C  CB  . VAL A 1 28 ? -5.369  3.187   4.575   1.00 28.17  ? 106 VAL A CB  1 
ATOM   206 C  CG1 . VAL A 1 28 ? -4.535  4.167   3.765   1.00 26.29  ? 106 VAL A CG1 1 
ATOM   207 C  CG2 . VAL A 1 28 ? -5.746  3.780   5.923   1.00 31.78  ? 106 VAL A CG2 1 
ATOM   208 N  N   . LEU A 1 29 ? -5.702  1.085   2.324   1.00 18.87  ? 107 LEU A N   1 
ATOM   209 C  CA  . LEU A 1 29 ? -5.384  0.469   1.045   1.00 17.96  ? 107 LEU A CA  1 
ATOM   210 C  C   . LEU A 1 29 ? -6.612  0.302   0.164   1.00 16.54  ? 107 LEU A C   1 
ATOM   211 O  O   . LEU A 1 29 ? -6.563  0.568   -1.034  1.00 19.76  ? 107 LEU A O   1 
ATOM   212 C  CB  . LEU A 1 29 ? -4.763  -0.903  1.282   1.00 25.31  ? 107 LEU A CB  1 
ATOM   213 C  CG  . LEU A 1 29 ? -3.395  -1.147  0.664   1.00 34.12  ? 107 LEU A CG  1 
ATOM   214 C  CD1 . LEU A 1 29 ? -2.426  -0.053  1.086   1.00 31.26  ? 107 LEU A CD1 1 
ATOM   215 C  CD2 . LEU A 1 29 ? -2.909  -2.529  1.101   1.00 25.96  ? 107 LEU A CD2 1 
ATOM   216 N  N   . ARG A 1 30 ? -7.698  -0.201  0.746   1.00 19.06  ? 108 ARG A N   1 
ATOM   217 C  CA  . ARG A 1 30 ? -8.950  -0.373  0.009   1.00 18.09  ? 108 ARG A CA  1 
ATOM   218 C  C   . ARG A 1 30 ? -9.414  0.971   -0.539  1.00 22.24  ? 108 ARG A C   1 
ATOM   219 O  O   . ARG A 1 30 ? -9.814  1.076   -1.701  1.00 20.65  ? 108 ARG A O   1 
ATOM   220 C  CB  . ARG A 1 30 ? -10.036 -0.956  0.915   1.00 26.35  ? 108 ARG A CB  1 
ATOM   221 C  CG  . ARG A 1 30 ? -11.364 -1.173  0.212   1.00 28.75  ? 108 ARG A CG  1 
ATOM   222 C  CD  . ARG A 1 30 ? -12.409 -1.712  1.181   1.00 35.43  ? 108 ARG A CD  1 
ATOM   223 N  NE  . ARG A 1 30 ? -11.911 -2.875  1.918   1.00 37.85  ? 108 ARG A NE  1 
ATOM   224 C  CZ  . ARG A 1 30 ? -11.864 -4.108  1.425   1.00 42.05  ? 108 ARG A CZ  1 
ATOM   225 N  NH1 . ARG A 1 30 ? -12.288 -4.348  0.190   1.00 47.62  ? 108 ARG A NH1 1 
ATOM   226 N  NH2 . ARG A 1 30 ? -11.390 -5.103  2.164   1.00 41.33  ? 108 ARG A NH2 1 
ATOM   227 N  N   . TRP A 1 31 ? -9.354  1.998   0.302   1.00 19.96  ? 109 TRP A N   1 
ATOM   228 C  CA  . TRP A 1 31 ? -9.760  3.336   -0.110  1.00 19.88  ? 109 TRP A CA  1 
ATOM   229 C  C   . TRP A 1 31 ? -8.937  3.811   -1.307  1.00 14.70  ? 109 TRP A C   1 
ATOM   230 O  O   . TRP A 1 31 ? -9.477  4.304   -2.299  1.00 19.83  ? 109 TRP A O   1 
ATOM   231 C  CB  . TRP A 1 31 ? -9.590  4.334   1.036   1.00 20.67  ? 109 TRP A CB  1 
ATOM   232 C  CG  . TRP A 1 31 ? -9.870  5.724   0.578   1.00 20.83  ? 109 TRP A CG  1 
ATOM   233 C  CD1 . TRP A 1 31 ? -8.975  6.683   0.240   1.00 23.50  ? 109 TRP A CD1 1 
ATOM   234 C  CD2 . TRP A 1 31 ? -11.177 6.269   0.344   1.00 19.89  ? 109 TRP A CD2 1 
ATOM   235 N  NE1 . TRP A 1 31 ? -9.630  7.825   -0.174  1.00 23.68  ? 109 TRP A NE1 1 
ATOM   236 C  CE2 . TRP A 1 31 ? -10.985 7.591   -0.117  1.00 23.88  ? 109 TRP A CE2 1 
ATOM   237 C  CE3 . TRP A 1 31 ? -12.470 5.789   0.487   1.00 22.29  ? 109 TRP A CE3 1 
ATOM   238 C  CZ2 . TRP A 1 31 ? -12.051 8.431   -0.427  1.00 23.51  ? 109 TRP A CZ2 1 
ATOM   239 C  CZ3 . TRP A 1 31 ? -13.532 6.615   0.179   1.00 27.12  ? 109 TRP A CZ3 1 
ATOM   240 C  CH2 . TRP A 1 31 ? -13.313 7.922   -0.271  1.00 25.00  ? 109 TRP A CH2 1 
ATOM   241 N  N   . ILE A 1 32 ? -7.625  3.697   -1.180  1.00 15.14  ? 110 ILE A N   1 
ATOM   242 C  CA  . ILE A 1 32 ? -6.702  4.063   -2.245  1.00 24.59  ? 110 ILE A CA  1 
ATOM   243 C  C   . ILE A 1 32 ? -7.031  3.366   -3.566  1.00 21.73  ? 110 ILE A C   1 
ATOM   244 O  O   . ILE A 1 32 ? -7.159  4.006   -4.614  1.00 23.70  ? 110 ILE A O   1 
ATOM   245 C  CB  . ILE A 1 32 ? -5.256  3.747   -1.819  1.00 23.62  ? 110 ILE A CB  1 
ATOM   246 C  CG1 . ILE A 1 32 ? -4.828  4.699   -0.690  1.00 20.99  ? 110 ILE A CG1 1 
ATOM   247 C  CG2 . ILE A 1 32 ? -4.318  3.842   -3.005  1.00 27.28  ? 110 ILE A CG2 1 
ATOM   248 C  CD1 . ILE A 1 32 ? -3.471  4.349   -0.091  1.00 28.86  ? 110 ILE A CD1 1 
ATOM   249 N  N   . LEU A 1 33 ? -7.191  2.050   -3.511  1.00 19.63  ? 111 LEU A N   1 
ATOM   250 C  CA  . LEU A 1 33 ? -7.446  1.264   -4.724  1.00 18.57  ? 111 LEU A CA  1 
ATOM   251 C  C   . LEU A 1 33 ? -8.805  1.553   -5.347  1.00 22.88  ? 111 LEU A C   1 
ATOM   252 O  O   . LEU A 1 33 ? -8.952  1.605   -6.581  1.00 24.74  ? 111 LEU A O   1 
ATOM   253 C  CB  . LEU A 1 33 ? -7.299  -0.228  -4.410  1.00 19.10  ? 111 LEU A CB  1 
ATOM   254 C  CG  . LEU A 1 33 ? -5.900  -0.616  -3.940  1.00 24.02  ? 111 LEU A CG  1 
ATOM   255 C  CD1 . LEU A 1 33 ? -5.847  -2.096  -3.590  1.00 18.84  ? 111 LEU A CD1 1 
ATOM   256 C  CD2 . LEU A 1 33 ? -4.876  -0.276  -5.019  1.00 28.75  ? 111 LEU A CD2 1 
ATOM   257 N  N   . LYS A 1 34 ? -9.805  1.739   -4.490  1.00 22.14  ? 112 LYS A N   1 
ATOM   258 C  CA  . LYS A 1 34 ? -11.150 2.023   -4.953  1.00 20.71  ? 112 LYS A CA  1 
ATOM   259 C  C   . LYS A 1 34 ? -11.234 3.409   -5.583  1.00 26.65  ? 112 LYS A C   1 
ATOM   260 O  O   . LYS A 1 34 ? -11.813 3.580   -6.660  1.00 28.60  ? 112 LYS A O   1 
ATOM   261 C  CB  . LYS A 1 34 ? -12.151 1.899   -3.800  1.00 25.20  ? 112 LYS A CB  1 
ATOM   262 C  CG  . LYS A 1 34 ? -13.601 2.137   -4.195  1.00 34.64  ? 112 LYS A CG  1 
ATOM   263 C  CD  . LYS A 1 34 ? -13.970 1.354   -5.447  1.00 38.97  ? 112 LYS A CD  1 
ATOM   264 C  CE  . LYS A 1 34 ? -15.480 1.308   -5.633  1.00 46.58  ? 112 LYS A CE  1 
ATOM   265 N  NZ  . LYS A 1 34 ? -16.130 2.610   -5.305  1.00 44.52  ? 112 LYS A NZ  1 
ATOM   266 N  N   . SER A 1 35 ? -10.684 4.408   -4.906  1.00 26.47  ? 113 SER A N   1 
ATOM   267 C  CA  . SER A 1 35 ? -10.822 5.776   -5.399  1.00 30.50  ? 113 SER A CA  1 
ATOM   268 C  C   . SER A 1 35 ? -9.816  6.189   -6.483  1.00 33.42  ? 113 SER A C   1 
ATOM   269 O  O   . SER A 1 35 ? -10.183 6.854   -7.451  1.00 35.51  ? 113 SER A O   1 
ATOM   270 C  CB  . SER A 1 35 ? -10.821 6.764   -4.234  1.00 24.38  ? 113 SER A CB  1 
ATOM   271 O  OG  . SER A 1 35 ? -9.679  6.580   -3.428  1.00 32.60  ? 113 SER A OG  1 
ATOM   272 N  N   . LEU A 1 36 ? -8.548  5.825   -6.307  1.00 29.43  ? 114 LEU A N   1 
ATOM   273 C  CA  . LEU A 1 36 ? -7.506  6.218   -7.258  1.00 32.03  ? 114 LEU A CA  1 
ATOM   274 C  C   . LEU A 1 36 ? -7.213  5.153   -8.320  1.00 35.59  ? 114 LEU A C   1 
ATOM   275 O  O   . LEU A 1 36 ? -6.565  5.431   -9.330  1.00 35.77  ? 114 LEU A O   1 
ATOM   276 C  CB  . LEU A 1 36 ? -6.217  6.604   -6.514  1.00 34.02  ? 114 LEU A CB  1 
ATOM   277 C  CG  . LEU A 1 36 ? -6.310  7.738   -5.493  1.00 38.65  ? 114 LEU A CG  1 
ATOM   278 C  CD1 . LEU A 1 36 ? -5.049  7.810   -4.636  1.00 38.67  ? 114 LEU A CD1 1 
ATOM   279 C  CD2 . LEU A 1 36 ? -6.565  9.071   -6.195  1.00 41.38  ? 114 LEU A CD2 1 
ATOM   280 N  N   . GLY A 1 37 ? -7.725  3.943   -8.107  1.00 37.42  ? 115 GLY A N   1 
ATOM   281 C  CA  . GLY A 1 37 ? -7.479  2.845   -9.025  1.00 45.90  ? 115 GLY A CA  1 
ATOM   282 C  C   . GLY A 1 37 ? -8.304  3.032   -10.280 1.00 57.22  ? 115 GLY A C   1 
ATOM   283 O  O   . GLY A 1 37 ? -9.327  3.715   -10.253 1.00 61.68  ? 115 GLY A O   1 
ATOM   284 N  N   . ASP A 1 38 ? -7.863  2.443   -11.386 1.00 63.23  ? 116 ASP A N   1 
ATOM   285 C  CA  . ASP A 1 38 ? -8.621  2.543   -12.623 1.00 70.16  ? 116 ASP A CA  1 
ATOM   286 C  C   . ASP A 1 38 ? -9.396  1.260   -12.897 1.00 67.39  ? 116 ASP A C   1 
ATOM   287 O  O   . ASP A 1 38 ? -8.817  0.239   -13.270 1.00 65.96  ? 116 ASP A O   1 
ATOM   288 C  CB  . ASP A 1 38 ? -7.699  2.879   -13.801 1.00 77.96  ? 116 ASP A CB  1 
ATOM   289 C  CG  . ASP A 1 38 ? -7.525  4.374   -13.998 1.00 83.47  ? 116 ASP A CG  1 
ATOM   290 O  OD1 . ASP A 1 38 ? -7.639  5.125   -13.008 1.00 84.91  ? 116 ASP A OD1 1 
ATOM   291 O  OD2 . ASP A 1 38 ? -7.277  4.798   -15.147 1.00 85.81  ? 116 ASP A OD2 1 
ATOM   292 N  N   . GLU A 1 39 ? -10.711 1.335   -12.721 1.00 66.90  ? 117 GLU A N   1 
ATOM   293 C  CA  . GLU A 1 39 ? -11.605 0.213   -12.994 1.00 66.22  ? 117 GLU A CA  1 
ATOM   294 C  C   . GLU A 1 39 ? -11.096 -1.138  -12.475 1.00 60.23  ? 117 GLU A C   1 
ATOM   295 O  O   . GLU A 1 39 ? -11.129 -2.141  -13.189 1.00 61.07  ? 117 GLU A O   1 
ATOM   296 C  CB  . GLU A 1 39 ? -11.956 0.126   -14.484 1.00 73.74  ? 117 GLU A CB  1 
ATOM   297 C  CG  . GLU A 1 39 ? -12.961 -0.988  -14.801 1.00 80.55  ? 117 GLU A CG  1 
ATOM   298 C  CD  . GLU A 1 39 ? -13.785 -0.723  -16.046 1.00 83.01  ? 117 GLU A CD  1 
ATOM   299 O  OE1 . GLU A 1 39 ? -13.313 0.019   -16.936 1.00 84.91  ? 117 GLU A OE1 1 
ATOM   300 O  OE2 . GLU A 1 39 ? -14.913 -1.255  -16.129 1.00 82.07  ? 117 GLU A OE2 1 
ATOM   301 N  N   . LEU A 1 40 ? -10.612 -1.163  -11.239 1.00 49.39  ? 118 LEU A N   1 
ATOM   302 C  CA  . LEU A 1 40 ? -10.271 -2.429  -10.600 1.00 38.64  ? 118 LEU A CA  1 
ATOM   303 C  C   . LEU A 1 40 ? -11.555 -3.121  -10.151 1.00 35.36  ? 118 LEU A C   1 
ATOM   304 O  O   . LEU A 1 40 ? -12.472 -2.457  -9.681  1.00 40.17  ? 118 LEU A O   1 
ATOM   305 C  CB  . LEU A 1 40 ? -9.360  -2.191  -9.390  1.00 28.65  ? 118 LEU A CB  1 
ATOM   306 C  CG  . LEU A 1 40 ? -7.959  -1.643  -9.673  1.00 28.46  ? 118 LEU A CG  1 
ATOM   307 C  CD1 . LEU A 1 40 ? -7.245  -1.231  -8.392  1.00 22.04  ? 118 LEU A CD1 1 
ATOM   308 C  CD2 . LEU A 1 40 ? -7.146  -2.683  -10.435 1.00 36.32  ? 118 LEU A CD2 1 
ATOM   309 N  N   . THR A 1 41 ? -11.634 -4.443  -10.299 1.00 38.02  ? 119 THR A N   1 
ATOM   310 C  CA  . THR A 1 41 ? -12.758 -5.198  -9.728  1.00 37.49  ? 119 THR A CA  1 
ATOM   311 C  C   . THR A 1 41 ? -12.601 -5.322  -8.214  1.00 33.63  ? 119 THR A C   1 
ATOM   312 O  O   . THR A 1 41 ? -11.518 -5.093  -7.675  1.00 29.94  ? 119 THR A O   1 
ATOM   313 C  CB  . THR A 1 41 ? -12.928 -6.611  -10.351 1.00 34.27  ? 119 THR A CB  1 
ATOM   314 O  OG1 . THR A 1 41 ? -11.855 -7.468  -9.937  1.00 32.00  ? 119 THR A OG1 1 
ATOM   315 C  CG2 . THR A 1 41 ? -12.961 -6.531  -11.869 1.00 41.43  ? 119 THR A CG2 1 
ATOM   316 N  N   . GLU A 1 42 ? -13.680 -5.653  -7.515  1.00 30.34  ? 120 GLU A N   1 
ATOM   317 C  CA  . GLU A 1 42 ? -13.566 -5.842  -6.075  1.00 32.10  ? 120 GLU A CA  1 
ATOM   318 C  C   . GLU A 1 42 ? -12.664 -7.027  -5.718  1.00 28.62  ? 120 GLU A C   1 
ATOM   319 O  O   . GLU A 1 42 ? -11.955 -6.986  -4.710  1.00 29.81  ? 120 GLU A O   1 
ATOM   320 C  CB  . GLU A 1 42 ? -14.940 -5.952  -5.400  1.00 41.29  ? 120 GLU A CB  1 
ATOM   321 C  CG  . GLU A 1 42 ? -15.725 -7.200  -5.725  1.00 55.45  ? 120 GLU A CG  1 
ATOM   322 C  CD  . GLU A 1 42 ? -17.124 -7.173  -5.121  1.00 62.04  ? 120 GLU A CD  1 
ATOM   323 O  OE1 . GLU A 1 42 ? -17.451 -6.178  -4.431  1.00 56.49  ? 120 GLU A OE1 1 
ATOM   324 O  OE2 . GLU A 1 42 ? -17.891 -8.142  -5.341  1.00 67.00  ? 120 GLU A OE2 1 
ATOM   325 N  N   . ASP A 1 43 ? -12.679 -8.075  -6.540  1.00 29.93  ? 121 ASP A N   1 
ATOM   326 C  CA  . ASP A 1 43 ? -11.817 -9.228  -6.287  1.00 26.92  ? 121 ASP A CA  1 
ATOM   327 C  C   . ASP A 1 43 ? -10.335 -8.900  -6.511  1.00 26.84  ? 121 ASP A C   1 
ATOM   328 O  O   . ASP A 1 43 ? -9.474  -9.384  -5.781  1.00 28.01  ? 121 ASP A O   1 
ATOM   329 C  CB  . ASP A 1 43 ? -12.258 -10.449 -7.116  1.00 29.97  ? 121 ASP A CB  1 
ATOM   330 C  CG  . ASP A 1 43 ? -13.445 -11.178 -6.497  1.00 36.20  ? 121 ASP A CG  1 
ATOM   331 O  OD1 . ASP A 1 43 ? -13.948 -10.716 -5.445  1.00 38.21  ? 121 ASP A OD1 1 
ATOM   332 O  OD2 . ASP A 1 43 ? -13.880 -12.210 -7.066  1.00 42.32  ? 121 ASP A OD2 1 
ATOM   333 N  N   . GLU A 1 44 ? -10.043 -8.081  -7.517  1.00 26.37  ? 122 GLU A N   1 
ATOM   334 C  CA  . GLU A 1 44 ? -8.678  -7.611  -7.757  1.00 28.66  ? 122 GLU A CA  1 
ATOM   335 C  C   . GLU A 1 44 ? -8.198  -6.715  -6.625  1.00 25.35  ? 122 GLU A C   1 
ATOM   336 O  O   . GLU A 1 44 ? -7.045  -6.800  -6.203  1.00 24.10  ? 122 GLU A O   1 
ATOM   337 C  CB  . GLU A 1 44 ? -8.590  -6.840  -9.073  1.00 27.60  ? 122 GLU A CB  1 
ATOM   338 C  CG  . GLU A 1 44 ? -8.815  -7.708  -10.301 1.00 34.12  ? 122 GLU A CG  1 
ATOM   339 C  CD  . GLU A 1 44 ? -8.825  -6.903  -11.587 1.00 39.13  ? 122 GLU A CD  1 
ATOM   340 O  OE1 . GLU A 1 44 ? -8.558  -7.489  -12.659 1.00 46.29  ? 122 GLU A OE1 1 
ATOM   341 O  OE2 . GLU A 1 44 ? -9.101  -5.686  -11.522 1.00 40.32  ? 122 GLU A OE2 1 
ATOM   342 N  N   . ILE A 1 45 ? -9.077  -5.842  -6.148  1.00 26.07  ? 123 ILE A N   1 
ATOM   343 C  CA  . ILE A 1 45 ? -8.753  -5.035  -4.977  1.00 26.68  ? 123 ILE A CA  1 
ATOM   344 C  C   . ILE A 1 45 ? -8.445  -5.938  -3.780  1.00 28.20  ? 123 ILE A C   1 
ATOM   345 O  O   . ILE A 1 45 ? -7.435  -5.754  -3.106  1.00 21.75  ? 123 ILE A O   1 
ATOM   346 C  CB  . ILE A 1 45 ? -9.869  -4.031  -4.637  1.00 23.46  ? 123 ILE A CB  1 
ATOM   347 C  CG1 . ILE A 1 45 ? -9.975  -2.963  -5.734  1.00 23.20  ? 123 ILE A CG1 1 
ATOM   348 C  CG2 . ILE A 1 45 ? -9.595  -3.379  -3.289  1.00 21.52  ? 123 ILE A CG2 1 
ATOM   349 C  CD1 . ILE A 1 45 ? -11.142 -2.010  -5.557  1.00 26.96  ? 123 ILE A CD1 1 
ATOM   350 N  N   . GLU A 1 46 ? -9.291  -6.934  -3.527  1.00 25.30  ? 124 GLU A N   1 
ATOM   351 C  CA  . GLU A 1 46 ? -9.046  -7.848  -2.408  1.00 26.21  ? 124 GLU A CA  1 
ATOM   352 C  C   . GLU A 1 46 ? -7.726  -8.595  -2.591  1.00 24.00  ? 124 GLU A C   1 
ATOM   353 O  O   . GLU A 1 46 ? -7.037  -8.886  -1.622  1.00 25.73  ? 124 GLU A O   1 
ATOM   354 C  CB  . GLU A 1 46 ? -10.198 -8.852  -2.229  1.00 27.39  ? 124 GLU A CB  1 
ATOM   355 C  CG  . GLU A 1 46 ? -11.506 -8.229  -1.751  1.00 34.86  ? 124 GLU A CG  1 
ATOM   356 C  CD  . GLU A 1 46 ? -11.503 -7.889  -0.271  1.00 46.28  ? 124 GLU A CD  1 
ATOM   357 O  OE1 . GLU A 1 46 ? -10.630 -8.400  0.466   1.00 49.84  ? 124 GLU A OE1 1 
ATOM   358 O  OE2 . GLU A 1 46 ? -12.382 -7.110  0.158   1.00 52.19  ? 124 GLU A OE2 1 
ATOM   359 N  N   . ASN A 1 47 ? -7.386  -8.909  -3.835  1.00 25.45  ? 125 ASN A N   1 
ATOM   360 C  CA  . ASN A 1 47 ? -6.147  -9.623  -4.128  1.00 28.48  ? 125 ASN A CA  1 
ATOM   361 C  C   . ASN A 1 47 ? -4.920  -8.762  -3.848  1.00 28.51  ? 125 ASN A C   1 
ATOM   362 O  O   . ASN A 1 47 ? -3.922  -9.240  -3.304  1.00 28.12  ? 125 ASN A O   1 
ATOM   363 C  CB  . ASN A 1 47 ? -6.136  -10.095 -5.583  1.00 33.98  ? 125 ASN A CB  1 
ATOM   364 C  CG  . ASN A 1 47 ? -5.000  -11.057 -5.872  1.00 36.94  ? 125 ASN A CG  1 
ATOM   365 O  OD1 . ASN A 1 47 ? -4.684  -11.930 -5.059  1.00 39.93  ? 125 ASN A OD1 1 
ATOM   366 N  ND2 . ASN A 1 47 ? -4.373  -10.898 -7.036  1.00 38.24  ? 125 ASN A ND2 1 
ATOM   367 N  N   . MET A 1 48 ? -5.005  -7.486  -4.213  1.00 22.90  ? 126 MET A N   1 
ATOM   368 C  CA  . MET A 1 48 ? -3.901  -6.557  -3.991  1.00 22.82  ? 126 MET A CA  1 
ATOM   369 C  C   . MET A 1 48 ? -3.728  -6.276  -2.501  1.00 24.89  ? 126 MET A C   1 
ATOM   370 O  O   . MET A 1 48 ? -2.607  -6.142  -2.006  1.00 22.95  ? 126 MET A O   1 
ATOM   371 C  CB  . MET A 1 48 ? -4.117  -5.271  -4.788  1.00 20.21  ? 126 MET A CB  1 
ATOM   372 C  CG  . MET A 1 48 ? -4.079  -5.492  -6.301  1.00 28.99  ? 126 MET A CG  1 
ATOM   373 S  SD  . MET A 1 48 ? -4.846  -4.201  -7.304  1.00 31.56  ? 126 MET A SD  1 
ATOM   374 C  CE  . MET A 1 48 ? -3.576  -2.938  -7.294  1.00 30.20  ? 126 MET A CE  1 
ATOM   375 N  N   . ILE A 1 49 ? -4.845  -6.207  -1.782  1.00 21.30  ? 127 ILE A N   1 
ATOM   376 C  CA  . ILE A 1 49 ? -4.798  -6.132  -0.327  1.00 20.24  ? 127 ILE A CA  1 
ATOM   377 C  C   . ILE A 1 49 ? -4.098  -7.360  0.269   1.00 21.89  ? 127 ILE A C   1 
ATOM   378 O  O   . ILE A 1 49 ? -3.194  -7.241  1.097   1.00 25.91  ? 127 ILE A O   1 
ATOM   379 C  CB  . ILE A 1 49 ? -6.207  -5.987  0.275   1.00 27.50  ? 127 ILE A CB  1 
ATOM   380 C  CG1 . ILE A 1 49 ? -6.783  -4.605  -0.052  1.00 24.12  ? 127 ILE A CG1 1 
ATOM   381 C  CG2 . ILE A 1 49 ? -6.157  -6.176  1.779   1.00 28.16  ? 127 ILE A CG2 1 
ATOM   382 C  CD1 . ILE A 1 49 ? -8.207  -4.422  0.427   1.00 27.97  ? 127 ILE A CD1 1 
ATOM   383 N  N   . ALA A 1 50 ? -4.506  -8.549  -0.171  1.00 21.19  ? 128 ALA A N   1 
ATOM   384 C  CA  . ALA A 1 50 ? -3.928  -9.776  0.353   1.00 24.01  ? 128 ALA A CA  1 
ATOM   385 C  C   . ALA A 1 50 ? -2.433  -9.879  0.052   1.00 25.18  ? 128 ALA A C   1 
ATOM   386 O  O   . ALA A 1 50 ? -1.668  -10.440 0.842   1.00 28.23  ? 128 ALA A O   1 
ATOM   387 C  CB  . ALA A 1 50 ? -4.671  -10.983 -0.213  1.00 30.11  ? 128 ALA A CB  1 
ATOM   388 N  N   . GLU A 1 51 ? -2.029  -9.343  -1.092  1.00 29.08  ? 129 GLU A N   1 
ATOM   389 C  CA  . GLU A 1 51 ? -0.629  -9.329  -1.513  1.00 36.91  ? 129 GLU A CA  1 
ATOM   390 C  C   . GLU A 1 51 ? 0.211   -8.477  -0.565  1.00 32.17  ? 129 GLU A C   1 
ATOM   391 O  O   . GLU A 1 51 ? 1.403   -8.722  -0.367  1.00 32.82  ? 129 GLU A O   1 
ATOM   392 C  CB  . GLU A 1 51 ? -0.524  -8.783  -2.944  1.00 44.90  ? 129 GLU A CB  1 
ATOM   393 C  CG  . GLU A 1 51 ? 0.840   -8.212  -3.325  1.00 49.91  ? 129 GLU A CG  1 
ATOM   394 C  CD  . GLU A 1 51 ? 1.815   -9.269  -3.816  1.00 52.92  ? 129 GLU A CD  1 
ATOM   395 O  OE1 . GLU A 1 51 ? 1.470   -10.472 -3.775  1.00 53.89  ? 129 GLU A OE1 1 
ATOM   396 O  OE2 . GLU A 1 51 ? 2.928   -8.886  -4.246  1.00 51.04  ? 129 GLU A OE2 1 
ATOM   397 N  N   . THR A 1 52 ? -0.426  -7.478  0.021   1.00 26.78  ? 130 THR A N   1 
ATOM   398 C  CA  . THR A 1 52 ? 0.243   -6.538  0.914   1.00 27.79  ? 130 THR A CA  1 
ATOM   399 C  C   . THR A 1 52 ? 0.210   -7.030  2.355   1.00 29.74  ? 130 THR A C   1 
ATOM   400 O  O   . THR A 1 52 ? 1.244   -7.133  3.021   1.00 29.68  ? 130 THR A O   1 
ATOM   401 C  CB  . THR A 1 52 ? -0.361  -5.135  0.840   1.00 25.21  ? 130 THR A CB  1 
ATOM   402 O  OG1 . THR A 1 52 ? -0.529  -4.754  -0.530  1.00 25.91  ? 130 THR A OG1 1 
ATOM   403 C  CG2 . THR A 1 52 ? 0.559   -4.137  1.529   1.00 24.69  ? 130 THR A CG2 1 
ATOM   404 N  N   . ASP A 1 53 ? -1.001  -7.261  2.852   1.00 26.97  ? 131 ASP A N   1 
ATOM   405 C  CA  . ASP A 1 53 ? -1.171  -7.712  4.214   1.00 25.01  ? 131 ASP A CA  1 
ATOM   406 C  C   . ASP A 1 53 ? -1.110  -9.228  4.126   1.00 33.43  ? 131 ASP A C   1 
ATOM   407 O  O   . ASP A 1 53 ? -2.112  -9.912  3.874   1.00 37.00  ? 131 ASP A O   1 
ATOM   408 C  CB  . ASP A 1 53 ? -2.553  -7.241  4.686   1.00 28.17  ? 131 ASP A CB  1 
ATOM   409 C  CG  . ASP A 1 53 ? -2.988  -7.888  5.981   1.00 25.45  ? 131 ASP A CG  1 
ATOM   410 O  OD1 . ASP A 1 53 ? -2.104  -8.268  6.761   1.00 25.14  ? 131 ASP A OD1 1 
ATOM   411 O  OD2 . ASP A 1 53 ? -4.213  -8.015  6.220   1.00 25.88  ? 131 ASP A OD2 1 
ATOM   412 N  N   . THR A 1 54 ? 0.062   -9.763  4.429   1.00 28.92  ? 132 THR A N   1 
ATOM   413 C  CA  . THR A 1 54 ? 0.329   -11.153 4.077   1.00 34.68  ? 132 THR A CA  1 
ATOM   414 C  C   . THR A 1 54 ? -0.135  -12.136 5.144   1.00 34.75  ? 132 THR A C   1 
ATOM   415 O  O   . THR A 1 54 ? -0.314  -13.332 4.875   1.00 34.11  ? 132 THR A O   1 
ATOM   416 C  CB  . THR A 1 54 ? 1.818   -11.368 3.710   1.00 44.50  ? 132 THR A CB  1 
ATOM   417 O  OG1 . THR A 1 54 ? 2.652   -10.756 4.701   1.00 46.29  ? 132 THR A OG1 1 
ATOM   418 C  CG2 . THR A 1 54 ? 2.124   -10.729 2.356   1.00 45.41  ? 132 THR A CG2 1 
ATOM   419 N  N   . ASP A 1 55 ? -0.351  -11.640 6.357   1.00 30.47  ? 133 ASP A N   1 
ATOM   420 C  CA  . ASP A 1 55 ? -0.852  -12.515 7.414   1.00 31.67  ? 133 ASP A CA  1 
ATOM   421 C  C   . ASP A 1 55 ? -2.367  -12.419 7.632   1.00 35.17  ? 133 ASP A C   1 
ATOM   422 O  O   . ASP A 1 55 ? -2.916  -13.082 8.510   1.00 41.48  ? 133 ASP A O   1 
ATOM   423 C  CB  . ASP A 1 55 ? -0.053  -12.373 8.720   1.00 31.91  ? 133 ASP A CB  1 
ATOM   424 C  CG  . ASP A 1 55 ? 0.025   -10.945 9.212   1.00 31.59  ? 133 ASP A CG  1 
ATOM   425 O  OD1 . ASP A 1 55 ? -0.812  -10.139 8.782   1.00 23.29  ? 133 ASP A OD1 1 
ATOM   426 O  OD2 . ASP A 1 55 ? 0.920   -10.628 10.023  1.00 34.24  ? 133 ASP A OD2 1 
ATOM   427 N  N   . GLY A 1 56 ? -3.036  -11.606 6.818   1.00 32.76  ? 134 GLY A N   1 
ATOM   428 C  CA  . GLY A 1 56 ? -4.474  -11.424 6.929   1.00 38.14  ? 134 GLY A CA  1 
ATOM   429 C  C   . GLY A 1 56 ? -4.896  -10.830 8.261   1.00 39.39  ? 134 GLY A C   1 
ATOM   430 O  O   . GLY A 1 56 ? -5.968  -11.136 8.777   1.00 40.79  ? 134 GLY A O   1 
ATOM   431 N  N   . SER A 1 57 ? -4.048  -9.977  8.823   1.00 36.34  ? 135 SER A N   1 
ATOM   432 C  CA  . SER A 1 57 ? -4.339  -9.384  10.125  1.00 35.06  ? 135 SER A CA  1 
ATOM   433 C  C   . SER A 1 57 ? -5.243  -8.164  9.989   1.00 34.32  ? 135 SER A C   1 
ATOM   434 O  O   . SER A 1 57 ? -5.779  -7.658  10.979  1.00 33.64  ? 135 SER A O   1 
ATOM   435 C  CB  . SER A 1 57 ? -3.043  -9.018  10.856  1.00 31.52  ? 135 SER A CB  1 
ATOM   436 O  OG  . SER A 1 57 ? -2.449  -7.851  10.301  1.00 28.04  ? 135 SER A OG  1 
ATOM   437 N  N   . GLY A 1 58 ? -5.412  -7.695  8.752   1.00 29.38  ? 136 GLY A N   1 
ATOM   438 C  CA  . GLY A 1 58 ? -6.194  -6.504  8.485   1.00 26.42  ? 136 GLY A CA  1 
ATOM   439 C  C   . GLY A 1 58 ? -5.383  -5.243  8.730   1.00 26.11  ? 136 GLY A C   1 
ATOM   440 O  O   . GLY A 1 58 ? -5.916  -4.138  8.723   1.00 25.29  ? 136 GLY A O   1 
ATOM   441 N  N   . THR A 1 59 ? -4.085  -5.414  8.954   1.00 23.50  ? 137 THR A N   1 
ATOM   442 C  CA  . THR A 1 59 ? -3.190  -4.283  9.163   1.00 22.40  ? 137 THR A CA  1 
ATOM   443 C  C   . THR A 1 59 ? -1.884  -4.553  8.425   1.00 25.02  ? 137 THR A C   1 
ATOM   444 O  O   . THR A 1 59 ? -1.438  -5.695  8.338   1.00 21.41  ? 137 THR A O   1 
ATOM   445 C  CB  . THR A 1 59 ? -2.861  -4.111  10.650  1.00 23.37  ? 137 THR A CB  1 
ATOM   446 O  OG1 . THR A 1 59 ? -2.324  -5.340  11.155  1.00 27.76  ? 137 THR A OG1 1 
ATOM   447 C  CG2 . THR A 1 59 ? -4.108  -3.755  11.436  1.00 30.62  ? 137 THR A CG2 1 
ATOM   448 N  N   . VAL A 1 60 ? -1.263  -3.511  7.904   1.00 21.88  ? 138 VAL A N   1 
ATOM   449 C  CA  . VAL A 1 60 ? 0.013   -3.673  7.216   1.00 22.65  ? 138 VAL A CA  1 
ATOM   450 C  C   . VAL A 1 60 ? 1.120   -3.169  8.127   1.00 25.17  ? 138 VAL A C   1 
ATOM   451 O  O   . VAL A 1 60 ? 1.199   -1.971  8.388   1.00 23.10  ? 138 VAL A O   1 
ATOM   452 C  CB  . VAL A 1 60 ? 0.027   -2.884  5.886   1.00 22.69  ? 138 VAL A CB  1 
ATOM   453 C  CG1 . VAL A 1 60 ? 1.377   -3.016  5.198   1.00 20.68  ? 138 VAL A CG1 1 
ATOM   454 C  CG2 . VAL A 1 60 ? -1.085  -3.379  4.959   1.00 24.75  ? 138 VAL A CG2 1 
ATOM   455 N  N   . ASP A 1 61 ? 1.966   -4.064  8.635   1.00 23.06  ? 139 ASP A N   1 
ATOM   456 C  CA  . ASP A 1 61 ? 3.065   -3.591  9.480   1.00 23.34  ? 139 ASP A CA  1 
ATOM   457 C  C   . ASP A 1 61 ? 4.229   -3.111  8.610   1.00 22.30  ? 139 ASP A C   1 
ATOM   458 O  O   . ASP A 1 61 ? 4.184   -3.237  7.383   1.00 22.48  ? 139 ASP A O   1 
ATOM   459 C  CB  . ASP A 1 61 ? 3.488   -4.642  10.530  1.00 26.92  ? 139 ASP A CB  1 
ATOM   460 C  CG  . ASP A 1 61 ? 3.934   -5.957  9.914   1.00 30.43  ? 139 ASP A CG  1 
ATOM   461 O  OD1 . ASP A 1 61 ? 4.796   -5.940  9.011   1.00 30.83  ? 139 ASP A OD1 1 
ATOM   462 O  OD2 . ASP A 1 61 ? 3.424   -7.016  10.344  1.00 32.18  ? 139 ASP A OD2 1 
ATOM   463 N  N   . TYR A 1 62 ? 5.267   -2.548  9.221   1.00 26.30  ? 140 TYR A N   1 
ATOM   464 C  CA  . TYR A 1 62 ? 6.320   -1.924  8.416   1.00 26.07  ? 140 TYR A CA  1 
ATOM   465 C  C   . TYR A 1 62 ? 7.090   -2.951  7.591   1.00 19.57  ? 140 TYR A C   1 
ATOM   466 O  O   . TYR A 1 62 ? 7.515   -2.674  6.469   1.00 23.80  ? 140 TYR A O   1 
ATOM   467 C  CB  . TYR A 1 62 ? 7.285   -1.099  9.274   1.00 28.40  ? 140 TYR A CB  1 
ATOM   468 C  CG  . TYR A 1 62 ? 8.373   -0.427  8.461   1.00 27.15  ? 140 TYR A CG  1 
ATOM   469 C  CD1 . TYR A 1 62 ? 9.684   -0.890  8.504   1.00 30.42  ? 140 TYR A CD1 1 
ATOM   470 C  CD2 . TYR A 1 62 ? 8.089   0.660   7.649   1.00 27.63  ? 140 TYR A CD2 1 
ATOM   471 C  CE1 . TYR A 1 62 ? 10.681  -0.282  7.759   1.00 28.73  ? 140 TYR A CE1 1 
ATOM   472 C  CE2 . TYR A 1 62 ? 9.078   1.271   6.894   1.00 24.68  ? 140 TYR A CE2 1 
ATOM   473 C  CZ  . TYR A 1 62 ? 10.373  0.798   6.962   1.00 25.00  ? 140 TYR A CZ  1 
ATOM   474 O  OH  . TYR A 1 62 ? 11.359  1.402   6.217   1.00 30.53  ? 140 TYR A OH  1 
ATOM   475 N  N   . GLU A 1 63 ? 7.257   -4.146  8.141   1.00 23.59  ? 141 GLU A N   1 
ATOM   476 C  CA  . GLU A 1 63 ? 7.958   -5.189  7.410   1.00 26.19  ? 141 GLU A CA  1 
ATOM   477 C  C   . GLU A 1 63 ? 7.176   -5.596  6.164   1.00 24.78  ? 141 GLU A C   1 
ATOM   478 O  O   . GLU A 1 63 ? 7.753   -5.803  5.099   1.00 27.26  ? 141 GLU A O   1 
ATOM   479 C  CB  . GLU A 1 63 ? 8.219   -6.397  8.306   1.00 36.46  ? 141 GLU A CB  1 
ATOM   480 C  CG  . GLU A 1 63 ? 9.023   -7.483  7.640   1.00 51.33  ? 141 GLU A CG  1 
ATOM   481 C  CD  . GLU A 1 63 ? 9.277   -8.653  8.564   1.00 64.40  ? 141 GLU A CD  1 
ATOM   482 O  OE1 . GLU A 1 63 ? 10.064  -8.492  9.523   1.00 66.87  ? 141 GLU A OE1 1 
ATOM   483 O  OE2 . GLU A 1 63 ? 8.681   -9.728  8.336   1.00 70.09  ? 141 GLU A OE2 1 
ATOM   484 N  N   . GLU A 1 64 ? 5.860   -5.702  6.295   1.00 24.43  ? 142 GLU A N   1 
ATOM   485 C  CA  . GLU A 1 64 ? 5.013   -6.026  5.149   1.00 23.41  ? 142 GLU A CA  1 
ATOM   486 C  C   . GLU A 1 64 ? 5.071   -4.904  4.127   1.00 19.46  ? 142 GLU A C   1 
ATOM   487 O  O   . GLU A 1 64 ? 5.108   -5.133  2.918   1.00 20.59  ? 142 GLU A O   1 
ATOM   488 C  CB  . GLU A 1 64 ? 3.569   -6.255  5.589   1.00 22.83  ? 142 GLU A CB  1 
ATOM   489 C  CG  . GLU A 1 64 ? 3.386   -7.485  6.445   1.00 29.32  ? 142 GLU A CG  1 
ATOM   490 C  CD  . GLU A 1 64 ? 1.989   -7.595  6.971   1.00 29.05  ? 142 GLU A CD  1 
ATOM   491 O  OE1 . GLU A 1 64 ? 1.393   -6.539  7.290   1.00 24.44  ? 142 GLU A OE1 1 
ATOM   492 O  OE2 . GLU A 1 64 ? 1.472   -8.729  7.035   1.00 28.83  ? 142 GLU A OE2 1 
ATOM   493 N  N   . PHE A 1 65 ? 5.086   -3.679  4.629   1.00 18.54  ? 143 PHE A N   1 
ATOM   494 C  CA  . PHE A 1 65 ? 5.114   -2.514  3.766   1.00 19.07  ? 143 PHE A CA  1 
ATOM   495 C  C   . PHE A 1 65 ? 6.423   -2.497  2.974   1.00 17.95  ? 143 PHE A C   1 
ATOM   496 O  O   . PHE A 1 65 ? 6.430   -2.253  1.769   1.00 20.16  ? 143 PHE A O   1 
ATOM   497 C  CB  . PHE A 1 65 ? 4.970   -1.249  4.611   1.00 18.04  ? 143 PHE A CB  1 
ATOM   498 C  CG  . PHE A 1 65 ? 4.757   -0.002  3.807   1.00 16.67  ? 143 PHE A CG  1 
ATOM   499 C  CD1 . PHE A 1 65 ? 3.651   0.126   2.988   1.00 17.80  ? 143 PHE A CD1 1 
ATOM   500 C  CD2 . PHE A 1 65 ? 5.661   1.058   3.889   1.00 19.71  ? 143 PHE A CD2 1 
ATOM   501 C  CE1 . PHE A 1 65 ? 3.447   1.295   2.245   1.00 22.67  ? 143 PHE A CE1 1 
ATOM   502 C  CE2 . PHE A 1 65 ? 5.468   2.217   3.149   1.00 19.34  ? 143 PHE A CE2 1 
ATOM   503 C  CZ  . PHE A 1 65 ? 4.356   2.336   2.333   1.00 22.77  ? 143 PHE A CZ  1 
ATOM   504 N  N   . LYS A 1 66 ? 7.529   -2.789  3.657   1.00 20.53  ? 144 LYS A N   1 
ATOM   505 C  CA  . LYS A 1 66 ? 8.842   -2.776  3.023   1.00 23.02  ? 144 LYS A CA  1 
ATOM   506 C  C   . LYS A 1 66 ? 8.957   -3.866  1.967   1.00 26.67  ? 144 LYS A C   1 
ATOM   507 O  O   . LYS A 1 66 ? 9.501   -3.646  0.879   1.00 30.44  ? 144 LYS A O   1 
ATOM   508 C  CB  . LYS A 1 66 ? 9.948   -2.921  4.075   1.00 27.06  ? 144 LYS A CB  1 
ATOM   509 C  CG  . LYS A 1 66 ? 11.343  -2.852  3.498   1.00 36.66  ? 144 LYS A CG  1 
ATOM   510 C  CD  . LYS A 1 66 ? 12.405  -2.745  4.579   1.00 44.44  ? 144 LYS A CD  1 
ATOM   511 C  CE  . LYS A 1 66 ? 13.782  -2.587  3.949   1.00 51.15  ? 144 LYS A CE  1 
ATOM   512 N  NZ  . LYS A 1 66 ? 14.866  -2.468  4.963   1.00 56.26  ? 144 LYS A NZ  1 
ATOM   513 N  N   . CYS A 1 67 ? 8.435   -5.041  2.293   1.00 27.22  ? 145 CYS A N   1 
ATOM   514 C  CA  . CYS A 1 67 ? 8.439   -6.169  1.368   1.00 30.85  ? 145 CYS A CA  1 
ATOM   515 C  C   . CYS A 1 67 ? 7.764   -5.792  0.058   1.00 26.17  ? 145 CYS A C   1 
ATOM   516 O  O   . CYS A 1 67 ? 8.261   -6.111  -1.018  1.00 32.91  ? 145 CYS A O   1 
ATOM   517 C  CB  . CYS A 1 67 ? 7.730   -7.373  1.987   1.00 34.91  ? 145 CYS A CB  1 
ATOM   518 S  SG  . CYS A 1 67 ? 8.732   -8.283  3.188   1.00 52.89  ? 145 CYS A SG  1 
ATOM   519 N  N   . LEU A 1 68 ? 6.623   -5.117  0.153   1.00 22.15  ? 146 LEU A N   1 
ATOM   520 C  CA  . LEU A 1 68 ? 5.900   -4.703  -1.044  1.00 22.71  ? 146 LEU A CA  1 
ATOM   521 C  C   . LEU A 1 68 ? 6.694   -3.653  -1.797  1.00 23.33  ? 146 LEU A C   1 
ATOM   522 O  O   . LEU A 1 68 ? 6.938   -3.767  -3.003  1.00 21.36  ? 146 LEU A O   1 
ATOM   523 C  CB  . LEU A 1 68 ? 4.527   -4.134  -0.683  1.00 20.39  ? 146 LEU A CB  1 
ATOM   524 C  CG  . LEU A 1 68 ? 3.823   -3.380  -1.825  1.00 17.95  ? 146 LEU A CG  1 
ATOM   525 C  CD1 . LEU A 1 68 ? 3.517   -4.325  -3.001  1.00 24.47  ? 146 LEU A CD1 1 
ATOM   526 C  CD2 . LEU A 1 68 ? 2.551   -2.726  -1.328  1.00 19.42  ? 146 LEU A CD2 1 
ATOM   527 N  N   . MET A 1 69 ? 7.111   -2.623  -1.071  1.00 23.52  ? 147 MET A N   1 
ATOM   528 C  CA  . MET A 1 69 ? 7.630   -1.432  -1.717  1.00 26.71  ? 147 MET A CA  1 
ATOM   529 C  C   . MET A 1 69 ? 9.057   -1.576  -2.252  1.00 29.42  ? 147 MET A C   1 
ATOM   530 O  O   . MET A 1 69 ? 9.397   -0.991  -3.280  1.00 34.41  ? 147 MET A O   1 
ATOM   531 C  CB  . MET A 1 69 ? 7.499   -0.236  -0.773  1.00 22.70  ? 147 MET A CB  1 
ATOM   532 C  CG  . MET A 1 69 ? 6.054   0.047   -0.348  1.00 19.73  ? 147 MET A CG  1 
ATOM   533 S  SD  . MET A 1 69 ? 4.941   0.428   -1.725  1.00 25.16  ? 147 MET A SD  1 
ATOM   534 C  CE  . MET A 1 69 ? 5.798   1.811   -2.463  1.00 28.92  ? 147 MET A CE  1 
ATOM   535 N  N   . MET A 1 70 ? 9.896   -2.332  -1.552  1.00 23.58  ? 148 MET A N   1 
ATOM   536 C  CA  . MET A 1 70 ? 11.296  -2.465  -1.955  1.00 23.47  ? 148 MET A CA  1 
ATOM   537 C  C   . MET A 1 70 ? 11.659  -3.751  -2.716  1.00 34.79  ? 148 MET A C   1 
ATOM   538 O  O   . MET A 1 70 ? 12.813  -3.963  -3.079  1.00 35.14  ? 148 MET A O   1 
ATOM   539 C  CB  . MET A 1 70 ? 12.236  -2.174  -0.773  1.00 29.10  ? 148 MET A CB  1 
ATOM   540 C  CG  . MET A 1 70 ? 12.193  -0.692  -0.368  1.00 32.77  ? 148 MET A CG  1 
ATOM   541 S  SD  . MET A 1 70 ? 13.114  -0.234  1.111   1.00 102.20 ? 148 MET A SD  1 
ATOM   542 C  CE  . MET A 1 70 ? 14.767  -0.017  0.456   1.00 66.87  ? 148 MET A CE  1 
ATOM   543 N  N   . SER A 1 71 ? 10.661  -4.591  -2.966  1.00 34.27  ? 149 SER A N   1 
ATOM   544 C  CA  . SER A 1 71 ? 10.863  -5.837  -3.710  1.00 43.64  ? 149 SER A CA  1 
ATOM   545 C  C   . SER A 1 71 ? 11.285  -5.588  -5.160  1.00 43.24  ? 149 SER A C   1 
ATOM   546 O  O   . SER A 1 71 ? 10.727  -4.718  -5.835  1.00 40.00  ? 149 SER A O   1 
ATOM   547 C  CB  . SER A 1 71 ? 9.583   -6.680  -3.692  1.00 38.12  ? 149 SER A CB  1 
ATOM   548 O  OG  . SER A 1 71 ? 8.536   -5.996  -4.358  1.00 42.69  ? 149 SER A OG  1 
ATOM   549 N  N   . SER A 1 72 ? 12.260  -6.365  -5.629  1.00 42.91  ? 150 SER A N   1 
ATOM   550 C  CA  . SER A 1 72 ? 12.687  -6.331  -7.026  1.00 43.82  ? 150 SER A CA  1 
ATOM   551 C  C   . SER A 1 72 ? 12.517  -7.712  -7.645  1.00 42.05  ? 150 SER A C   1 
ATOM   552 O  O   . SER A 1 72 ? 13.167  -8.668  -7.223  1.00 39.16  ? 150 SER A O   1 
ATOM   553 C  CB  . SER A 1 72 ? 14.145  -5.886  -7.143  1.00 50.62  ? 150 SER A CB  1 
ATOM   554 O  OG  . SER A 1 72 ? 14.614  -6.061  -8.470  1.00 55.63  ? 150 SER A OG  1 
ATOM   555 N  N   . ASP A 1 73 ? 11.634  -7.813  -8.637  1.00 37.63  ? 151 ASP A N   1 
ATOM   556 C  CA  . ASP A 1 73 ? 11.278  -9.110  -9.219  1.00 39.92  ? 151 ASP A CA  1 
ATOM   557 C  C   . ASP A 1 73 ? 11.998  -9.489  -10.519 1.00 46.20  ? 151 ASP A C   1 
ATOM   558 O  O   . ASP A 1 73 ? 11.780  -10.581 -11.051 1.00 42.94  ? 151 ASP A O   1 
ATOM   559 C  CB  . ASP A 1 73 ? 9.761   -9.198  -9.410  1.00 40.16  ? 151 ASP A CB  1 
ATOM   560 C  CG  . ASP A 1 73 ? 8.997   -8.921  -8.127  1.00 40.92  ? 151 ASP A CG  1 
ATOM   561 O  OD1 . ASP A 1 73 ? 9.308   -9.559  -7.097  1.00 43.98  ? 151 ASP A OD1 1 
ATOM   562 O  OD2 . ASP A 1 73 ? 8.096   -8.056  -8.145  1.00 35.35  ? 151 ASP A OD2 1 
ATOM   563 N  N   . ALA A 1 74 ? 12.853  -8.607  -11.033 1.00 48.26  ? 152 ALA A N   1 
ATOM   564 C  CA  . ALA A 1 74 ? 13.552  -8.895  -12.289 1.00 48.30  ? 152 ALA A CA  1 
ATOM   565 C  C   . ALA A 1 74 ? 14.543  -10.048 -12.148 1.00 52.44  ? 152 ALA A C   1 
ATOM   566 O  O   . ALA A 1 74 ? 15.163  -10.221 -11.098 1.00 49.13  ? 152 ALA A O   1 
ATOM   567 C  CB  . ALA A 1 74 ? 14.255  -7.651  -12.812 1.00 51.55  ? 152 ALA A CB  1 
ATOM   568 N  N   . GLY B 2 1  ? 0.281   -14.288 -6.093  1.00 40.73  ? 143 GLY B N   1 
ATOM   569 C  CA  . GLY B 2 1  ? 1.166   -13.363 -6.778  1.00 43.09  ? 143 GLY B CA  1 
ATOM   570 C  C   . GLY B 2 1  ? 0.399   -12.236 -7.439  1.00 40.17  ? 143 GLY B C   1 
ATOM   571 O  O   . GLY B 2 1  ? -0.803  -12.341 -7.680  1.00 38.14  ? 143 GLY B O   1 
ATOM   572 N  N   . LEU B 2 2  ? 1.092   -11.140 -7.714  1.00 35.23  ? 144 LEU B N   1 
ATOM   573 C  CA  . LEU B 2 2  ? 0.499   -10.047 -8.464  1.00 30.01  ? 144 LEU B CA  1 
ATOM   574 C  C   . LEU B 2 2  ? 1.235   -9.882  -9.773  1.00 24.96  ? 144 LEU B C   1 
ATOM   575 O  O   . LEU B 2 2  ? 2.466   -9.961  -9.807  1.00 31.73  ? 144 LEU B O   1 
ATOM   576 C  CB  . LEU B 2 2  ? 0.599   -8.737  -7.675  1.00 32.97  ? 144 LEU B CB  1 
ATOM   577 C  CG  . LEU B 2 2  ? -0.550  -8.334  -6.759  1.00 34.23  ? 144 LEU B CG  1 
ATOM   578 C  CD1 . LEU B 2 2  ? -0.273  -6.941  -6.223  1.00 29.73  ? 144 LEU B CD1 1 
ATOM   579 C  CD2 . LEU B 2 2  ? -1.872  -8.369  -7.513  1.00 33.81  ? 144 LEU B CD2 1 
ATOM   580 N  N   . SER B 2 3  ? 0.497   -9.635  -10.851 1.00 25.50  ? 145 SER B N   1 
ATOM   581 C  CA  . SER B 2 3  ? 1.135   -9.266  -12.107 1.00 29.12  ? 145 SER B CA  1 
ATOM   582 C  C   . SER B 2 3  ? 1.977   -8.029  -11.846 1.00 27.84  ? 145 SER B C   1 
ATOM   583 O  O   . SER B 2 3  ? 1.688   -7.269  -10.921 1.00 27.71  ? 145 SER B O   1 
ATOM   584 C  CB  . SER B 2 3  ? 0.090   -8.979  -13.183 1.00 31.44  ? 145 SER B CB  1 
ATOM   585 O  OG  . SER B 2 3  ? -0.732  -7.886  -12.809 1.00 26.89  ? 145 SER B OG  1 
ATOM   586 N  N   . PRO B 2 4  ? 3.030   -7.819  -12.634 1.00 29.47  ? 146 PRO B N   1 
ATOM   587 C  CA  . PRO B 2 4  ? 3.833   -6.614  -12.424 1.00 29.58  ? 146 PRO B CA  1 
ATOM   588 C  C   . PRO B 2 4  ? 3.051   -5.324  -12.703 1.00 30.06  ? 146 PRO B C   1 
ATOM   589 O  O   . PRO B 2 4  ? 3.325   -4.316  -12.060 1.00 28.20  ? 146 PRO B O   1 
ATOM   590 C  CB  . PRO B 2 4  ? 5.004   -6.770  -13.406 1.00 32.43  ? 146 PRO B CB  1 
ATOM   591 C  CG  . PRO B 2 4  ? 4.614   -7.889  -14.329 1.00 31.19  ? 146 PRO B CG  1 
ATOM   592 C  CD  . PRO B 2 4  ? 3.676   -8.768  -13.570 1.00 31.10  ? 146 PRO B CD  1 
ATOM   593 N  N   . GLU B 2 5  ? 2.107   -5.351  -13.640 1.00 28.20  ? 147 GLU B N   1 
ATOM   594 C  CA  . GLU B 2 5  ? 1.252   -4.186  -13.868 1.00 29.12  ? 147 GLU B CA  1 
ATOM   595 C  C   . GLU B 2 5  ? 0.510   -3.816  -12.595 1.00 21.78  ? 147 GLU B C   1 
ATOM   596 O  O   . GLU B 2 5  ? 0.491   -2.652  -12.187 1.00 23.76  ? 147 GLU B O   1 
ATOM   597 C  CB  . GLU B 2 5  ? 0.228   -4.451  -14.970 1.00 33.17  ? 147 GLU B CB  1 
ATOM   598 C  CG  . GLU B 2 5  ? 0.810   -4.633  -16.352 1.00 48.17  ? 147 GLU B CG  1 
ATOM   599 C  CD  . GLU B 2 5  ? -0.260  -4.990  -17.366 1.00 57.93  ? 147 GLU B CD  1 
ATOM   600 O  OE1 . GLU B 2 5  ? -1.399  -4.490  -17.218 1.00 58.72  ? 147 GLU B OE1 1 
ATOM   601 O  OE2 . GLU B 2 5  ? 0.029   -5.780  -18.295 1.00 63.69  ? 147 GLU B OE2 1 
ATOM   602 N  N   . LYS B 2 6  ? -0.106  -4.806  -11.961 1.00 20.98  ? 148 LYS B N   1 
ATOM   603 C  CA  . LYS B 2 6  ? -0.869  -4.544  -10.743 1.00 26.41  ? 148 LYS B CA  1 
ATOM   604 C  C   . LYS B 2 6  ? 0.014   -4.185  -9.555  1.00 24.51  ? 148 LYS B C   1 
ATOM   605 O  O   . LYS B 2 6  ? -0.330  -3.311  -8.764  1.00 22.50  ? 148 LYS B O   1 
ATOM   606 C  CB  . LYS B 2 6  ? -1.775  -5.723  -10.392 1.00 28.85  ? 148 LYS B CB  1 
ATOM   607 C  CG  . LYS B 2 6  ? -3.103  -5.705  -11.130 1.00 33.08  ? 148 LYS B CG  1 
ATOM   608 C  CD  . LYS B 2 6  ? -4.140  -6.562  -10.414 1.00 42.67  ? 148 LYS B CD  1 
ATOM   609 C  CE  . LYS B 2 6  ? -5.316  -6.839  -11.331 1.00 51.62  ? 148 LYS B CE  1 
ATOM   610 N  NZ  . LYS B 2 6  ? -5.651  -5.630  -12.140 1.00 56.59  ? 148 LYS B NZ  1 
ATOM   611 N  N   . LYS B 2 7  ? 1.154   -4.853  -9.424  1.00 26.12  ? 149 LYS B N   1 
ATOM   612 C  CA  . LYS B 2 7  ? 2.061   -4.536  -8.325  1.00 22.66  ? 149 LYS B CA  1 
ATOM   613 C  C   . LYS B 2 7  ? 2.613   -3.114  -8.475  1.00 21.09  ? 149 LYS B C   1 
ATOM   614 O  O   . LYS B 2 7  ? 2.687   -2.353  -7.506  1.00 21.43  ? 149 LYS B O   1 
ATOM   615 C  CB  . LYS B 2 7  ? 3.196   -5.568  -8.235  1.00 25.21  ? 149 LYS B CB  1 
ATOM   616 C  CG  . LYS B 2 7  ? 4.047   -5.423  -6.977  1.00 28.22  ? 149 LYS B CG  1 
ATOM   617 C  CD  . LYS B 2 7  ? 5.088   -6.533  -6.890  1.00 31.84  ? 149 LYS B CD  1 
ATOM   618 C  CE  . LYS B 2 7  ? 5.806   -6.526  -5.541  1.00 36.10  ? 149 LYS B CE  1 
ATOM   619 N  NZ  . LYS B 2 7  ? 6.864   -7.586  -5.486  1.00 43.29  ? 149 LYS B NZ  1 
ATOM   620 N  N   . LYS B 2 8  ? 2.986   -2.745  -9.695  1.00 22.10  ? 150 LYS B N   1 
ATOM   621 C  CA  . LYS B 2 8  ? 3.475   -1.389  -9.945  1.00 22.56  ? 150 LYS B CA  1 
ATOM   622 C  C   . LYS B 2 8  ? 2.390   -0.346  -9.672  1.00 23.34  ? 150 LYS B C   1 
ATOM   623 O  O   . LYS B 2 8  ? 2.663   0.709   -9.096  1.00 19.70  ? 150 LYS B O   1 
ATOM   624 C  CB  . LYS B 2 8  ? 3.992   -1.248  -11.377 1.00 24.27  ? 150 LYS B CB  1 
ATOM   625 C  CG  . LYS B 2 8  ? 5.289   -1.992  -11.657 1.00 33.59  ? 150 LYS B CG  1 
ATOM   626 C  CD  . LYS B 2 8  ? 5.730   -1.785  -13.098 1.00 42.61  ? 150 LYS B CD  1 
ATOM   627 C  CE  . LYS B 2 8  ? 7.008   -2.544  -13.401 1.00 49.67  ? 150 LYS B CE  1 
ATOM   628 N  NZ  . LYS B 2 8  ? 6.877   -3.983  -13.031 1.00 55.32  ? 150 LYS B NZ  1 
ATOM   629 N  N   . MET B 2 9  ? 1.161   -0.633  -10.101 1.00 22.07  ? 151 MET B N   1 
ATOM   630 C  CA  . MET B 2 9  ? 0.045   0.278   -9.838  1.00 25.14  ? 151 MET B CA  1 
ATOM   631 C  C   . MET B 2 9  ? -0.173  0.446   -8.341  1.00 20.79  ? 151 MET B C   1 
ATOM   632 O  O   . MET B 2 9  ? -0.371  1.558   -7.855  1.00 20.21  ? 151 MET B O   1 
ATOM   633 C  CB  . MET B 2 9  ? -1.244  -0.225  -10.489 1.00 27.74  ? 151 MET B CB  1 
ATOM   634 C  CG  . MET B 2 9  ? -2.430  0.693   -10.253 1.00 28.35  ? 151 MET B CG  1 
ATOM   635 S  SD  . MET B 2 9  ? -4.013  -0.081  -10.629 1.00 37.82  ? 151 MET B SD  1 
ATOM   636 C  CE  . MET B 2 9  ? -3.571  -1.035  -12.076 1.00 58.48  ? 151 MET B CE  1 
ATOM   637 N  N   . LEU B 2 10 ? -0.128  -0.663  -7.609  1.00 19.10  ? 152 LEU B N   1 
ATOM   638 C  CA  . LEU B 2 10 ? -0.305  -0.644  -6.150  1.00 17.60  ? 152 LEU B CA  1 
ATOM   639 C  C   . LEU B 2 10 ? 0.717   0.261   -5.480  1.00 19.85  ? 152 LEU B C   1 
ATOM   640 O  O   . LEU B 2 10 ? 0.368   1.121   -4.661  1.00 19.51  ? 152 LEU B O   1 
ATOM   641 C  CB  . LEU B 2 10 ? -0.195  -2.075  -5.592  1.00 17.46  ? 152 LEU B CB  1 
ATOM   642 C  CG  . LEU B 2 10 ? -0.223  -2.311  -4.078  1.00 24.41  ? 152 LEU B CG  1 
ATOM   643 C  CD1 . LEU B 2 10 ? -1.485  -1.752  -3.444  1.00 21.97  ? 152 LEU B CD1 1 
ATOM   644 C  CD2 . LEU B 2 10 ? -0.093  -3.807  -3.776  1.00 26.35  ? 152 LEU B CD2 1 
ATOM   645 N  N   . LYS B 2 11 ? 1.988   0.078   -5.832  1.00 17.26  ? 153 LYS B N   1 
ATOM   646 C  CA  . LYS B 2 11 ? 3.057   0.900   -5.258  1.00 16.64  ? 153 LYS B CA  1 
ATOM   647 C  C   . LYS B 2 11 ? 2.885   2.373   -5.618  1.00 19.76  ? 153 LYS B C   1 
ATOM   648 O  O   . LYS B 2 11 ? 3.105   3.262   -4.788  1.00 17.05  ? 153 LYS B O   1 
ATOM   649 C  CB  . LYS B 2 11 ? 4.425   0.411   -5.747  1.00 21.03  ? 153 LYS B CB  1 
ATOM   650 C  CG  . LYS B 2 11 ? 4.745   -1.031  -5.334  1.00 22.72  ? 153 LYS B CG  1 
ATOM   651 C  CD  . LYS B 2 11 ? 5.924   -1.603  -6.120  1.00 28.14  ? 153 LYS B CD  1 
ATOM   652 C  CE  . LYS B 2 11 ? 7.212   -0.842  -5.819  1.00 38.01  ? 153 LYS B CE  1 
ATOM   653 N  NZ  . LYS B 2 11 ? 8.382   -1.439  -6.524  1.00 39.10  ? 153 LYS B NZ  1 
ATOM   654 N  N   . LYS B 2 12 ? 2.517   2.627   -6.871  1.00 19.42  ? 154 LYS B N   1 
ATOM   655 C  CA  . LYS B 2 12 ? 2.329   3.996   -7.345  1.00 21.44  ? 154 LYS B CA  1 
ATOM   656 C  C   . LYS B 2 12 ? 1.226   4.711   -6.576  1.00 18.67  ? 154 LYS B C   1 
ATOM   657 O  O   . LYS B 2 12 ? 1.379   5.866   -6.143  1.00 20.50  ? 154 LYS B O   1 
ATOM   658 C  CB  . LYS B 2 12 ? 1.988   4.004   -8.840  1.00 26.60  ? 154 LYS B CB  1 
ATOM   659 C  CG  . LYS B 2 12 ? 1.761   5.412   -9.375  1.00 34.73  ? 154 LYS B CG  1 
ATOM   660 C  CD  . LYS B 2 12 ? 1.497   5.440   -10.875 1.00 40.80  ? 154 LYS B CD  1 
ATOM   661 C  CE  . LYS B 2 12 ? 1.948   6.779   -11.453 1.00 46.56  ? 154 LYS B CE  1 
ATOM   662 N  NZ  . LYS B 2 12 ? 1.111   7.247   -12.589 1.00 50.59  ? 154 LYS B NZ  1 
ATOM   663 N  N   . LEU B 2 13 ? 0.095   4.031   -6.427  1.00 15.80  ? 155 LEU B N   1 
ATOM   664 C  CA  . LEU B 2 13 ? -1.065  4.602   -5.736  1.00 22.31  ? 155 LEU B CA  1 
ATOM   665 C  C   . LEU B 2 13 ? -0.815  4.837   -4.244  1.00 19.97  ? 155 LEU B C   1 
ATOM   666 O  O   . LEU B 2 13 ? -1.281  5.824   -3.659  1.00 21.08  ? 155 LEU B O   1 
ATOM   667 C  CB  . LEU B 2 13 ? -2.278  3.685   -5.936  1.00 20.80  ? 155 LEU B CB  1 
ATOM   668 C  CG  . LEU B 2 13 ? -2.729  3.623   -7.391  1.00 23.65  ? 155 LEU B CG  1 
ATOM   669 C  CD1 . LEU B 2 13 ? -3.930  2.708   -7.533  1.00 24.18  ? 155 LEU B CD1 1 
ATOM   670 C  CD2 . LEU B 2 13 ? -3.049  5.021   -7.888  1.00 29.49  ? 155 LEU B CD2 1 
ATOM   671 N  N   . ILE B 2 14 ? -0.080  3.925   -3.626  1.00 17.34  ? 156 ILE B N   1 
ATOM   672 C  CA  . ILE B 2 14 ? 0.275   4.086   -2.223  1.00 17.40  ? 156 ILE B CA  1 
ATOM   673 C  C   . ILE B 2 14 ? 1.115   5.350   -2.036  1.00 19.37  ? 156 ILE B C   1 
ATOM   674 O  O   . ILE B 2 14 ? 0.847   6.164   -1.146  1.00 17.01  ? 156 ILE B O   1 
ATOM   675 C  CB  . ILE B 2 14 ? 1.018   2.834   -1.712  1.00 18.57  ? 156 ILE B CB  1 
ATOM   676 C  CG1 . ILE B 2 14 ? -0.004  1.726   -1.417  1.00 16.72  ? 156 ILE B CG1 1 
ATOM   677 C  CG2 . ILE B 2 14 ? 1.840   3.153   -0.471  1.00 20.91  ? 156 ILE B CG2 1 
ATOM   678 C  CD1 . ILE B 2 14 ? 0.626   0.363   -1.142  1.00 20.25  ? 156 ILE B CD1 1 
ATOM   679 N  N   . MET B 2 15 ? 2.102   5.543   -2.906  1.00 16.48  ? 157 MET B N   1 
ATOM   680 C  CA  . MET B 2 15 ? 2.964   6.728   -2.809  1.00 18.73  ? 157 MET B CA  1 
ATOM   681 C  C   . MET B 2 15 ? 2.226   8.021   -3.142  1.00 20.13  ? 157 MET B C   1 
ATOM   682 O  O   . MET B 2 15 ? 2.443   9.056   -2.499  1.00 19.94  ? 157 MET B O   1 
ATOM   683 C  CB  . MET B 2 15 ? 4.217   6.583   -3.680  1.00 19.83  ? 157 MET B CB  1 
ATOM   684 C  CG  . MET B 2 15 ? 5.134   5.441   -3.245  1.00 19.25  ? 157 MET B CG  1 
ATOM   685 S  SD  . MET B 2 15 ? 5.600   5.499   -1.498  1.00 26.81  ? 157 MET B SD  1 
ATOM   686 C  CE  . MET B 2 15 ? 6.693   6.921   -1.476  1.00 31.18  ? 157 MET B CE  1 
ATOM   687 N  N   . GLN B 2 16 ? 1.353   7.968   -4.143  1.00 19.78  ? 158 GLN B N   1 
ATOM   688 C  CA  . GLN B 2 16 ? 0.543   9.129   -4.488  1.00 19.96  ? 158 GLN B CA  1 
ATOM   689 C  C   . GLN B 2 16 ? -0.294  9.564   -3.289  1.00 19.63  ? 158 GLN B C   1 
ATOM   690 O  O   . GLN B 2 16 ? -0.387  10.752  -2.984  1.00 20.39  ? 158 GLN B O   1 
ATOM   691 C  CB  . GLN B 2 16 ? -0.378  8.817   -5.670  1.00 24.67  ? 158 GLN B CB  1 
ATOM   692 C  CG  . GLN B 2 16 ? 0.341   8.635   -6.993  1.00 41.69  ? 158 GLN B CG  1 
ATOM   693 C  CD  . GLN B 2 16 ? -0.629  8.437   -8.144  1.00 53.92  ? 158 GLN B CD  1 
ATOM   694 O  OE1 . GLN B 2 16 ? -1.847  8.512   -7.959  1.00 57.86  ? 158 GLN B OE1 1 
ATOM   695 N  NE2 . GLN B 2 16 ? -0.097  8.184   -9.336  1.00 57.84  ? 158 GLN B NE2 1 
ATOM   696 N  N   . LYS B 2 17 ? -0.907  8.604   -2.612  1.00 16.21  ? 159 LYS B N   1 
ATOM   697 C  CA  . LYS B 2 17 ? -1.723  8.906   -1.430  1.00 18.99  ? 159 LYS B CA  1 
ATOM   698 C  C   . LYS B 2 17 ? -0.888  9.510   -0.296  1.00 20.28  ? 159 LYS B C   1 
ATOM   699 O  O   . LYS B 2 17 ? -1.292  10.489  0.331   1.00 18.59  ? 159 LYS B O   1 
ATOM   700 C  CB  . LYS B 2 17 ? -2.473  7.655   -0.951  1.00 21.25  ? 159 LYS B CB  1 
ATOM   701 C  CG  . LYS B 2 17 ? -3.360  7.878   0.292   1.00 21.61  ? 159 LYS B CG  1 
ATOM   702 C  CD  . LYS B 2 17 ? -4.443  8.931   0.054   1.00 19.53  ? 159 LYS B CD  1 
ATOM   703 C  CE  . LYS B 2 17 ? -5.458  8.969   1.210   1.00 19.58  ? 159 LYS B CE  1 
ATOM   704 N  NZ  . LYS B 2 17 ? -6.237  10.246  1.189   1.00 21.68  ? 159 LYS B NZ  1 
ATOM   705 N  N   . ALA B 2 18 ? 0.281   8.935   -0.034  1.00 20.15  ? 160 ALA B N   1 
ATOM   706 C  CA  . ALA B 2 18 ? 1.175   9.487   0.984   1.00 19.83  ? 160 ALA B CA  1 
ATOM   707 C  C   . ALA B 2 18 ? 1.546   10.941  0.661   1.00 19.34  ? 160 ALA B C   1 
ATOM   708 O  O   . ALA B 2 18 ? 1.535   11.806  1.539   1.00 21.78  ? 160 ALA B O   1 
ATOM   709 C  CB  . ALA B 2 18 ? 2.422   8.639   1.105   1.00 22.66  ? 160 ALA B CB  1 
ATOM   710 N  N   . ALA B 2 19 ? 1.875   11.210  -0.600  1.00 20.12  ? 161 ALA B N   1 
ATOM   711 C  CA  . ALA B 2 19 ? 2.245   12.571  -1.015  1.00 20.17  ? 161 ALA B CA  1 
ATOM   712 C  C   . ALA B 2 19 ? 1.079   13.545  -0.866  1.00 23.91  ? 161 ALA B C   1 
ATOM   713 O  O   . ALA B 2 19 ? 1.242   14.695  -0.439  1.00 22.04  ? 161 ALA B O   1 
ATOM   714 C  CB  . ALA B 2 19 ? 2.740   12.564  -2.458  1.00 20.81  ? 161 ALA B CB  1 
ATOM   715 N  N   . GLU B 2 20 ? -0.104  13.074  -1.234  1.00 19.16  ? 162 GLU B N   1 
ATOM   716 C  CA  . GLU B 2 20 ? -1.329  13.857  -1.146  1.00 22.05  ? 162 GLU B CA  1 
ATOM   717 C  C   . GLU B 2 20 ? -1.650  14.221  0.299   1.00 21.20  ? 162 GLU B C   1 
ATOM   718 O  O   . GLU B 2 20 ? -2.001  15.365  0.610   1.00 25.26  ? 162 GLU B O   1 
ATOM   719 C  CB  . GLU B 2 20 ? -2.468  13.013  -1.714  1.00 32.68  ? 162 GLU B CB  1 
ATOM   720 C  CG  . GLU B 2 20 ? -3.732  13.746  -2.052  1.00 41.97  ? 162 GLU B CG  1 
ATOM   721 C  CD  . GLU B 2 20 ? -4.761  12.802  -2.648  1.00 42.63  ? 162 GLU B CD  1 
ATOM   722 O  OE1 . GLU B 2 20 ? -5.320  13.117  -3.721  1.00 48.48  ? 162 GLU B OE1 1 
ATOM   723 O  OE2 . GLU B 2 20 ? -5.000  11.733  -2.045  1.00 31.06  ? 162 GLU B OE2 1 
ATOM   724 N  N   . ASP B 2 21 ? -1.529  13.245  1.188   1.00 19.74  ? 163 ASP B N   1 
ATOM   725 C  CA  . ASP B 2 21 ? -1.924  13.430  2.582   1.00 20.32  ? 163 ASP B CA  1 
ATOM   726 C  C   . ASP B 2 21 ? -0.914  14.267  3.350   1.00 24.99  ? 163 ASP B C   1 
ATOM   727 O  O   . ASP B 2 21 ? -1.285  15.026  4.242   1.00 27.17  ? 163 ASP B O   1 
ATOM   728 C  CB  . ASP B 2 21 ? -2.147  12.078  3.273   1.00 18.33  ? 163 ASP B CB  1 
ATOM   729 C  CG  . ASP B 2 21 ? -3.434  11.384  2.813   1.00 23.04  ? 163 ASP B CG  1 
ATOM   730 O  OD1 . ASP B 2 21 ? -4.184  11.972  1.995   1.00 23.92  ? 163 ASP B OD1 1 
ATOM   731 O  OD2 . ASP B 2 21 ? -3.688  10.245  3.277   1.00 27.12  ? 163 ASP B OD2 1 
ATOM   732 N  N   . LEU B 2 22 ? 0.360   14.136  2.996   1.00 24.13  ? 164 LEU B N   1 
ATOM   733 C  CA  . LEU B 2 22 ? 1.388   14.988  3.576   1.00 21.13  ? 164 LEU B CA  1 
ATOM   734 C  C   . LEU B 2 22 ? 1.001   16.438  3.311   1.00 30.28  ? 164 LEU B C   1 
ATOM   735 O  O   . LEU B 2 22 ? 1.157   17.301  4.165   1.00 30.92  ? 164 LEU B O   1 
ATOM   736 C  CB  . LEU B 2 22 ? 2.755   14.704  2.946   1.00 25.12  ? 164 LEU B CB  1 
ATOM   737 C  CG  . LEU B 2 22 ? 3.938   15.560  3.419   1.00 29.76  ? 164 LEU B CG  1 
ATOM   738 C  CD1 . LEU B 2 22 ? 4.236   15.307  4.894   1.00 33.39  ? 164 LEU B CD1 1 
ATOM   739 C  CD2 . LEU B 2 22 ? 5.184   15.309  2.579   1.00 29.87  ? 164 LEU B CD2 1 
ATOM   740 N  N   . ALA B 2 23 ? 0.476   16.690  2.112   1.00 28.31  ? 165 ALA B N   1 
ATOM   741 C  CA  . ALA B 2 23 ? 0.148   18.045  1.664   1.00 32.69  ? 165 ALA B CA  1 
ATOM   742 C  C   . ALA B 2 23 ? -1.079  18.653  2.346   1.00 41.18  ? 165 ALA B C   1 
ATOM   743 O  O   . ALA B 2 23 ? -1.419  19.817  2.107   1.00 43.66  ? 165 ALA B O   1 
ATOM   744 C  CB  . ALA B 2 23 ? -0.007  18.088  0.151   1.00 33.65  ? 165 ALA B CB  1 
ATOM   745 N  N   . ASN B 2 24 ? -1.749  17.853  3.172   1.00 41.87  ? 166 ASN B N   1 
ATOM   746 C  CA  . ASN B 2 24 ? -2.729  18.358  4.128   1.00 51.96  ? 166 ASN B CA  1 
ATOM   747 C  C   . ASN B 2 24 ? -3.441  17.239  4.872   1.00 53.17  ? 166 ASN B C   1 
ATOM   748 O  O   . ASN B 2 24 ? -3.062  16.898  5.993   1.00 56.80  ? 166 ASN B O   1 
ATOM   749 C  CB  . ASN B 2 24 ? -3.744  19.286  3.467   1.00 61.23  ? 166 ASN B CB  1 
ATOM   750 C  CG  . ASN B 2 24 ? -3.861  20.612  4.187   1.00 67.02  ? 166 ASN B CG  1 
ATOM   751 O  OD1 . ASN B 2 24 ? -3.415  20.749  5.328   1.00 71.84  ? 166 ASN B OD1 1 
ATOM   752 N  ND2 . ASN B 2 24 ? -4.461  21.598  3.528   1.00 69.94  ? 166 ASN B ND2 1 
HETATM 753 CA CA  . CA  C 3 .  ? -0.519  -7.855  8.429   1.00 27.32  ? 1   CA  A CA  1 
HETATM 754 O  O   . HOH D 4 .  ? 3.907   -7.272  1.847   1.00 24.82  ? 2   HOH A O   1 
HETATM 755 O  O   . HOH D 4 .  ? -3.797  3.404   8.914   1.00 21.07  ? 3   HOH A O   1 
HETATM 756 O  O   . HOH D 4 .  ? 4.099   5.509   12.245  1.00 38.13  ? 4   HOH A O   1 
HETATM 757 O  O   . HOH D 4 .  ? -14.999 -8.812  -8.257  1.00 34.37  ? 5   HOH A O   1 
HETATM 758 O  O   . HOH D 4 .  ? 9.598   9.950   8.019   1.00 34.35  ? 7   HOH A O   1 
HETATM 759 O  O   . HOH D 4 .  ? -8.420  -9.715  0.909   1.00 35.77  ? 8   HOH A O   1 
HETATM 760 O  O   . HOH D 4 .  ? 11.935  9.441   6.658   1.00 33.71  ? 9   HOH A O   1 
HETATM 761 O  O   . HOH D 4 .  ? 5.162   -1.876  11.972  1.00 33.04  ? 10  HOH A O   1 
HETATM 762 O  O   . HOH D 4 .  ? -0.281  -12.234 -3.785  1.00 51.79  ? 11  HOH A O   1 
HETATM 763 O  O   . HOH D 4 .  ? 1.012   -7.517  10.539  1.00 35.54  ? 12  HOH A O   1 
HETATM 764 O  O   . HOH D 4 .  ? -16.411 -5.784  -9.105  1.00 45.22  ? 14  HOH A O   1 
HETATM 765 O  O   . HOH D 4 .  ? -6.249  -8.462  4.808   1.00 37.85  ? 15  HOH A O   1 
HETATM 766 O  O   . HOH D 4 .  ? -9.396  -11.747 -4.421  1.00 31.21  ? 16  HOH A O   1 
HETATM 767 O  O   . HOH D 4 .  ? -6.807  -9.936  2.896   1.00 37.50  ? 17  HOH A O   1 
HETATM 768 O  O   . HOH D 4 .  ? 3.137   -12.311 -3.386  1.00 38.72  ? 18  HOH A O   1 
HETATM 769 O  O   . HOH D 4 .  ? -3.556  -12.358 3.434   1.00 44.48  ? 19  HOH A O   1 
HETATM 770 O  O   . HOH D 4 .  ? -10.658 1.158   -8.982  1.00 41.01  ? 20  HOH A O   1 
HETATM 771 O  O   . HOH D 4 .  ? -4.103  1.425   13.279  1.00 33.36  ? 21  HOH A O   1 
HETATM 772 O  O   . HOH D 4 .  ? 17.641  3.544   1.044   1.00 53.66  ? 22  HOH A O   1 
HETATM 773 O  O   . HOH D 4 .  ? -8.681  -13.673 -5.894  1.00 31.96  ? 24  HOH A O   1 
HETATM 774 O  O   . HOH D 4 .  ? -3.458  -13.180 11.133  1.00 40.08  ? 25  HOH A O   1 
HETATM 775 O  O   . HOH D 4 .  ? 7.524   -4.655  11.227  1.00 43.17  ? 27  HOH A O   1 
HETATM 776 O  O   . HOH D 4 .  ? -3.077  3.543   11.698  1.00 28.95  ? 153 HOH A O   1 
HETATM 777 O  O   . HOH E 4 .  ? 3.315   16.297  -0.554  1.00 26.09  ? 6   HOH B O   1 
HETATM 778 O  O   . HOH E 4 .  ? -2.552  -7.032  -14.766 1.00 46.51  ? 13  HOH B O   1 
HETATM 779 O  O   . HOH E 4 .  ? -0.026  13.155  -5.054  1.00 45.55  ? 23  HOH B O   1 
HETATM 780 O  O   . HOH E 4 .  ? 1.657   -7.335  -15.950 1.00 29.88  ? 26  HOH B O   1 
# 
loop_
_atom_site_anisotrop.id 
_atom_site_anisotrop.type_symbol 
_atom_site_anisotrop.pdbx_label_atom_id 
_atom_site_anisotrop.pdbx_label_alt_id 
_atom_site_anisotrop.pdbx_label_comp_id 
_atom_site_anisotrop.pdbx_label_asym_id 
_atom_site_anisotrop.pdbx_label_seq_id 
_atom_site_anisotrop.pdbx_PDB_ins_code 
_atom_site_anisotrop.U[1][1] 
_atom_site_anisotrop.U[2][2] 
_atom_site_anisotrop.U[3][3] 
_atom_site_anisotrop.U[1][2] 
_atom_site_anisotrop.U[1][3] 
_atom_site_anisotrop.U[2][3] 
_atom_site_anisotrop.pdbx_auth_seq_id 
_atom_site_anisotrop.pdbx_auth_comp_id 
_atom_site_anisotrop.pdbx_auth_asym_id 
_atom_site_anisotrop.pdbx_auth_atom_id 
1   N N   . LEU A 4  ? 0.5292 0.5631 0.6745 0.0038  0.0586  0.0176  82  LEU A N   
2   C CA  . LEU A 4  ? 0.5331 0.5650 0.6670 0.0027  0.0510  0.0143  82  LEU A CA  
3   C C   . LEU A 4  ? 0.5117 0.5481 0.6567 0.0055  0.0372  0.0109  82  LEU A C   
4   O O   . LEU A 4  ? 0.5581 0.5943 0.7021 0.0100  0.0306  0.0117  82  LEU A O   
5   C CB  . LEU A 4  ? 0.5769 0.6002 0.6816 0.0041  0.0511  0.0163  82  LEU A CB  
6   C CG  . LEU A 4  ? 0.5735 0.5921 0.6616 0.0005  0.0536  0.0152  82  LEU A CG  
7   C CD1 . LEU A 4  ? 0.3994 0.4103 0.4606 0.0029  0.0516  0.0172  82  LEU A CD1 
8   C CD2 . LEU A 4  ? 0.6074 0.6297 0.7038 -0.0012 0.0453  0.0103  82  LEU A CD2 
9   N N   . ASP A 5  ? 0.4061 0.4462 0.5619 0.0027  0.0326  0.0070  83  ASP A N   
10  C CA  . ASP A 5  ? 0.4200 0.4632 0.5835 0.0049  0.0187  0.0032  83  ASP A CA  
11  C C   . ASP A 5  ? 0.3996 0.4358 0.5382 0.0085  0.0106  0.0030  83  ASP A C   
12  O O   . ASP A 5  ? 0.3765 0.4064 0.4934 0.0072  0.0142  0.0036  83  ASP A O   
13  C CB  . ASP A 5  ? 0.4828 0.5291 0.6561 0.0007  0.0163  -0.0008 83  ASP A CB  
14  C CG  . ASP A 5  ? 0.5786 0.6297 0.7684 0.0024  0.0030  -0.0047 83  ASP A CG  
15  O OD1 . ASP A 5  ? 0.5930 0.6409 0.7706 0.0059  -0.0080 -0.0062 83  ASP A OD1 
16  O OD2 . ASP A 5  ? 0.5773 0.6358 0.7924 0.0001  0.0032  -0.0061 83  ASP A OD2 
17  N N   . GLU A 6  ? 0.4343 0.4714 0.5757 0.0131  -0.0001 0.0022  84  GLU A N   
18  C CA  . GLU A 6  ? 0.4355 0.4659 0.5531 0.0170  -0.0080 0.0022  84  GLU A CA  
19  C C   . GLU A 6  ? 0.3722 0.3997 0.4789 0.0157  -0.0150 -0.0018 84  GLU A C   
20  O O   . GLU A 6  ? 0.3252 0.3455 0.4076 0.0174  -0.0173 -0.0015 84  GLU A O   
21  C CB  . GLU A 6  ? 0.5228 0.5546 0.6461 0.0223  -0.0183 0.0023  84  GLU A CB  
22  C CG  . GLU A 6  ? 0.6042 0.6285 0.7019 0.0265  -0.0257 0.0027  84  GLU A CG  
23  C CD  . GLU A 6  ? 0.6653 0.6881 0.7591 0.0312  -0.0265 0.0064  84  GLU A CD  
24  O OE1 . GLU A 6  ? 0.7273 0.7550 0.8384 0.0313  -0.0214 0.0084  84  GLU A OE1 
25  O OE2 . GLU A 6  ? 0.6159 0.6325 0.6889 0.0349  -0.0322 0.0072  84  GLU A OE2 
26  N N   . ARG A 7  ? 0.3840 0.4165 0.5085 0.0127  -0.0183 -0.0056 85  ARG A N   
27  C CA  . ARG A 7  ? 0.3466 0.3764 0.4623 0.0110  -0.0241 -0.0095 85  ARG A CA  
28  C C   . ARG A 7  ? 0.2727 0.2973 0.3695 0.0077  -0.0141 -0.0081 85  ARG A C   
29  O O   . ARG A 7  ? 0.2974 0.3159 0.3737 0.0083  -0.0175 -0.0094 85  ARG A O   
30  C CB  . ARG A 7  ? 0.4273 0.4641 0.5679 0.0077  -0.0276 -0.0133 85  ARG A CB  
31  C CG  . ARG A 7  ? 0.5550 0.5943 0.7067 0.0106  -0.0427 -0.0169 85  ARG A CG  
32  C CD  . ARG A 7  ? 0.6131 0.6594 0.7908 0.0070  -0.0451 -0.0202 85  ARG A CD  
33  N NE  . ARG A 7  ? 0.6347 0.6877 0.8336 0.0042  -0.0342 -0.0175 85  ARG A NE  
34  C CZ  . ARG A 7  ? 0.6600 0.7200 0.8838 0.0006  -0.0330 -0.0192 85  ARG A CZ  
35  N NH1 . ARG A 7  ? 0.6483 0.7097 0.8792 -0.0009 -0.0425 -0.0237 85  ARG A NH1 
36  N NH2 . ARG A 7  ? 0.6459 0.7114 0.8872 -0.0016 -0.0225 -0.0164 85  ARG A NH2 
37  N N   . GLU A 8  ? 0.3086 0.3354 0.4126 0.0043  -0.0015 -0.0053 86  GLU A N   
38  C CA  . GLU A 8  ? 0.3625 0.3847 0.4507 0.0009  0.0088  -0.0036 86  GLU A CA  
39  C C   . GLU A 8  ? 0.2899 0.3046 0.3523 0.0040  0.0110  -0.0001 86  GLU A C   
40  O O   . GLU A 8  ? 0.2950 0.3039 0.3374 0.0030  0.0131  0.0001  86  GLU A O   
41  C CB  . GLU A 8  ? 0.4371 0.4632 0.5401 -0.0029 0.0213  -0.0013 86  GLU A CB  
42  C CG  . GLU A 8  ? 0.4111 0.4350 0.5077 -0.0080 0.0299  -0.0015 86  GLU A CG  
43  C CD  . GLU A 8  ? 0.3770 0.4045 0.4884 -0.0116 0.0419  0.0008  86  GLU A CD  
44  O OE1 . GLU A 8  ? 0.4345 0.4679 0.5670 -0.0110 0.0419  0.0011  86  GLU A OE1 
45  O OE2 . GLU A 8  ? 0.3403 0.3641 0.4412 -0.0150 0.0514  0.0025  86  GLU A OE2 
46  N N   . LEU A 9  ? 0.2546 0.2696 0.3181 0.0077  0.0106  0.0028  87  LEU A N   
47  C CA  . LEU A 9  ? 0.2241 0.2321 0.2645 0.0111  0.0118  0.0064  87  LEU A CA  
48  C C   . LEU A 9  ? 0.2594 0.2622 0.2808 0.0141  0.0018  0.0044  87  LEU A C   
49  O O   . LEU A 9  ? 0.2718 0.2681 0.2707 0.0146  0.0047  0.0062  87  LEU A O   
50  C CB  . LEU A 9  ? 0.2619 0.2718 0.3096 0.0149  0.0111  0.0092  87  LEU A CB  
51  C CG  . LEU A 9  ? 0.3920 0.3952 0.4177 0.0182  0.0135  0.0134  87  LEU A CG  
52  C CD1 . LEU A 9  ? 0.4349 0.4350 0.4533 0.0148  0.0271  0.0171  87  LEU A CD1 
53  C CD2 . LEU A 9  ? 0.3842 0.3890 0.4166 0.0228  0.0090  0.0153  87  LEU A CD2 
54  N N   . LYS A 10 ? 0.2600 0.2655 0.2907 0.0164  -0.0101 0.0006  88  LYS A N   
55  C CA  . LYS A 10 ? 0.2607 0.2611 0.2740 0.0197  -0.0206 -0.0018 88  LYS A CA  
56  C C   . LYS A 10 ? 0.2624 0.2593 0.2638 0.0166  -0.0189 -0.0041 88  LYS A C   
57  O O   . LYS A 10 ? 0.2963 0.2864 0.2749 0.0186  -0.0209 -0.0037 88  LYS A O   
58  C CB  . LYS A 10 ? 0.2625 0.2664 0.2900 0.0226  -0.0341 -0.0054 88  LYS A CB  
59  C CG  . LYS A 10 ? 0.3742 0.3799 0.4079 0.0268  -0.0377 -0.0030 88  LYS A CG  
60  C CD  . LYS A 10 ? 0.3746 0.3827 0.4196 0.0300  -0.0520 -0.0066 88  LYS A CD  
61  C CE  . LYS A 10 ? 0.3784 0.3883 0.4299 0.0343  -0.0554 -0.0041 88  LYS A CE  
62  N NZ  . LYS A 10 ? 0.4794 0.4914 0.5423 0.0374  -0.0699 -0.0075 88  LYS A NZ  
63  N N   . GLU A 11 ? 0.2444 0.2459 0.2614 0.0117  -0.0148 -0.0062 89  GLU A N   
64  C CA  . GLU A 11 ? 0.2837 0.2823 0.2909 0.0084  -0.0126 -0.0084 89  GLU A CA  
65  C C   . GLU A 11 ? 0.2968 0.2897 0.2840 0.0069  -0.0016 -0.0043 89  GLU A C   
66  O O   . GLU A 11 ? 0.2854 0.2727 0.2533 0.0072  -0.0022 -0.0049 89  GLU A O   
67  C CB  . GLU A 11 ? 0.2893 0.2942 0.3186 0.0033  -0.0100 -0.0113 89  GLU A CB  
68  C CG  . GLU A 11 ? 0.2957 0.2978 0.3162 -0.0005 -0.0073 -0.0135 89  GLU A CG  
69  C CD  . GLU A 11 ? 0.4127 0.4113 0.4233 0.0018  -0.0192 -0.0180 89  GLU A CD  
70  O OE1 . GLU A 11 ? 0.4115 0.4108 0.4260 0.0057  -0.0302 -0.0199 89  GLU A OE1 
71  O OE2 . GLU A 11 ? 0.4216 0.4165 0.4203 -0.0003 -0.0176 -0.0196 89  GLU A OE2 
72  N N   . ALA A 12 ? 0.2704 0.2649 0.2626 0.0055  0.0084  -0.0003 90  ALA A N   
73  C CA  . ALA A 12 ? 0.2649 0.2540 0.2391 0.0042  0.0186  0.0039  90  ALA A CA  
74  C C   . ALA A 12 ? 0.2802 0.2625 0.2306 0.0089  0.0147  0.0062  90  ALA A C   
75  O O   . ALA A 12 ? 0.2565 0.2329 0.1875 0.0083  0.0183  0.0075  90  ALA A O   
76  C CB  . ALA A 12 ? 0.2402 0.2317 0.2244 0.0027  0.0286  0.0079  90  ALA A CB  
77  N N   . PHE A 13 ? 0.2606 0.2433 0.2125 0.0136  0.0079  0.0068  91  PHE A N   
78  C CA  . PHE A 13 ? 0.2605 0.2367 0.1904 0.0184  0.0036  0.0090  91  PHE A CA  
79  C C   . PHE A 13 ? 0.3162 0.2879 0.2307 0.0196  -0.0034 0.0059  91  PHE A C   
80  O O   . PHE A 13 ? 0.3190 0.2842 0.2116 0.0209  -0.0011 0.0081  91  PHE A O   
81  C CB  . PHE A 13 ? 0.3059 0.2840 0.2426 0.0231  -0.0040 0.0096  91  PHE A CB  
82  C CG  . PHE A 13 ? 0.3011 0.2726 0.2162 0.0280  -0.0068 0.0129  91  PHE A CG  
83  C CD1 . PHE A 13 ? 0.3131 0.2818 0.2192 0.0284  0.0016  0.0182  91  PHE A CD1 
84  C CD2 . PHE A 13 ? 0.3591 0.3272 0.2631 0.0323  -0.0178 0.0106  91  PHE A CD2 
85  C CE1 . PHE A 13 ? 0.3555 0.3183 0.2421 0.0329  -0.0008 0.0214  91  PHE A CE1 
86  C CE2 . PHE A 13 ? 0.4316 0.3935 0.3154 0.0369  -0.0202 0.0138  91  PHE A CE2 
87  C CZ  . PHE A 13 ? 0.3727 0.3321 0.2483 0.0372  -0.0116 0.0193  91  PHE A CZ  
88  N N   . ARG A 14 ? 0.3074 0.2823 0.2333 0.0193  -0.0119 0.0007  92  ARG A N   
89  C CA  . ARG A 14 ? 0.3373 0.3078 0.2496 0.0206  -0.0191 -0.0028 92  ARG A CA  
90  C C   . ARG A 14 ? 0.3403 0.3072 0.2401 0.0169  -0.0109 -0.0022 92  ARG A C   
91  O O   . ARG A 14 ? 0.3733 0.3338 0.2518 0.0189  -0.0123 -0.0019 92  ARG A O   
92  C CB  . ARG A 14 ? 0.3364 0.3114 0.2661 0.0200  -0.0289 -0.0085 92  ARG A CB  
93  C CG  . ARG A 14 ? 0.5241 0.4992 0.4568 0.0251  -0.0416 -0.0103 92  ARG A CG  
94  C CD  . ARG A 14 ? 0.6069 0.5860 0.5564 0.0242  -0.0516 -0.0161 92  ARG A CD  
95  N NE  . ARG A 14 ? 0.7157 0.6889 0.6493 0.0259  -0.0596 -0.0199 92  ARG A NE  
96  C CZ  . ARG A 14 ? 0.7406 0.7114 0.6666 0.0228  -0.0559 -0.0217 92  ARG A CZ  
97  N NH1 . ARG A 14 ? 0.8117 0.7854 0.7443 0.0177  -0.0443 -0.0200 92  ARG A NH1 
98  N NH2 . ARG A 14 ? 0.5980 0.5630 0.5094 0.0250  -0.0638 -0.0253 92  ARG A NH2 
99  N N   . VAL A 15 ? 0.2901 0.2612 0.2034 0.0117  -0.0024 -0.0021 93  VAL A N   
100 C CA  . VAL A 15 ? 0.3042 0.2725 0.2076 0.0077  0.0057  -0.0016 93  VAL A CA  
101 C C   . VAL A 15 ? 0.3350 0.2972 0.2174 0.0088  0.0132  0.0037  93  VAL A C   
102 O O   . VAL A 15 ? 0.3079 0.2650 0.1732 0.0085  0.0151  0.0040  93  VAL A O   
103 C CB  . VAL A 15 ? 0.2908 0.2647 0.2134 0.0017  0.0139  -0.0020 93  VAL A CB  
104 C CG1 . VAL A 15 ? 0.2948 0.2651 0.2059 -0.0022 0.0225  -0.0009 93  VAL A CG1 
105 C CG2 . VAL A 15 ? 0.3298 0.3094 0.2726 0.0002  0.0065  -0.0073 93  VAL A CG2 
106 N N   . LEU A 16 ? 0.2908 0.2536 0.1747 0.0101  0.0173  0.0080  94  LEU A N   
107 C CA  . LEU A 16 ? 0.3093 0.2665 0.1753 0.0107  0.0250  0.0135  94  LEU A CA  
108 C C   . LEU A 16 ? 0.3796 0.3311 0.2256 0.0165  0.0189  0.0151  94  LEU A C   
109 O O   . LEU A 16 ? 0.3605 0.3068 0.1897 0.0173  0.0243  0.0196  94  LEU A O   
110 C CB  . LEU A 16 ? 0.3261 0.2860 0.2022 0.0095  0.0326  0.0174  94  LEU A CB  
111 C CG  . LEU A 16 ? 0.3043 0.2691 0.1986 0.0040  0.0401  0.0165  94  LEU A CG  
112 C CD1 . LEU A 16 ? 0.2632 0.2296 0.1660 0.0035  0.0471  0.0206  94  LEU A CD1 
113 C CD2 . LEU A 16 ? 0.2957 0.2574 0.1809 -0.0004 0.0474  0.0169  94  LEU A CD2 
114 N N   . ASP A 17 ? 0.3664 0.3184 0.2139 0.0202  0.0076  0.0116  95  ASP A N   
115 C CA  . ASP A 17 ? 0.3722 0.3182 0.2001 0.0258  0.0013  0.0128  95  ASP A CA  
116 C C   . ASP A 17 ? 0.4598 0.4014 0.2735 0.0257  -0.0011 0.0101  95  ASP A C   
117 O O   . ASP A 17 ? 0.4458 0.3880 0.2630 0.0268  -0.0100 0.0050  95  ASP A O   
118 C CB  . ASP A 17 ? 0.3850 0.3334 0.2221 0.0299  -0.0102 0.0101  95  ASP A CB  
119 C CG  . ASP A 17 ? 0.3955 0.3375 0.2125 0.0359  -0.0185 0.0104  95  ASP A CG  
120 O OD1 . ASP A 17 ? 0.4369 0.3727 0.2332 0.0374  -0.0142 0.0138  95  ASP A OD1 
121 O OD2 . ASP A 17 ? 0.4494 0.3924 0.2720 0.0392  -0.0293 0.0074  95  ASP A OD2 
122 N N   . LYS A 18 ? 0.4515 0.3881 0.2480 0.0250  0.0065  0.0136  96  LYS A N   
123 C CA  . LYS A 18 ? 0.4602 0.3931 0.2451 0.0236  0.0072  0.0115  96  LYS A CA  
124 C C   . LYS A 18 ? 0.4574 0.3883 0.2333 0.0277  -0.0015 0.0096  96  LYS A C   
125 O O   . LYS A 18 ? 0.4898 0.4193 0.2621 0.0275  -0.0055 0.0058  96  LYS A O   
126 C CB  . LYS A 18 ? 0.3645 0.3061 0.1649 0.0170  0.0167  0.0144  96  LYS A CB  
127 C CG  . LYS A 18 ? 0.4445 0.3897 0.2572 0.0123  0.0253  0.0158  96  LYS A CG  
128 C CD  . LYS A 18 ? 0.5074 0.4474 0.3157 0.0109  0.0264  0.0121  96  LYS A CD  
129 C CE  . LYS A 18 ? 0.4267 0.3713 0.2504 0.0049  0.0361  0.0135  96  LYS A CE  
130 N NZ  . LYS A 18 ? 0.4061 0.3558 0.2472 0.0014  0.0339  0.0084  96  LYS A NZ  
131 N N   . GLU A 19 ? 0.4872 0.4181 0.2610 0.0309  -0.0042 0.0124  97  GLU A N   
132 C CA  . GLU A 19 ? 0.4883 0.4175 0.2556 0.0341  -0.0109 0.0113  97  GLU A CA  
133 C C   . GLU A 19 ? 0.4983 0.4217 0.2552 0.0409  -0.0239 0.0079  97  GLU A C   
134 O O   . GLU A 19 ? 0.5203 0.4417 0.2717 0.0441  -0.0305 0.0066  97  GLU A O   
135 C CB  . GLU A 19 ? 0.5291 0.4619 0.3010 0.0332  -0.0069 0.0159  97  GLU A CB  
136 C CG  . GLU A 19 ? 0.6569 0.5971 0.4416 0.0266  0.0022  0.0182  97  GLU A CG  
137 C CD  . GLU A 19 ? 0.7840 0.7277 0.5746 0.0255  0.0051  0.0221  97  GLU A CD  
138 O OE1 . GLU A 19 ? 0.8045 0.7446 0.5879 0.0298  0.0007  0.0231  97  GLU A OE1 
139 O OE2 . GLU A 19 ? 0.8439 0.7944 0.6469 0.0203  0.0109  0.0237  97  GLU A OE2 
140 N N   . LYS A 20 ? 0.4249 0.3513 0.1940 0.0405  -0.0267 0.0059  98  LYS A N   
141 C CA  . LYS A 20 ? 0.4878 0.4165 0.2679 0.0435  -0.0386 0.0021  98  LYS A CA  
142 C C   . LYS A 20 ? 0.5348 0.4598 0.3037 0.0494  -0.0438 0.0050  98  LYS A C   
143 O O   . LYS A 20 ? 0.5248 0.4467 0.2880 0.0538  -0.0548 0.0022  98  LYS A O   
144 C CB  . LYS A 20 ? 0.4857 0.4121 0.2627 0.0444  -0.0479 -0.0041 98  LYS A CB  
145 C CG  . LYS A 20 ? 0.5640 0.4940 0.3523 0.0387  -0.0437 -0.0074 98  LYS A CG  
146 C CD  . LYS A 20 ? 0.6488 0.5876 0.4633 0.0339  -0.0390 -0.0072 98  LYS A CD  
147 C CE  . LYS A 20 ? 0.6729 0.6145 0.4951 0.0278  -0.0306 -0.0083 98  LYS A CE  
148 N NZ  . LYS A 20 ? 0.5849 0.5338 0.4285 0.0233  -0.0230 -0.0065 98  LYS A NZ  
149 N N   . LYS A 21 ? 0.4936 0.4181 0.2581 0.0494  -0.0356 0.0109  99  LYS A N   
150 C CA  . LYS A 21 ? 0.5063 0.4276 0.2611 0.0546  -0.0391 0.0145  99  LYS A CA  
151 C C   . LYS A 21 ? 0.5068 0.4339 0.2806 0.0546  -0.0403 0.0157  99  LYS A C   
152 O O   . LYS A 21 ? 0.5219 0.4470 0.2895 0.0587  -0.0427 0.0189  99  LYS A O   
153 C CB  . LYS A 21 ? 0.5375 0.4606 0.2924 0.0507  -0.0282 0.0190  99  LYS A CB  
154 C CG  . LYS A 21 ? 0.6756 0.5990 0.4287 0.0482  -0.0269 0.0172  99  LYS A CG  
155 C CD  . LYS A 21 ? 0.7943 0.7217 0.5532 0.0440  -0.0185 0.0211  99  LYS A CD  
156 C CE  . LYS A 21 ? 0.8635 0.7919 0.6214 0.0418  -0.0173 0.0195  99  LYS A CE  
157 N NZ  . LYS A 21 ? 0.8690 0.8038 0.6380 0.0352  -0.0080 0.0213  99  LYS A NZ  
158 N N   . GLY A 22 ? 0.4249 0.3595 0.2219 0.0503  -0.0385 0.0131  100 GLY A N   
159 C CA  . GLY A 22 ? 0.4145 0.3552 0.2313 0.0502  -0.0393 0.0140  100 GLY A CA  
160 C C   . GLY A 22 ? 0.4281 0.3705 0.2485 0.0477  -0.0275 0.0193  100 GLY A C   
161 O O   . GLY A 22 ? 0.3828 0.3289 0.2158 0.0484  -0.0272 0.0210  100 GLY A O   
162 N N   . VAL A 23 ? 0.3464 0.2864 0.3766 0.0026  0.0442  0.0372  101 VAL A N   
163 C CA  . VAL A 23 ? 0.3234 0.2603 0.3516 0.0020  0.0389  0.0338  101 VAL A CA  
164 C C   . VAL A 23 ? 0.3120 0.2664 0.3563 0.0007  0.0374  0.0331  101 VAL A C   
165 O O   . VAL A 23 ? 0.3353 0.3020 0.3930 -0.0017 0.0411  0.0352  101 VAL A O   
166 C CB  . VAL A 23 ? 0.3702 0.2918 0.3935 -0.0060 0.0394  0.0314  101 VAL A CB  
167 C CG1 . VAL A 23 ? 0.4264 0.3297 0.4327 -0.0041 0.0403  0.0322  101 VAL A CG1 
168 C CG2 . VAL A 23 ? 0.4045 0.3313 0.4407 -0.0153 0.0446  0.0324  101 VAL A CG2 
169 N N   . ILE A 24 ? 0.2572 0.2124 0.2998 0.0026  0.0318  0.0301  102 ILE A N   
170 C CA  . ILE A 24 ? 0.2797 0.2498 0.3368 0.0002  0.0297  0.0289  102 ILE A CA  
171 C C   . ILE A 24 ? 0.2494 0.2114 0.3079 -0.0085 0.0282  0.0251  102 ILE A C   
172 O O   . ILE A 24 ? 0.3057 0.2542 0.3526 -0.0081 0.0243  0.0217  102 ILE A O   
173 C CB  . ILE A 24 ? 0.2835 0.2624 0.3383 0.0090  0.0241  0.0281  102 ILE A CB  
174 C CG1 . ILE A 24 ? 0.3102 0.2961 0.3633 0.0177  0.0257  0.0324  102 ILE A CG1 
175 C CG2 . ILE A 24 ? 0.2623 0.2575 0.3319 0.0069  0.0220  0.0273  102 ILE A CG2 
176 C CD1 . ILE A 24 ? 0.2958 0.2881 0.3435 0.0273  0.0207  0.0323  102 ILE A CD1 
177 N N   . LYS A 25 ? 0.2405 0.2100 0.3135 -0.0163 0.0314  0.0255  103 LYS A N   
178 C CA  . LYS A 25 ? 0.2974 0.2608 0.3739 -0.0250 0.0301  0.0222  103 LYS A CA  
179 C C   . LYS A 25 ? 0.2477 0.2166 0.3256 -0.0229 0.0226  0.0181  103 LYS A C   
180 O O   . LYS A 25 ? 0.2400 0.2239 0.3234 -0.0171 0.0203  0.0190  103 LYS A O   
181 C CB  . LYS A 25 ? 0.4406 0.4132 0.5338 -0.0332 0.0352  0.0240  103 LYS A CB  
182 C CG  . LYS A 25 ? 0.5328 0.4987 0.6240 -0.0364 0.0426  0.0272  103 LYS A CG  
183 C CD  . LYS A 25 ? 0.5823 0.5614 0.6908 -0.0421 0.0480  0.0292  103 LYS A CD  
184 C CE  . LYS A 25 ? 0.6590 0.6372 0.7717 -0.0501 0.0463  0.0264  103 LYS A CE  
185 N NZ  . LYS A 25 ? 0.7461 0.7094 0.8470 -0.0543 0.0481  0.0261  103 LYS A NZ  
186 N N   . VAL A 26 ? 0.2591 0.2159 0.3320 -0.0276 0.0188  0.0138  104 VAL A N   
187 C CA  . VAL A 26 ? 0.3053 0.2659 0.3779 -0.0256 0.0112  0.0090  104 VAL A CA  
188 C C   . VAL A 26 ? 0.3489 0.3293 0.4396 -0.0286 0.0100  0.0090  104 VAL A C   
189 O O   . VAL A 26 ? 0.3158 0.3061 0.4077 -0.0240 0.0043  0.0065  104 VAL A O   
190 C CB  . VAL A 26 ? 0.3442 0.2863 0.4082 -0.0306 0.0073  0.0038  104 VAL A CB  
191 C CG1 . VAL A 26 ? 0.5481 0.4967 0.6195 -0.0337 0.0006  -0.0015 104 VAL A CG1 
192 C CG2 . VAL A 26 ? 0.3461 0.2732 0.3906 -0.0228 0.0047  0.0024  104 VAL A CG2 
193 N N   . ASP A 27 ? 0.2794 0.2662 0.3839 -0.0358 0.0157  0.0119  105 ASP A N   
194 C CA  . ASP A 27 ? 0.3128 0.3190 0.4356 -0.0384 0.0155  0.0127  105 ASP A CA  
195 C C   . ASP A 27 ? 0.2444 0.2675 0.3705 -0.0291 0.0142  0.0154  105 ASP A C   
196 O O   . ASP A 27 ? 0.2646 0.3030 0.4014 -0.0284 0.0109  0.0149  105 ASP A O   
197 C CB  . ASP A 27 ? 0.4599 0.4704 0.5962 -0.0461 0.0230  0.0163  105 ASP A CB  
198 C CG  . ASP A 27 ? 0.6341 0.6315 0.7711 -0.0562 0.0245  0.0143  105 ASP A CG  
199 O OD1 . ASP A 27 ? 0.6559 0.6422 0.7854 -0.0581 0.0190  0.0097  105 ASP A OD1 
200 O OD2 . ASP A 27 ? 0.6773 0.6759 0.8230 -0.0623 0.0313  0.0173  105 ASP A OD2 
201 N N   . VAL A 28 ? 0.2611 0.2818 0.3789 -0.0221 0.0171  0.0187  106 VAL A N   
202 C CA  . VAL A 28 ? 0.2215 0.2573 0.3426 -0.0131 0.0166  0.0221  106 VAL A CA  
203 C C   . VAL A 28 ? 0.2323 0.2705 0.3450 -0.0061 0.0091  0.0190  106 VAL A C   
204 O O   . VAL A 28 ? 0.1829 0.2373 0.3034 -0.0020 0.0064  0.0201  106 VAL A O   
205 C CB  . VAL A 28 ? 0.3084 0.3398 0.4221 -0.0076 0.0213  0.0261  106 VAL A CB  
206 C CG1 . VAL A 28 ? 0.2788 0.3247 0.3952 0.0021  0.0200  0.0296  106 VAL A CG1 
207 C CG2 . VAL A 28 ? 0.3513 0.3825 0.4738 -0.0137 0.0287  0.0290  106 VAL A CG2 
208 N N   . LEU A 29 ? 0.1999 0.2213 0.2960 -0.0046 0.0057  0.0152  107 LEU A N   
209 C CA  . LEU A 29 ? 0.1916 0.2128 0.2779 0.0017  -0.0017 0.0111  107 LEU A CA  
210 C C   . LEU A 29 ? 0.1677 0.1974 0.2632 -0.0028 -0.0070 0.0069  107 LEU A C   
211 O O   . LEU A 29 ? 0.2043 0.2461 0.3002 0.0032  -0.0120 0.0059  107 LEU A O   
212 C CB  . LEU A 29 ? 0.2981 0.2977 0.3661 0.0024  -0.0040 0.0071  107 LEU A CB  
213 C CG  . LEU A 29 ? 0.4158 0.4121 0.4684 0.0138  -0.0067 0.0071  107 LEU A CG  
214 C CD1 . LEU A 29 ? 0.3760 0.3809 0.4310 0.0199  -0.0014 0.0139  107 LEU A CD1 
215 C CD2 . LEU A 29 ? 0.3257 0.2990 0.3617 0.0132  -0.0080 0.0032  107 LEU A CD2 
216 N N   . ARG A 30 ? 0.1997 0.2227 0.3018 -0.0134 -0.0062 0.0044  108 ARG A N   
217 C CA  . ARG A 30 ? 0.1812 0.2124 0.2937 -0.0189 -0.0111 0.0004  108 ARG A CA  
218 C C   . ARG A 30 ? 0.2206 0.2753 0.3491 -0.0168 -0.0104 0.0043  108 ARG A C   
219 O O   . ARG A 30 ? 0.1955 0.2618 0.3272 -0.0140 -0.0163 0.0019  108 ARG A O   
220 C CB  . ARG A 30 ? 0.2865 0.3083 0.4065 -0.0312 -0.0087 -0.0013 108 ARG A CB  
221 C CG  . ARG A 30 ? 0.3102 0.3401 0.4421 -0.0376 -0.0140 -0.0056 108 ARG A CG  
222 C CD  . ARG A 30 ? 0.3950 0.4158 0.5354 -0.0498 -0.0107 -0.0063 108 ARG A CD  
223 N NE  . ARG A 30 ? 0.4380 0.4357 0.5643 -0.0521 -0.0096 -0.0082 108 ARG A NE  
224 C CZ  . ARG A 30 ? 0.4992 0.4831 0.6153 -0.0529 -0.0160 -0.0145 108 ARG A CZ  
225 N NH1 . ARG A 30 ? 0.5670 0.5579 0.6845 -0.0515 -0.0242 -0.0200 108 ARG A NH1 
226 N NH2 . ARG A 30 ? 0.5012 0.4639 0.6053 -0.0548 -0.0141 -0.0152 108 ARG A NH2 
227 N N   . TRP A 31 ? 0.1862 0.2477 0.3245 -0.0177 -0.0031 0.0104  109 TRP A N   
228 C CA  . TRP A 31 ? 0.1727 0.2557 0.3270 -0.0157 -0.0015 0.0148  109 TRP A CA  
229 C C   . TRP A 31 ? 0.1048 0.1993 0.2543 -0.0044 -0.0055 0.0163  109 TRP A C   
230 O O   . TRP A 31 ? 0.1616 0.2722 0.3197 -0.0022 -0.0092 0.0165  109 TRP A O   
231 C CB  . TRP A 31 ? 0.1786 0.2648 0.3420 -0.0172 0.0072  0.0206  109 TRP A CB  
232 C CG  . TRP A 31 ? 0.1682 0.2757 0.3475 -0.0140 0.0088  0.0254  109 TRP A CG  
233 C CD1 . TRP A 31 ? 0.1985 0.3158 0.3788 -0.0053 0.0103  0.0303  109 TRP A CD1 
234 C CD2 . TRP A 31 ? 0.1458 0.2672 0.3429 -0.0195 0.0087  0.0258  109 TRP A CD2 
235 N NE1 . TRP A 31 ? 0.1983 0.3234 0.3780 -0.0045 0.0104  0.0302  109 TRP A NE1 
236 C CE2 . TRP A 31 ? 0.1970 0.3247 0.3855 -0.0123 0.0096  0.0276  109 TRP A CE2 
237 C CE3 . TRP A 31 ? 0.1741 0.2943 0.3786 -0.0287 0.0075  0.0224  109 TRP A CE3 
238 C CZ2 . TRP A 31 ? 0.1902 0.3239 0.3790 -0.0140 0.0094  0.0261  109 TRP A CZ2 
239 C CZ3 . TRP A 31 ? 0.2326 0.3607 0.4371 -0.0295 0.0074  0.0217  109 TRP A CZ3 
240 C CH2 . TRP A 31 ? 0.2058 0.3408 0.4033 -0.0221 0.0085  0.0236  109 TRP A CH2 
241 N N   . ILE A 32 ? 0.1176 0.2043 0.2535 0.0030  -0.0043 0.0180  110 ILE A N   
242 C CA  . ILE A 32 ? 0.2363 0.3322 0.3658 0.0143  -0.0075 0.0198  110 ILE A CA  
243 C C   . ILE A 32 ? 0.2012 0.3001 0.3243 0.0172  -0.0159 0.0144  110 ILE A C   
244 O O   . ILE A 32 ? 0.2186 0.3346 0.3471 0.0228  -0.0189 0.0162  110 ILE A O   
245 C CB  . ILE A 32 ? 0.2332 0.3169 0.3474 0.0207  -0.0054 0.0214  110 ILE A CB  
246 C CG1 . ILE A 32 ? 0.1968 0.2820 0.3186 0.0198  0.0025  0.0274  110 ILE A CG1 
247 C CG2 . ILE A 32 ? 0.2802 0.3711 0.3852 0.0324  -0.0094 0.0223  110 ILE A CG2 
248 C CD1 . ILE A 32 ? 0.3056 0.3778 0.4131 0.0248  0.0047  0.0287  110 ILE A CD1 
249 N N   . LEU A 33 ? 0.1840 0.2662 0.2956 0.0134  -0.0199 0.0076  111 LEU A N   
250 C CA  . LEU A 33 ? 0.1731 0.2557 0.2768 0.0162  -0.0285 0.0011  111 LEU A CA  
251 C C   . LEU A 33 ? 0.2181 0.3150 0.3363 0.0110  -0.0323 -0.0009 111 LEU A C   
252 O O   . LEU A 33 ? 0.2383 0.3467 0.3550 0.0165  -0.0385 -0.0031 111 LEU A O   
253 C CB  . LEU A 33 ? 0.1925 0.2521 0.2812 0.0128  -0.0315 -0.0058 111 LEU A CB  
254 C CG  . LEU A 33 ? 0.2647 0.3103 0.3374 0.0191  -0.0287 -0.0042 111 LEU A CG  
255 C CD1 . LEU A 33 ? 0.2113 0.2337 0.2706 0.0153  -0.0314 -0.0109 111 LEU A CD1 
256 C CD2 . LEU A 33 ? 0.3246 0.3797 0.3882 0.0321  -0.0314 -0.0026 111 LEU A CD2 
257 N N   . LYS A 34 ? 0.2042 0.3008 0.3363 0.0006  -0.0286 -0.0001 112 LYS A N   
258 C CA  . LYS A 34 ? 0.1763 0.2865 0.3241 -0.0053 -0.0317 -0.0016 112 LYS A CA  
259 C C   . LYS A 34 ? 0.2395 0.3733 0.3998 0.0005  -0.0305 0.0046  112 LYS A C   
260 O O   . LYS A 34 ? 0.2580 0.4057 0.4229 0.0027  -0.0362 0.0029  112 LYS A O   
261 C CB  . LYS A 34 ? 0.2312 0.3353 0.3912 -0.0177 -0.0271 -0.0016 112 LYS A CB  
262 C CG  . LYS A 34 ? 0.3404 0.4581 0.5176 -0.0247 -0.0301 -0.0032 112 LYS A CG  
263 C CD  . LYS A 34 ? 0.3966 0.5161 0.5680 -0.0231 -0.0403 -0.0105 112 LYS A CD  
264 C CE  . LYS A 34 ? 0.4845 0.6130 0.6725 -0.0323 -0.0435 -0.0132 112 LYS A CE  
265 N NZ  . LYS A 34 ? 0.4456 0.5923 0.6534 -0.0344 -0.0378 -0.0062 112 LYS A NZ  
266 N N   . SER A 35 ? 0.2339 0.3720 0.3999 0.0030  -0.0229 0.0119  113 SER A N   
267 C CA  . SER A 35 ? 0.2730 0.4330 0.4530 0.0077  -0.0210 0.0184  113 SER A CA  
268 C C   . SER A 35 ? 0.3094 0.4792 0.4813 0.0203  -0.0236 0.0214  113 SER A C   
269 O O   . SER A 35 ? 0.3271 0.5152 0.5070 0.0247  -0.0265 0.0237  113 SER A O   
270 C CB  . SER A 35 ? 0.1905 0.3526 0.3832 0.0042  -0.0120 0.0246  113 SER A CB  
271 O OG  . SER A 35 ? 0.3031 0.4512 0.4843 0.0068  -0.0077 0.0261  113 SER A OG  
272 N N   . LEU A 36 ? 0.2678 0.4262 0.4242 0.0264  -0.0224 0.0218  114 LEU A N   
273 C CA  . LEU A 36 ? 0.3004 0.4677 0.4490 0.0387  -0.0241 0.0253  114 LEU A CA  
274 C C   . LEU A 36 ? 0.3529 0.5152 0.4841 0.0442  -0.0320 0.0188  114 LEU A C   
275 O O   . LEU A 36 ? 0.3538 0.5264 0.4790 0.0545  -0.0346 0.0210  114 LEU A O   
276 C CB  . LEU A 36 ? 0.3303 0.4896 0.4729 0.0429  -0.0177 0.0301  114 LEU A CB  
277 C CG  . LEU A 36 ? 0.3905 0.5413 0.5366 0.0361  -0.0096 0.0318  114 LEU A CG  
278 C CD1 . LEU A 36 ? 0.3984 0.5364 0.5345 0.0382  -0.0049 0.0339  114 LEU A CD1 
279 C CD2 . LEU A 36 ? 0.4256 0.5774 0.5692 0.0359  -0.0083 0.0313  114 LEU A CD2 
280 N N   . GLY A 37 ? 0.3836 0.5307 0.5073 0.0374  -0.0360 0.0107  115 GLY A N   
281 C CA  . GLY A 37 ? 0.4990 0.6390 0.6060 0.0420  -0.0438 0.0033  115 GLY A CA  
282 C C   . GLY A 37 ? 0.6349 0.7919 0.7471 0.0441  -0.0506 0.0009  115 GLY A C   
283 O O   . GLY A 37 ? 0.6815 0.8514 0.8108 0.0386  -0.0499 0.0032  115 GLY A O   
284 N N   . ASP A 38 ? 0.7158 0.8733 0.8132 0.0524  -0.0572 -0.0036 116 ASP A N   
285 C CA  . ASP A 38 ? 0.7973 0.9709 0.8978 0.0550  -0.0645 -0.0066 116 ASP A CA  
286 C C   . ASP A 38 ? 0.7681 0.9301 0.8622 0.0487  -0.0726 -0.0179 116 ASP A C   
287 O O   . ASP A 38 ? 0.7603 0.9092 0.8365 0.0529  -0.0770 -0.0245 116 ASP A O   
288 C CB  . ASP A 38 ? 0.8955 1.0812 0.9852 0.0692  -0.0668 -0.0038 116 ASP A CB  
289 C CG  . ASP A 38 ? 0.9562 1.1577 1.0575 0.0727  -0.0602 0.0073  116 ASP A CG  
290 O OD1 . ASP A 38 ? 0.9709 1.1703 1.0849 0.0664  -0.0527 0.0131  116 ASP A OD1 
291 O OD2 . ASP A 38 ? 0.9875 1.1917 1.0810 0.0773  -0.0598 0.0094  116 ASP A OD2 
292 N N   . GLU A 39 ? 0.7551 0.9224 0.8644 0.0387  -0.0744 -0.0200 117 GLU A N   
293 C CA  . GLU A 39 ? 0.7502 0.9086 0.8570 0.0316  -0.0824 -0.0303 117 GLU A CA  
294 C C   . GLU A 39 ? 0.6885 0.8205 0.7795 0.0288  -0.0836 -0.0374 117 GLU A C   
295 O O   . GLU A 39 ? 0.7057 0.8301 0.7847 0.0306  -0.0915 -0.0465 117 GLU A O   
296 C CB  . GLU A 39 ? 0.8421 1.0152 0.9445 0.0381  -0.0918 -0.0352 117 GLU A CB  
297 C CG  . GLU A 39 ? 0.9311 1.0964 1.0328 0.0302  -0.1007 -0.0465 117 GLU A CG  
298 C CD  . GLU A 39 ? 0.9538 1.1392 1.0608 0.0329  -0.1090 -0.0496 117 GLU A CD  
299 O OE1 . GLU A 39 ? 0.9735 1.1760 1.0767 0.0441  -0.1097 -0.0450 117 GLU A OE1 
300 O OE2 . GLU A 39 ? 0.9395 1.1241 1.0546 0.0238  -0.1149 -0.0564 117 GLU A OE2 
301 N N   . LEU A 40 ? 0.5557 0.6739 0.6468 0.0249  -0.0758 -0.0335 118 LEU A N   
302 C CA  . LEU A 40 ? 0.4322 0.5251 0.5109 0.0207  -0.0763 -0.0395 118 LEU A CA  
303 C C   . LEU A 40 ? 0.3898 0.4748 0.4788 0.0072  -0.0791 -0.0452 118 LEU A C   
304 O O   . LEU A 40 ? 0.4414 0.5363 0.5486 -0.0004 -0.0758 -0.0413 118 LEU A O   
305 C CB  . LEU A 40 ? 0.3102 0.3921 0.3863 0.0208  -0.0670 -0.0327 118 LEU A CB  
306 C CG  . LEU A 40 ? 0.3100 0.3962 0.3752 0.0335  -0.0637 -0.0271 118 LEU A CG  
307 C CD1 . LEU A 40 ? 0.2309 0.3091 0.2975 0.0321  -0.0545 -0.0200 118 LEU A CD1 
308 C CD2 . LEU A 40 ? 0.4204 0.4952 0.4644 0.0418  -0.0697 -0.0339 118 LEU A CD2 
309 N N   . THR A 41 ? 0.4330 0.5002 0.5113 0.0043  -0.0850 -0.0544 119 THR A N   
310 C CA  . THR A 41 ? 0.4267 0.4832 0.5147 -0.0091 -0.0869 -0.0593 119 THR A CA  
311 C C   . THR A 41 ? 0.3818 0.4231 0.4730 -0.0165 -0.0779 -0.0544 119 THR A C   
312 O O   . THR A 41 ? 0.3400 0.3752 0.4223 -0.0107 -0.0719 -0.0493 119 THR A O   
313 C CB  . THR A 41 ? 0.3948 0.4361 0.4713 -0.0104 -0.0963 -0.0711 119 THR A CB  
314 O OG1 . THR A 41 ? 0.3792 0.3987 0.4381 -0.0067 -0.0946 -0.0729 119 THR A OG1 
315 C CG2 . THR A 41 ? 0.4826 0.5385 0.5531 -0.0018 -0.1055 -0.0765 119 THR A CG2 
316 N N   . GLU A 42 ? 0.3373 0.3736 0.4418 -0.0290 -0.0768 -0.0556 120 GLU A N   
317 C CA  . GLU A 42 ? 0.3638 0.3853 0.4706 -0.0360 -0.0684 -0.0512 120 GLU A CA  
318 C C   . GLU A 42 ? 0.3342 0.3306 0.4226 -0.0341 -0.0688 -0.0549 120 GLU A C   
319 O O   . GLU A 42 ? 0.3546 0.3405 0.4377 -0.0335 -0.0614 -0.0497 120 GLU A O   
320 C CB  . GLU A 42 ? 0.4738 0.4957 0.5992 -0.0498 -0.0668 -0.0512 120 GLU A CB  
321 C CG  . GLU A 42 ? 0.6568 0.6671 0.7830 -0.0576 -0.0745 -0.0603 120 GLU A CG  
322 C CD  . GLU A 42 ? 0.7321 0.7462 0.8790 -0.0709 -0.0727 -0.0593 120 GLU A CD  
323 O OE1 . GLU A 42 ? 0.6536 0.6793 0.8133 -0.0735 -0.0650 -0.0515 120 GLU A OE1 
324 O OE2 . GLU A 42 ? 0.7965 0.8022 0.9470 -0.0786 -0.0788 -0.0664 120 GLU A OE2 
325 N N   . ASP A 43 ? 0.3574 0.3442 0.4357 -0.0327 -0.0775 -0.0641 121 ASP A N   
326 C CA  . ASP A 43 ? 0.3331 0.2960 0.3937 -0.0301 -0.0784 -0.0682 121 ASP A CA  
327 C C   . ASP A 43 ? 0.3377 0.3005 0.3816 -0.0167 -0.0759 -0.0647 121 ASP A C   
328 O O   . ASP A 43 ? 0.3618 0.3077 0.3948 -0.0148 -0.0717 -0.0628 121 ASP A O   
329 C CB  . ASP A 43 ? 0.3772 0.3294 0.4320 -0.0323 -0.0887 -0.0796 121 ASP A CB  
330 C CG  . ASP A 43 ? 0.4553 0.3971 0.5231 -0.0468 -0.0895 -0.0827 121 ASP A CG  
331 O OD1 . ASP A 43 ? 0.4756 0.4196 0.5567 -0.0548 -0.0819 -0.0757 121 ASP A OD1 
332 O OD2 . ASP A 43 ? 0.5371 0.4687 0.6022 -0.0501 -0.0978 -0.0921 121 ASP A OD2 
333 N N   . GLU A 44 ? 0.3258 0.3077 0.3685 -0.0073 -0.0786 -0.0636 122 GLU A N   
334 C CA  . GLU A 44 ? 0.3581 0.3432 0.3876 0.0054  -0.0757 -0.0592 122 GLU A CA  
335 C C   . GLU A 44 ? 0.3132 0.3012 0.3487 0.0049  -0.0655 -0.0489 122 GLU A C   
336 O O   . GLU A 44 ? 0.3044 0.2833 0.3281 0.0112  -0.0614 -0.0456 122 GLU A O   
337 C CB  . GLU A 44 ? 0.3373 0.3446 0.3666 0.0149  -0.0803 -0.0592 122 GLU A CB  
338 C CG  . GLU A 44 ? 0.4239 0.4290 0.4435 0.0184  -0.0908 -0.0697 122 GLU A CG  
339 C CD  . GLU A 44 ? 0.4794 0.5079 0.4995 0.0275  -0.0952 -0.0692 122 GLU A CD  
340 O OE1 . GLU A 44 ? 0.5748 0.6024 0.5817 0.0349  -0.1027 -0.0766 122 GLU A OE1 
341 O OE2 . GLU A 44 ? 0.4837 0.5314 0.5172 0.0277  -0.0909 -0.0614 122 GLU A OE2 
342 N N   . ILE A 45 ? 0.3119 0.3128 0.3656 -0.0024 -0.0614 -0.0440 123 ILE A N   
343 C CA  . ILE A 45 ? 0.3170 0.3194 0.3774 -0.0043 -0.0518 -0.0351 123 ILE A CA  
344 C C   . ILE A 45 ? 0.3465 0.3253 0.3996 -0.0097 -0.0476 -0.0353 123 ILE A C   
345 O O   . ILE A 45 ? 0.2695 0.2421 0.3149 -0.0052 -0.0421 -0.0304 123 ILE A O   
346 C CB  . ILE A 45 ? 0.2636 0.2826 0.3453 -0.0118 -0.0482 -0.0307 123 ILE A CB  
347 C CG1 . ILE A 45 ? 0.2498 0.2931 0.3385 -0.0047 -0.0509 -0.0284 123 ILE A CG1 
348 C CG2 . ILE A 45 ? 0.2378 0.2547 0.3254 -0.0149 -0.0383 -0.0229 123 ILE A CG2 
349 C CD1 . ILE A 45 ? 0.2846 0.3452 0.3947 -0.0117 -0.0484 -0.0247 123 ILE A CD1 
350 N N   . GLU A 46 ? 0.3133 0.2791 0.3690 -0.0192 -0.0505 -0.0407 124 GLU A N   
351 C CA  . GLU A 46 ? 0.3347 0.2778 0.3836 -0.0246 -0.0466 -0.0406 124 GLU A CA  
352 C C   . GLU A 46 ? 0.3187 0.2464 0.3468 -0.0153 -0.0483 -0.0427 124 GLU A C   
353 O O   . GLU A 46 ? 0.3476 0.2616 0.3682 -0.0151 -0.0428 -0.0391 124 GLU A O   
354 C CB  . GLU A 46 ? 0.3510 0.2827 0.4069 -0.0363 -0.0501 -0.0463 124 GLU A CB  
355 C CG  . GLU A 46 ? 0.4346 0.3784 0.5115 -0.0469 -0.0468 -0.0433 124 GLU A CG  
356 C CD  . GLU A 46 ? 0.5791 0.5180 0.6614 -0.0525 -0.0368 -0.0357 124 GLU A CD  
357 O OE1 . GLU A 46 ? 0.6339 0.5563 0.7035 -0.0502 -0.0331 -0.0338 124 GLU A OE1 
358 O OE2 . GLU A 46 ? 0.6441 0.5958 0.7432 -0.0588 -0.0326 -0.0317 124 GLU A OE2 
359 N N   . ASN A 47 ? 0.3393 0.2697 0.3579 -0.0074 -0.0557 -0.0486 125 ASN A N   
360 C CA  . ASN A 47 ? 0.3889 0.3058 0.3875 0.0022  -0.0577 -0.0512 125 ASN A CA  
361 C C   . ASN A 47 ? 0.3888 0.3128 0.3818 0.0118  -0.0517 -0.0433 125 ASN A C   
362 O O   . ASN A 47 ? 0.3928 0.3024 0.3732 0.0160  -0.0489 -0.0418 125 ASN A O   
363 C CB  . ASN A 47 ? 0.4602 0.3803 0.4505 0.0089  -0.0671 -0.0596 125 ASN A CB  
364 C CG  . ASN A 47 ? 0.5103 0.4133 0.4799 0.0176  -0.0697 -0.0637 125 ASN A CG  
365 O OD1 . ASN A 47 ? 0.5574 0.4396 0.5203 0.0145  -0.0675 -0.0643 125 ASN A OD1 
366 N ND2 . ASN A 47 ? 0.5270 0.4392 0.4867 0.0292  -0.0743 -0.0664 125 ASN A ND2 
367 N N   . MET A 48 ? 0.3070 0.2532 0.3097 0.0151  -0.0499 -0.0384 126 MET A N   
368 C CA  . MET A 48 ? 0.3041 0.2590 0.3040 0.0237  -0.0443 -0.0307 126 MET A CA  
369 C C   . MET A 48 ? 0.3311 0.2789 0.3357 0.0181  -0.0360 -0.0242 126 MET A C   
370 O O   . MET A 48 ? 0.3111 0.2540 0.3070 0.0242  -0.0319 -0.0199 126 MET A O   
371 C CB  . MET A 48 ? 0.2589 0.2393 0.2696 0.0282  -0.0447 -0.0269 126 MET A CB  
372 C CG  . MET A 48 ? 0.3696 0.3584 0.3734 0.0360  -0.0527 -0.0325 126 MET A CG  
373 S SD  . MET A 48 ? 0.3872 0.4054 0.4065 0.0380  -0.0547 -0.0297 126 MET A SD  
374 C CE  . MET A 48 ? 0.3654 0.3977 0.3844 0.0490  -0.0485 -0.0195 126 MET A CE  
375 N N   . ILE A 49 ? 0.2814 0.2287 0.2992 0.0066  -0.0334 -0.0237 127 ILE A N   
376 C CA  . ILE A 49 ? 0.2700 0.2081 0.2909 0.0005  -0.0258 -0.0187 127 ILE A CA  
377 C C   . ILE A 49 ? 0.3042 0.2182 0.3093 0.0010  -0.0256 -0.0207 127 ILE A C   
378 O O   . ILE A 49 ? 0.3596 0.2671 0.3579 0.0042  -0.0204 -0.0159 127 ILE A O   
379 C CB  . ILE A 49 ? 0.3554 0.2964 0.3929 -0.0121 -0.0236 -0.0184 127 ILE A CB  
380 C CG1 . ILE A 49 ? 0.2991 0.2641 0.3531 -0.0122 -0.0219 -0.0145 127 ILE A CG1 
381 C CG2 . ILE A 49 ? 0.3679 0.2963 0.4057 -0.0183 -0.0162 -0.0141 127 ILE A CG2 
382 C CD1 . ILE A 49 ? 0.3405 0.3105 0.4118 -0.0239 -0.0200 -0.0143 127 ILE A CD1 
383 N N   . ALA A 50 ? 0.3018 0.2023 0.3008 -0.0019 -0.0314 -0.0280 128 ALA A N   
384 C CA  . ALA A 50 ? 0.3503 0.2270 0.3352 -0.0018 -0.0314 -0.0301 128 ALA A CA  
385 C C   . ALA A 50 ? 0.3720 0.2447 0.3403 0.0107  -0.0318 -0.0291 128 ALA A C   
386 O O   . ALA A 50 ? 0.4192 0.2763 0.3772 0.0124  -0.0286 -0.0269 128 ALA A O   
387 C CB  . ALA A 50 ? 0.4324 0.2966 0.4152 -0.0070 -0.0385 -0.0388 128 ALA A CB  
388 N N   . GLU A 51 ? 0.4172 0.3044 0.3832 0.0197  -0.0357 -0.0303 129 GLU A N   
389 C CA  . GLU A 51 ? 0.5214 0.4080 0.4731 0.0324  -0.0360 -0.0289 129 GLU A CA  
390 C C   . GLU A 51 ? 0.4594 0.3507 0.4123 0.0353  -0.0284 -0.0201 129 GLU A C   
391 O O   . GLU A 51 ? 0.4741 0.3580 0.4147 0.0431  -0.0270 -0.0181 129 GLU A O   
392 C CB  . GLU A 51 ? 0.6165 0.5212 0.5682 0.0409  -0.0412 -0.0312 129 GLU A CB  
393 C CG  . GLU A 51 ? 0.6801 0.5930 0.6231 0.0537  -0.0394 -0.0266 129 GLU A CG  
394 C CD  . GLU A 51 ? 0.7296 0.6280 0.6534 0.0626  -0.0431 -0.0311 129 GLU A CD  
395 O OE1 . GLU A 51 ? 0.7502 0.6303 0.6670 0.0586  -0.0468 -0.0379 129 GLU A OE1 
396 O OE2 . GLU A 51 ? 0.7058 0.6112 0.6222 0.0738  -0.0423 -0.0279 129 GLU A OE2 
397 N N   . THR A 52 ? 0.3818 0.2855 0.3501 0.0290  -0.0238 -0.0153 130 THR A N   
398 C CA  . THR A 52 ? 0.3913 0.3014 0.3633 0.0309  -0.0169 -0.0074 130 THR A CA  
399 C C   . THR A 52 ? 0.4220 0.3159 0.3919 0.0240  -0.0117 -0.0051 130 THR A C   
400 O O   . THR A 52 ? 0.4270 0.3130 0.3876 0.0285  -0.0085 -0.0016 130 THR A O   
401 C CB  . THR A 52 ? 0.3454 0.2775 0.3349 0.0286  -0.0141 -0.0031 130 THR A CB  
402 O OG1 . THR A 52 ? 0.3483 0.2956 0.3406 0.0340  -0.0194 -0.0055 130 THR A OG1 
403 C CG2 . THR A 52 ? 0.3357 0.2753 0.3273 0.0331  -0.0082 0.0042  130 THR A CG2 
404 N N   . ASP A 53 ? 0.3787 0.2772 0.3690 -0.0022 -0.0245 0.0502  131 ASP A N   
405 C CA  . ASP A 53 ? 0.3623 0.2399 0.3481 -0.0010 -0.0334 0.0691  131 ASP A CA  
406 C C   . ASP A 53 ? 0.4684 0.3254 0.4762 0.0104  -0.0376 0.0660  131 ASP A C   
407 O O   . ASP A 53 ? 0.5216 0.3563 0.5279 0.0078  -0.0347 0.0638  131 ASP A O   
408 C CB  . ASP A 53 ? 0.4144 0.2804 0.3757 -0.0134 -0.0277 0.0755  131 ASP A CB  
409 C CG  . ASP A 53 ? 0.3818 0.2428 0.3423 -0.0098 -0.0259 0.0802  131 ASP A CG  
410 O OD1 . ASP A 53 ? 0.3766 0.2358 0.3428 -0.0033 -0.0338 0.0876  131 ASP A OD1 
411 O OD2 . ASP A 53 ? 0.3889 0.2493 0.3449 -0.0133 -0.0171 0.0764  131 ASP A OD2 
412 N N   . THR A 54 ? 0.4026 0.2656 0.4305 0.0229  -0.0456 0.0671  132 THR A N   
413 C CA  . THR A 54 ? 0.4721 0.3207 0.5249 0.0360  -0.0492 0.0596  132 THR A CA  
414 C C   . THR A 54 ? 0.4853 0.2996 0.5357 0.0380  -0.0587 0.0752  132 THR A C   
415 O O   . THR A 54 ? 0.4783 0.2772 0.5405 0.0448  -0.0589 0.0685  132 THR A O   
416 C CB  . THR A 54 ? 0.5796 0.4519 0.6594 0.0501  -0.0530 0.0497  132 THR A CB  
417 O OG1 . THR A 54 ? 0.5990 0.4842 0.6754 0.0508  -0.0611 0.0630  132 THR A OG1 
418 C CG2 . THR A 54 ? 0.5798 0.4811 0.6646 0.0482  -0.0416 0.0295  132 THR A CG2 
419 N N   . ASP A 55 ? 0.4375 0.2563 0.4639 0.0294  -0.0578 0.0875  133 ASP A N   
420 C CA  . ASP A 55 ? 0.4611 0.2655 0.4766 0.0281  -0.0570 0.0932  133 ASP A CA  
421 C C   . ASP A 55 ? 0.5143 0.3134 0.5084 0.0163  -0.0447 0.0920  133 ASP A C   
422 O O   . ASP A 55 ? 0.6003 0.3893 0.5865 0.0147  -0.0426 0.0963  133 ASP A O   
423 C CB  . ASP A 55 ? 0.4637 0.2746 0.4741 0.0301  -0.0635 0.1036  133 ASP A CB  
424 C CG  . ASP A 55 ? 0.4585 0.2901 0.4518 0.0216  -0.0593 0.1072  133 ASP A CG  
425 O OD1 . ASP A 55 ? 0.3551 0.1941 0.3358 0.0126  -0.0497 0.1025  133 ASP A OD1 
426 O OD2 . ASP A 55 ? 0.4891 0.3301 0.4818 0.0241  -0.0651 0.1132  133 ASP A OD2 
427 N N   . GLY A 56 ? 0.4831 0.2907 0.4708 0.0088  -0.0367 0.0855  134 GLY A N   
428 C CA  . GLY A 56 ? 0.5552 0.3643 0.5295 -0.0003 -0.0246 0.0825  134 GLY A CA  
429 C C   . GLY A 56 ? 0.5713 0.3930 0.5325 -0.0045 -0.0198 0.0879  134 GLY A C   
430 O O   . GLY A 56 ? 0.5909 0.4101 0.5486 -0.0083 -0.0143 0.0880  134 GLY A O   
431 N N   . SER A 57 ? 0.5295 0.3650 0.4864 -0.0038 -0.0234 0.0916  135 SER A N   
432 C CA  . SER A 57 ? 0.5132 0.3583 0.4605 -0.0085 -0.0233 0.0953  135 SER A CA  
433 C C   . SER A 57 ? 0.5002 0.3627 0.4410 -0.0175 -0.0195 0.0891  135 SER A C   
434 O O   . SER A 57 ? 0.4921 0.3602 0.4259 -0.0237 -0.0217 0.0900  135 SER A O   
435 C CB  . SER A 57 ? 0.4667 0.3182 0.4127 -0.0047 -0.0302 0.1010  135 SER A CB  
436 O OG  . SER A 57 ? 0.4171 0.2866 0.3615 -0.0053 -0.0288 0.0971  135 SER A OG  
437 N N   . GLY A 58 ? 0.4342 0.3042 0.3779 -0.0179 -0.0146 0.0819  136 GLY A N   
438 C CA  . GLY A 58 ? 0.3932 0.2796 0.3310 -0.0251 -0.0129 0.0745  136 GLY A CA  
439 C C   . GLY A 58 ? 0.3854 0.2884 0.3184 -0.0269 -0.0159 0.0728  136 GLY A C   
440 O O   . GLY A 58 ? 0.3726 0.2878 0.3004 -0.0329 -0.0166 0.0657  136 GLY A O   
441 N N   . THR A 59 ? 0.3517 0.2540 0.2871 -0.0213 -0.0187 0.0786  137 THR A N   
442 C CA  . THR A 59 ? 0.3334 0.2517 0.2659 -0.0229 -0.0215 0.0774  137 THR A CA  
443 C C   . THR A 59 ? 0.3652 0.2839 0.3015 -0.0147 -0.0218 0.0801  137 THR A C   
444 O O   . THR A 59 ? 0.3225 0.2258 0.2652 -0.0096 -0.0273 0.0873  137 THR A O   
445 C CB  . THR A 59 ? 0.3464 0.2653 0.2764 -0.0251 -0.0271 0.0832  137 THR A CB  
446 O OG1 . THR A 59 ? 0.4060 0.3096 0.3390 -0.0183 -0.0303 0.0921  137 THR A OG1 
447 C CG2 . THR A 59 ? 0.4398 0.3586 0.3649 -0.0327 -0.0273 0.0803  137 THR A CG2 
448 N N   . VAL A 60 ? 0.3207 0.2558 0.2548 -0.0166 -0.0214 0.0756  138 VAL A N   
449 C CA  . VAL A 60 ? 0.3277 0.2674 0.2657 -0.0147 -0.0291 0.0815  138 VAL A CA  
450 C C   . VAL A 60 ? 0.3558 0.3066 0.2941 -0.0118 -0.0333 0.0849  138 VAL A C   
451 O O   . VAL A 60 ? 0.3265 0.2909 0.2604 -0.0157 -0.0290 0.0775  138 VAL A O   
452 C CB  . VAL A 60 ? 0.3248 0.2788 0.2584 -0.0209 -0.0258 0.0741  138 VAL A CB  
453 C CG1 . VAL A 60 ? 0.2926 0.2606 0.2324 -0.0197 -0.0355 0.0824  138 VAL A CG1 
454 C CG2 . VAL A 60 ? 0.3560 0.2965 0.2878 -0.0250 -0.0214 0.0697  138 VAL A CG2 
455 N N   . ASP A 61 ? 0.3279 0.2722 0.2760 -0.0054 -0.0436 0.0956  139 ASP A N   
456 C CA  . ASP A 61 ? 0.3275 0.2831 0.2764 -0.0030 -0.0480 0.0987  139 ASP A CA  
457 C C   . ASP A 61 ? 0.3034 0.2828 0.2613 -0.0020 -0.0541 0.1004  139 ASP A C   
458 O O   . ASP A 61 ? 0.3004 0.2887 0.2650 -0.0021 -0.0557 0.1001  139 ASP A O   
459 C CB  . ASP A 61 ? 0.3752 0.3166 0.3311 0.0042  -0.0560 0.1078  139 ASP A CB  
460 C CG  . ASP A 61 ? 0.4151 0.3475 0.3938 0.0142  -0.0675 0.1145  139 ASP A CG  
461 O OD1 . ASP A 61 ? 0.4083 0.3568 0.4064 0.0207  -0.0751 0.1156  139 ASP A OD1 
462 O OD2 . ASP A 61 ? 0.4434 0.3545 0.4247 0.0176  -0.0686 0.1167  139 ASP A OD2 
463 N N   . TYR A 62 ? 0.3491 0.3420 0.3081 -0.0009 -0.0572 0.1015  140 TYR A N   
464 C CA  . TYR A 62 ? 0.3338 0.3562 0.3007 -0.0009 -0.0602 0.1003  140 TYR A CA  
465 C C   . TYR A 62 ? 0.2354 0.2751 0.2332 0.0121  -0.0733 0.1071  140 TYR A C   
466 O O   . TYR A 62 ? 0.2775 0.3411 0.2855 0.0126  -0.0658 0.0901  140 TYR A O   
467 C CB  . TYR A 62 ? 0.3612 0.3931 0.3250 -0.0023 -0.0603 0.0991  140 TYR A CB  
468 C CG  . TYR A 62 ? 0.3317 0.3964 0.3035 -0.0033 -0.0616 0.0959  140 TYR A CG  
469 C CD1 . TYR A 62 ? 0.3584 0.4452 0.3522 0.0065  -0.0731 0.1014  140 TYR A CD1 
470 C CD2 . TYR A 62 ? 0.3380 0.4125 0.2993 -0.0127 -0.0507 0.0842  140 TYR A CD2 
471 C CE1 . TYR A 62 ? 0.3219 0.4445 0.3252 0.0060  -0.0727 0.0949  140 TYR A CE1 
472 C CE2 . TYR A 62 ? 0.2885 0.3937 0.2556 -0.0147 -0.0497 0.0790  140 TYR A CE2 
473 C CZ  . TYR A 62 ? 0.2772 0.4086 0.2639 -0.0058 -0.0603 0.0841  140 TYR A CZ  
474 O OH  . TYR A 62 ? 0.3335 0.4990 0.3276 -0.0076 -0.0577 0.0753  140 TYR A OH  
475 N N   . GLU A 63 ? 0.2861 0.3075 0.3026 0.0235  -0.0822 0.1131  141 GLU A N   
476 C CA  . GLU A 63 ? 0.3046 0.3340 0.3564 0.0384  -0.0830 0.0984  141 GLU A CA  
477 C C   . GLU A 63 ? 0.2872 0.3112 0.3431 0.0378  -0.0711 0.0809  141 GLU A C   
478 O O   . GLU A 63 ? 0.3048 0.3492 0.3816 0.0440  -0.0653 0.0625  141 GLU A O   
479 C CB  . GLU A 63 ? 0.4367 0.4433 0.5053 0.0507  -0.0960 0.1091  141 GLU A CB  
480 C CG  . GLU A 63 ? 0.6098 0.6244 0.7161 0.0675  -0.0983 0.0944  141 GLU A CG  
481 C CD  . GLU A 63 ? 0.7786 0.7684 0.8999 0.0797  -0.1129 0.1057  141 GLU A CD  
482 O OE1 . GLU A 63 ? 0.8089 0.8034 0.9283 0.0813  -0.1213 0.1154  141 GLU A OE1 
483 O OE2 . GLU A 63 ? 0.8564 0.8208 0.9860 0.0855  -0.1130 0.1020  141 GLU A OE2 
484 N N   . GLU A 64 ? 0.2983 0.2955 0.3343 0.0298  -0.0674 0.0863  142 GLU A N   
485 C CA  . GLU A 64 ? 0.2873 0.2777 0.3244 0.0277  -0.0565 0.0709  142 GLU A CA  
486 C C   . GLU A 64 ? 0.2320 0.2487 0.2584 0.0183  -0.0459 0.0576  142 GLU A C   
487 O O   . GLU A 64 ? 0.2392 0.2657 0.2773 0.0204  -0.0377 0.0392  142 GLU A O   
488 C CB  . GLU A 64 ? 0.2977 0.2556 0.3141 0.0196  -0.0552 0.0806  142 GLU A CB  
489 C CG  . GLU A 64 ? 0.3867 0.3148 0.4127 0.0277  -0.0647 0.0918  142 GLU A CG  
490 C CD  . GLU A 64 ? 0.4006 0.2990 0.4040 0.0177  -0.0630 0.1025  142 GLU A CD  
491 O OE1 . GLU A 64 ? 0.3479 0.2551 0.3255 0.0054  -0.0541 0.1019  142 GLU A OE1 
492 O OE2 . GLU A 64 ? 0.4032 0.2779 0.4143 0.0222  -0.0640 0.1014  142 GLU A OE2 
493 N N   . PHE A 65 ? 0.2250 0.2520 0.2274 0.0075  -0.0464 0.0672  143 PHE A N   
494 C CA  . PHE A 65 ? 0.2291 0.2787 0.2168 -0.0029 -0.0376 0.0567  143 PHE A CA  
495 C C   . PHE A 65 ? 0.1966 0.2782 0.2072 0.0037  -0.0356 0.0417  143 PHE A C   
496 O O   . PHE A 65 ? 0.2193 0.3151 0.2315 0.0003  -0.0263 0.0245  143 PHE A O   
497 C CB  . PHE A 65 ? 0.2249 0.2775 0.1830 -0.0147 -0.0405 0.0716  143 PHE A CB  
498 C CG  . PHE A 65 ? 0.2090 0.2766 0.1479 -0.0267 -0.0315 0.0612  143 PHE A CG  
499 C CD1 . PHE A 65 ? 0.2303 0.2857 0.1603 -0.0326 -0.0228 0.0507  143 PHE A CD1 
500 C CD2 . PHE A 65 ? 0.2412 0.3241 0.1836 -0.0288 -0.0282 0.0544  143 PHE A CD2 
501 C CE1 . PHE A 65 ? 0.2907 0.3480 0.2226 -0.0368 -0.0137 0.0346  143 PHE A CE1 
502 C CE2 . PHE A 65 ? 0.2366 0.3194 0.1790 -0.0345 -0.0186 0.0398  143 PHE A CE2 
503 C CZ  . PHE A 65 ? 0.2854 0.3545 0.2252 -0.0370 -0.0128 0.0308  143 PHE A CZ  
504 N N   . LYS A 66 ? 0.2195 0.3123 0.2483 0.0132  -0.0445 0.0479  144 LYS A N   
505 C CA  . LYS A 66 ? 0.2321 0.3576 0.2850 0.0200  -0.0432 0.0343  144 LYS A CA  
506 C C   . LYS A 66 ? 0.2688 0.3949 0.3497 0.0307  -0.0375 0.0153  144 LYS A C   
507 O O   . LYS A 66 ? 0.3050 0.4558 0.3958 0.0302  -0.0292 -0.0028 144 LYS A O   
508 C CB  . LYS A 66 ? 0.2750 0.4103 0.3427 0.0286  -0.0554 0.0463  144 LYS A CB  
509 C CG  . LYS A 66 ? 0.3757 0.5476 0.4695 0.0354  -0.0543 0.0327  144 LYS A CG  
510 C CD  . LYS A 66 ? 0.4667 0.6508 0.5708 0.0413  -0.0669 0.0459  144 LYS A CD  
511 C CE  . LYS A 66 ? 0.5296 0.7538 0.6599 0.0468  -0.0647 0.0312  144 LYS A CE  
512 N NZ  . LYS A 66 ? 0.5857 0.8239 0.7279 0.0525  -0.0775 0.0433  144 LYS A NZ  
513 N N   . CYS A 67 ? 0.2813 0.3793 0.3735 0.0400  -0.0419 0.0192  145 CYS A N   
514 C CA  . CYS A 67 ? 0.3205 0.4138 0.4380 0.0506  -0.0374 0.0022  145 CYS A CA  
515 C C   . CYS A 67 ? 0.2639 0.3611 0.3696 0.0411  -0.0238 -0.0144 145 CYS A C   
516 O O   . CYS A 67 ? 0.3376 0.4512 0.4616 0.0457  -0.0167 -0.0336 145 CYS A O   
517 C CB  . CYS A 67 ? 0.3822 0.4388 0.5054 0.0586  -0.0444 0.0115  145 CYS A CB  
518 S SG  . CYS A 67 ? 0.6033 0.6542 0.7521 0.0752  -0.0610 0.0240  145 CYS A SG  
519 N N   . LEU A 68 ? 0.2283 0.3100 0.3031 0.0274  -0.0205 -0.0069 146 LEU A N   
520 C CA  . LEU A 68 ? 0.2397 0.3227 0.3005 0.0173  -0.0091 -0.0212 146 LEU A CA  
521 C C   . LEU A 68 ? 0.2379 0.3549 0.2938 0.0099  -0.0027 -0.0326 146 LEU A C   
522 O O   . LEU A 68 ? 0.2055 0.3358 0.2703 0.0097  0.0060  -0.0518 146 LEU A O   
523 C CB  . LEU A 68 ? 0.2284 0.2887 0.2577 0.0045  -0.0081 -0.0098 146 LEU A CB  
524 C CG  . LEU A 68 ? 0.2026 0.2670 0.2124 -0.0084 0.0020  -0.0223 146 LEU A CG  
525 C CD1 . LEU A 68 ? 0.2825 0.3394 0.3080 -0.0035 0.0091  -0.0405 146 LEU A CD1 
526 C CD2 . LEU A 68 ? 0.2379 0.2823 0.2177 -0.0201 0.0015  -0.0099 146 LEU A CD2 
527 N N   . MET A 69 ? 0.2410 0.3713 0.2814 0.0032  -0.0071 -0.0206 147 MET A N   
528 C CA  . MET A 69 ? 0.2767 0.4349 0.3034 -0.0078 -0.0013 -0.0288 147 MET A CA  
529 C C   . MET A 69 ? 0.2911 0.4826 0.3442 -0.0008 0.0009  -0.0426 147 MET A C   
530 O O   . MET A 69 ? 0.3488 0.5615 0.3972 -0.0085 0.0095  -0.0577 147 MET A O   
531 C CB  . MET A 69 ? 0.2351 0.3942 0.2334 -0.0186 -0.0067 -0.0112 147 MET A CB  
532 C CG  . MET A 69 ? 0.2164 0.3458 0.1874 -0.0271 -0.0073 0.0003  147 MET A CG  
533 S SD  . MET A 69 ? 0.2941 0.4156 0.2463 -0.0386 0.0036  -0.0152 147 MET A SD  
534 C CE  . MET A 69 ? 0.3345 0.4754 0.2890 -0.0461 0.0069  -0.0213 147 MET A CE  
535 N N   . MET A 70 ? 0.2064 0.4028 0.2868 0.0134  -0.0070 -0.0377 148 MET A N   
536 C CA  . MET A 70 ? 0.1846 0.4145 0.2925 0.0209  -0.0057 -0.0503 148 MET A CA  
537 C C   . MET A 70 ? 0.3159 0.5475 0.4586 0.0356  -0.0018 -0.0680 148 MET A C   
538 O O   . MET A 70 ? 0.3021 0.5620 0.4711 0.0434  -0.0002 -0.0801 148 MET A O   
539 C CB  . MET A 70 ? 0.2490 0.4924 0.3640 0.0255  -0.0169 -0.0352 148 MET A CB  
540 C CG  . MET A 70 ? 0.3034 0.5567 0.3851 0.0091  -0.0177 -0.0240 148 MET A CG  
541 S SD  . MET A 70 ? 1.1787 1.4430 1.2614 0.0116  -0.0316 -0.0035 148 MET A SD  
542 C CE  . MET A 70 ? 0.7060 1.0181 0.8165 0.0152  -0.0282 -0.0200 148 MET A CE  
543 N N   . SER A 71 ? 0.3193 0.5211 0.4618 0.0391  -0.0001 -0.0699 149 SER A N   
544 C CA  . SER A 71 ? 0.4291 0.6278 0.6015 0.0526  0.0036  -0.0866 149 SER A CA  
545 C C   . SER A 71 ? 0.4138 0.6377 0.5916 0.0477  0.0170  -0.1107 149 SER A C   
546 O O   . SER A 71 ? 0.3810 0.6070 0.5319 0.0322  0.0250  -0.1154 149 SER A O   
547 C CB  . SER A 71 ? 0.3745 0.5339 0.5402 0.0544  0.0030  -0.0827 149 SER A CB  
548 O OG  . SER A 71 ? 0.4453 0.5954 0.5813 0.0389  0.0114  -0.0859 149 SER A OG  
549 N N   . SER A 72 ? 0.3919 0.6343 0.6043 0.0611  0.0191  -0.1264 150 SER A N   
550 C CA  . SER A 72 ? 0.3930 0.6580 0.6140 0.0581  0.0325  -0.1510 150 SER A CA  
551 C C   . SER A 72 ? 0.3674 0.6169 0.6134 0.0719  0.0356  -0.1655 150 SER A C   
552 O O   . SER A 72 ? 0.3198 0.5702 0.5979 0.0895  0.0289  -0.1663 150 SER A O   
553 C CB  . SER A 72 ? 0.4592 0.7657 0.6986 0.0600  0.0340  -0.1594 150 SER A CB  
554 O OG  . SER A 72 ? 0.5220 0.8318 0.7597 0.0549  0.0432  -0.1763 150 SER A OG  
555 N N   . ASP A 73 ? 0.3215 0.5557 0.5523 0.0638  0.0450  -0.1762 151 ASP A N   
556 C CA  . ASP A 73 ? 0.3542 0.5637 0.5987 0.0731  0.0463  -0.1850 151 ASP A CA  
557 C C   . ASP A 73 ? 0.4290 0.6478 0.6788 0.0707  0.0533  -0.2007 151 ASP A C   
558 O O   . ASP A 73 ? 0.3898 0.5908 0.6508 0.0780  0.0544  -0.2079 151 ASP A O   
559 C CB  . ASP A 73 ? 0.3758 0.5527 0.5973 0.0656  0.0489  -0.1820 151 ASP A CB  
560 C CG  . ASP A 73 ? 0.3993 0.5532 0.6025 0.0626  0.0380  -0.1568 151 ASP A CG  
561 O OD1 . ASP A 73 ? 0.4353 0.5801 0.6554 0.0755  0.0270  -0.1445 151 ASP A OD1 
562 O OD2 . ASP A 73 ? 0.3426 0.4869 0.5136 0.0471  0.0400  -0.1490 151 ASP A OD2 
563 N N   . ALA A 74 ? 0.4487 0.6945 0.6906 0.0603  0.0574  -0.2055 152 ALA A N   
564 C CA  . ALA A 74 ? 0.4441 0.6999 0.6913 0.0569  0.0638  -0.2205 152 ALA A CA  
565 C C   . ALA A 74 ? 0.4816 0.7453 0.7656 0.0760  0.0613  -0.2282 152 ALA A C   
566 O O   . ALA A 74 ? 0.4295 0.7031 0.7341 0.0888  0.0539  -0.2214 152 ALA A O   
567 C CB  . ALA A 74 ? 0.4829 0.7632 0.7125 0.0410  0.0671  -0.2229 152 ALA A CB  
568 N N   . GLY B 1  ? 0.5239 0.4540 0.5694 0.0114  -0.0075 -0.0506 143 GLY B N   
569 C CA  . GLY B 1  ? 0.5566 0.4879 0.5927 0.0125  -0.0004 -0.0537 143 GLY B CA  
570 C C   . GLY B 1  ? 0.5236 0.4559 0.5468 0.0101  -0.0014 -0.0509 143 GLY B C   
571 O O   . GLY B 1  ? 0.4997 0.4302 0.5191 0.0075  -0.0077 -0.0486 143 GLY B O   
572 N N   . LEU B 2  ? 0.4621 0.3977 0.4790 0.0108  0.0048  -0.0510 144 LEU B N   
573 C CA  . LEU B 2  ? 0.4003 0.3358 0.4040 0.0089  0.0046  -0.0488 144 LEU B CA  
574 C C   . LEU B 2  ? 0.3423 0.2733 0.3326 0.0087  0.0095  -0.0554 144 LEU B C   
575 O O   . LEU B 2  ? 0.4274 0.3591 0.4192 0.0106  0.0159  -0.0597 144 LEU B O   
576 C CB  . LEU B 2  ? 0.4342 0.3774 0.4411 0.0094  0.0075  -0.0424 144 LEU B CB  
577 C CG  . LEU B 2  ? 0.4461 0.3945 0.4599 0.0084  0.0019  -0.0347 144 LEU B CG  
578 C CD1 . LEU B 2  ? 0.3868 0.3416 0.4012 0.0090  0.0063  -0.0302 144 LEU B CD1 
579 C CD2 . LEU B 2  ? 0.4452 0.3899 0.4497 0.0060  -0.0047 -0.0333 144 LEU B CD2 
580 N N   . SER B 3  ? 0.3548 0.2823 0.3319 0.0062  0.0069  -0.0561 145 SER B N   
581 C CA  . SER B 3  ? 0.4063 0.3307 0.3694 0.0055  0.0117  -0.0613 145 SER B CA  
582 C C   . SER B 3  ? 0.3889 0.3181 0.3506 0.0065  0.0186  -0.0587 145 SER B C   
583 O O   . SER B 3  ? 0.3836 0.3177 0.3516 0.0070  0.0181  -0.0520 145 SER B O   
584 C CB  . SER B 3  ? 0.4412 0.3629 0.3905 0.0024  0.0074  -0.0605 145 SER B CB  
585 O OG  . SER B 3  ? 0.3827 0.3083 0.3308 0.0017  0.0050  -0.0522 145 SER B OG  
586 N N   . PRO B 4  ? 0.4125 0.3408 0.3662 0.0067  0.0250  -0.0641 146 PRO B N   
587 C CA  . PRO B 4  ? 0.4132 0.3459 0.3647 0.0071  0.0316  -0.0617 146 PRO B CA  
588 C C   . PRO B 4  ? 0.4220 0.3554 0.3646 0.0052  0.0302  -0.0550 146 PRO B C   
589 O O   . PRO B 4  ? 0.3962 0.3336 0.3418 0.0058  0.0335  -0.0503 146 PRO B O   
590 C CB  . PRO B 4  ? 0.4528 0.3839 0.3957 0.0071  0.0380  -0.0695 146 PRO B CB  
591 C CG  . PRO B 4  ? 0.4406 0.3661 0.3783 0.0062  0.0342  -0.0756 146 PRO B CG  
592 C CD  . PRO B 4  ? 0.4364 0.3603 0.3850 0.0067  0.0271  -0.0732 146 PRO B CD  
593 N N   . GLU B 5  ? 0.4032 0.3329 0.3351 0.0031  0.0255  -0.0544 147 GLU B N   
594 C CA  . GLU B 5  ? 0.4173 0.3475 0.3415 0.0017  0.0234  -0.0475 147 GLU B CA  
595 C C   . GLU B 5  ? 0.3190 0.2533 0.2551 0.0029  0.0197  -0.0403 147 GLU B C   
596 O O   . GLU B 5  ? 0.3432 0.2800 0.2795 0.0032  0.0220  -0.0349 147 GLU B O   
597 C CB  . GLU B 5  ? 0.4736 0.4004 0.3863 -0.0007 0.0177  -0.0479 147 GLU B CB  
598 C CG  . GLU B 5  ? 0.6691 0.5930 0.5681 -0.0025 0.0209  -0.0544 147 GLU B CG  
599 C CD  . GLU B 5  ? 0.7970 0.7184 0.6857 -0.0051 0.0149  -0.0548 147 GLU B CD  
600 O OE1 . GLU B 5  ? 0.8070 0.7294 0.6946 -0.0057 0.0095  -0.0480 147 GLU B OE1 
601 O OE2 . GLU B 5  ? 0.8732 0.7919 0.7550 -0.0066 0.0154  -0.0621 147 GLU B OE2 
602 N N   . LYS B 6  ? 0.3055 0.2401 0.2515 0.0034  0.0142  -0.0402 148 LYS B N   
603 C CA  . LYS B 6  ? 0.3688 0.3081 0.3265 0.0042  0.0102  -0.0336 148 LYS B CA  
604 C C   . LYS B 6  ? 0.3391 0.2837 0.3086 0.0061  0.0154  -0.0323 148 LYS B C   
605 O O   . LYS B 6  ? 0.3104 0.2596 0.2851 0.0065  0.0152  -0.0265 148 LYS B O   
606 C CB  . LYS B 6  ? 0.3976 0.3363 0.3625 0.0037  0.0028  -0.0339 148 LYS B CB  
607 C CG  . LYS B 6  ? 0.4547 0.3913 0.4109 0.0017  -0.0039 -0.0315 148 LYS B CG  
608 C CD  . LYS B 6  ? 0.5724 0.5107 0.5382 0.0011  -0.0114 -0.0292 148 LYS B CD  
609 C CE  . LYS B 6  ? 0.6898 0.6255 0.6459 -0.0014 -0.0179 -0.0290 148 LYS B CE  
610 N NZ  . LYS B 6  ? 0.7569 0.6930 0.7003 -0.0019 -0.0170 -0.0256 148 LYS B NZ  
611 N N   . LYS B 7  ? 0.3578 0.3025 0.3320 0.0073  0.0199  -0.0377 149 LYS B N   
612 C CA  . LYS B 7  ? 0.3084 0.2590 0.2937 0.0090  0.0250  -0.0367 149 LYS B CA  
613 C C   . LYS B 7  ? 0.2900 0.2425 0.2686 0.0086  0.0313  -0.0346 149 LYS B C   
614 O O   . LYS B 7  ? 0.2900 0.2481 0.2761 0.0090  0.0332  -0.0303 149 LYS B O   
615 C CB  . LYS B 7  ? 0.3387 0.2892 0.3298 0.0107  0.0286  -0.0431 149 LYS B CB  
616 C CG  . LYS B 7  ? 0.3700 0.3280 0.3745 0.0125  0.0328  -0.0417 149 LYS B CG  
617 C CD  . LYS B 7  ? 0.4136 0.3715 0.4245 0.0145  0.0357  -0.0478 149 LYS B CD  
618 C CE  . LYS B 7  ? 0.4598 0.4263 0.4855 0.0163  0.0387  -0.0457 149 LYS B CE  
619 N NZ  . LYS B 7  ? 0.5488 0.5153 0.5808 0.0188  0.0417  -0.0514 149 LYS B NZ  
620 N N   . LYS B 8  ? 0.3090 0.2571 0.2736 0.0074  0.0345  -0.0376 150 LYS B N   
621 C CA  . LYS B 8  ? 0.3172 0.2660 0.2741 0.0065  0.0403  -0.0355 150 LYS B CA  
622 C C   . LYS B 8  ? 0.3273 0.2765 0.2829 0.0059  0.0369  -0.0279 150 LYS B C   
623 O O   . LYS B 8  ? 0.2793 0.2317 0.2376 0.0060  0.0407  -0.0244 150 LYS B O   
624 C CB  . LYS B 8  ? 0.3457 0.2897 0.2870 0.0050  0.0436  -0.0400 150 LYS B CB  
625 C CG  . LYS B 8  ? 0.4633 0.4077 0.4051 0.0056  0.0490  -0.0477 150 LYS B CG  
626 C CD  . LYS B 8  ? 0.5843 0.5248 0.5101 0.0037  0.0522  -0.0520 150 LYS B CD  
627 C CE  . LYS B 8  ? 0.6731 0.6147 0.5996 0.0046  0.0575  -0.0603 150 LYS B CE  
628 N NZ  . LYS B 8  ? 0.7415 0.6823 0.6781 0.0066  0.0536  -0.0643 150 LYS B NZ  
629 N N   . MET B 9  ? 0.3135 0.2599 0.2653 0.0054  0.0297  -0.0256 151 MET B N   
630 C CA  . MET B 9  ? 0.3522 0.2995 0.3035 0.0052  0.0257  -0.0184 151 MET B CA  
631 C C   . MET B 9  ? 0.2899 0.2437 0.2566 0.0065  0.0248  -0.0146 151 MET B C   
632 O O   . MET B 9  ? 0.2811 0.2372 0.2495 0.0067  0.0264  -0.0099 151 MET B O   
633 C CB  . MET B 9  ? 0.3881 0.3323 0.3337 0.0044  0.0177  -0.0170 151 MET B CB  
634 C CG  . MET B 9  ? 0.3953 0.3412 0.3407 0.0047  0.0134  -0.0096 151 MET B CG  
635 S SD  . MET B 9  ? 0.5162 0.4614 0.4596 0.0039  0.0032  -0.0077 151 MET B SD  
636 C CE  . MET B 9  ? 0.7839 0.7233 0.7146 0.0019  0.0036  -0.0150 151 MET B CE  
637 N N   . LEU B 10 ? 0.2636 0.2206 0.2417 0.0072  0.0224  -0.0167 152 LEU B N   
638 C CA  . LEU B 10 ? 0.2369 0.2013 0.2304 0.0082  0.0213  -0.0134 152 LEU B CA  
639 C C   . LEU B 10 ? 0.2625 0.2314 0.2603 0.0086  0.0289  -0.0130 152 LEU B C   
640 O O   . LEU B 10 ? 0.2547 0.2282 0.2585 0.0088  0.0292  -0.0085 152 LEU B O   
641 C CB  . LEU B 10 ? 0.2310 0.1973 0.2352 0.0088  0.0182  -0.0162 152 LEU B CB  
642 C CG  . LEU B 10 ? 0.3106 0.2855 0.3314 0.0095  0.0172  -0.0135 152 LEU B CG  
643 C CD1 . LEU B 10 ? 0.2768 0.2559 0.3020 0.0090  0.0119  -0.0072 152 LEU B CD1 
644 C CD2 . LEU B 10 ? 0.3324 0.3072 0.3614 0.0100  0.0139  -0.0164 152 LEU B CD2 
645 N N   . LYS B 11 ? 0.2309 0.1988 0.2260 0.0087  0.0352  -0.0180 153 LYS B N   
646 C CA  . LYS B 11 ? 0.2204 0.1929 0.2190 0.0087  0.0429  -0.0183 153 LYS B CA  
647 C C   . LYS B 11 ? 0.2637 0.2336 0.2534 0.0076  0.0459  -0.0147 153 LYS B C   
648 O O   . LYS B 11 ? 0.2259 0.2005 0.2215 0.0074  0.0494  -0.0121 153 LYS B O   
649 C CB  . LYS B 11 ? 0.2774 0.2490 0.2728 0.0089  0.0490  -0.0248 153 LYS B CB  
650 C CG  . LYS B 11 ? 0.2948 0.2685 0.3000 0.0104  0.0469  -0.0284 153 LYS B CG  
651 C CD  . LYS B 11 ? 0.3662 0.3373 0.3657 0.0109  0.0519  -0.0354 153 LYS B CD  
652 C CE  . LYS B 11 ? 0.4892 0.4655 0.4895 0.0107  0.0605  -0.0369 153 LYS B CE  
653 N NZ  . LYS B 11 ? 0.5048 0.4799 0.5009 0.0115  0.0654  -0.0440 153 LYS B NZ  
654 N N   . LYS B 12 ? 0.2666 0.2292 0.2422 0.0067  0.0445  -0.0147 154 LYS B N   
655 C CA  . LYS B 12 ? 0.2965 0.2556 0.2625 0.0058  0.0470  -0.0109 154 LYS B CA  
656 C C   . LYS B 12 ? 0.2586 0.2201 0.2310 0.0065  0.0430  -0.0046 154 LYS B C   
657 O O   . LYS B 12 ? 0.2809 0.2435 0.2545 0.0062  0.0469  -0.0016 154 LYS B O   
658 C CB  . LYS B 12 ? 0.3698 0.3212 0.3197 0.0048  0.0450  -0.0115 154 LYS B CB  
659 C CG  . LYS B 12 ? 0.4775 0.4248 0.4174 0.0038  0.0472  -0.0069 154 LYS B CG  
660 C CD  . LYS B 12 ? 0.5620 0.5027 0.4856 0.0025  0.0456  -0.0073 154 LYS B CD  
661 C CE  . LYS B 12 ? 0.6397 0.5765 0.5528 0.0010  0.0511  -0.0045 154 LYS B CE  
662 N NZ  . LYS B 12 ? 0.6971 0.6284 0.5968 0.0003  0.0474  -0.0006 154 LYS B NZ  
663 N N   . LEU B 13 ? 0.2205 0.1829 0.1969 0.0073  0.0352  -0.0027 155 LEU B N   
664 C CA  . LEU B 13 ? 0.3000 0.2654 0.2825 0.0081  0.0305  0.0031  155 LEU B CA  
665 C C   . LEU B 13 ? 0.2624 0.2364 0.2601 0.0086  0.0328  0.0041  155 LEU B C   
666 O O   . LEU B 13 ? 0.2743 0.2508 0.2758 0.0090  0.0331  0.0082  155 LEU B O   
667 C CB  . LEU B 13 ? 0.2806 0.2459 0.2638 0.0085  0.0217  0.0043  155 LEU B CB  
668 C CG  . LEU B 13 ? 0.3244 0.2821 0.2922 0.0077  0.0189  0.0041  155 LEU B CG  
669 C CD1 . LEU B 13 ? 0.3305 0.2889 0.2994 0.0078  0.0102  0.0050  155 LEU B CD1 
670 C CD2 . LEU B 13 ? 0.4024 0.3567 0.3614 0.0080  0.0205  0.0088  155 LEU B CD2 
671 N N   . ILE B 14 ? 0.2245 0.2032 0.2310 0.0086  0.0343  0.0005  156 ILE B N   
672 C CA  . ILE B 14 ? 0.2173 0.2054 0.2383 0.0087  0.0368  0.0012  156 ILE B CA  
673 C C   . ILE B 14 ? 0.2426 0.2314 0.2618 0.0080  0.0448  0.0013  156 ILE B C   
674 O O   . ILE B 14 ? 0.2086 0.2025 0.2351 0.0078  0.0459  0.0042  156 ILE B O   
675 C CB  . ILE B 14 ? 0.2276 0.2204 0.2575 0.0090  0.0373  -0.0026 156 ILE B CB  
676 C CG1 . ILE B 14 ? 0.2014 0.1959 0.2378 0.0095  0.0288  -0.0012 156 ILE B CG1 
677 C CG2 . ILE B 14 ? 0.2500 0.2524 0.2920 0.0087  0.0426  -0.0029 156 ILE B CG2 
678 C CD1 . ILE B 14 ? 0.2432 0.2397 0.2865 0.0098  0.0283  -0.0049 156 ILE B CD1 
679 N N   . MET B 15 ? 0.2113 0.1948 0.2203 0.0071  0.0505  -0.0020 157 MET B N   
680 C CA  . MET B 15 ? 0.2407 0.2242 0.2469 0.0059  0.0584  -0.0022 157 MET B CA  
681 C C   . MET B 15 ? 0.2625 0.2407 0.2619 0.0058  0.0581  0.0025  157 MET B C   
682 O O   . MET B 15 ? 0.2579 0.2386 0.2611 0.0051  0.0625  0.0041  157 MET B O   
683 C CB  . MET B 15 ? 0.2589 0.2388 0.2557 0.0048  0.0646  -0.0071 157 MET B CB  
684 C CG  . MET B 15 ? 0.2470 0.2329 0.2518 0.0053  0.0663  -0.0119 157 MET B CG  
685 S SD  . MET B 15 ? 0.3322 0.3310 0.3553 0.0054  0.0692  -0.0113 157 MET B SD  
686 C CE  . MET B 15 ? 0.3889 0.3885 0.4073 0.0031  0.0792  -0.0122 157 MET B CE  
687 N N   . GLN B 16 ? 0.2637 0.2348 0.2530 0.0063  0.0530  0.0046  158 GLN B N   
688 C CA  . GLN B 16 ? 0.2698 0.2358 0.2529 0.0066  0.0517  0.0097  158 GLN B CA  
689 C C   . GLN B 16 ? 0.2593 0.2316 0.2550 0.0078  0.0489  0.0133  158 GLN B C   
690 O O   . GLN B 16 ? 0.2691 0.2403 0.2653 0.0078  0.0520  0.0160  158 GLN B O   
691 C CB  . GLN B 16 ? 0.3355 0.2947 0.3073 0.0073  0.0455  0.0117  158 GLN B CB  
692 C CG  . GLN B 16 ? 0.5580 0.5106 0.5154 0.0058  0.0484  0.0087  158 GLN B CG  
693 C CD  . GLN B 16 ? 0.7187 0.6653 0.6647 0.0062  0.0422  0.0110  158 GLN B CD  
694 O OE1 . GLN B 16 ? 0.7674 0.7149 0.7162 0.0076  0.0358  0.0152  158 GLN B OE1 
695 N NE2 . GLN B 16 ? 0.7742 0.7159 0.7075 0.0047  0.0440  0.0082  158 GLN B NE2 
696 N N   . LYS B 17 ? 0.2106 0.1893 0.2162 0.0087  0.0431  0.0133  159 LYS B N   
697 C CA  . LYS B 17 ? 0.2390 0.2252 0.2573 0.0096  0.0401  0.0163  159 LYS B CA  
698 C C   . LYS B 17 ? 0.2497 0.2430 0.2780 0.0086  0.0468  0.0150  159 LYS B C   
699 O O   . LYS B 17 ? 0.2257 0.2215 0.2590 0.0089  0.0479  0.0176  159 LYS B O   
700 C CB  . LYS B 17 ? 0.2628 0.2551 0.2896 0.0103  0.0326  0.0164  159 LYS B CB  
701 C CG  . LYS B 17 ? 0.2599 0.2613 0.2999 0.0109  0.0290  0.0195  159 LYS B CG  
702 C CD  . LYS B 17 ? 0.2358 0.2342 0.2722 0.0123  0.0263  0.0240  159 LYS B CD  
703 C CE  . LYS B 17 ? 0.2287 0.2370 0.2782 0.0130  0.0215  0.0267  159 LYS B CE  
704 N NZ  . LYS B 17 ? 0.2567 0.2627 0.3045 0.0147  0.0213  0.0305  159 LYS B NZ  
705 N N   . ALA B 18 ? 0.2457 0.2428 0.2773 0.0074  0.0514  0.0107  160 ALA B N   
706 C CA  . ALA B 18 ? 0.2362 0.2407 0.2764 0.0060  0.0583  0.0091  160 ALA B CA  
707 C C   . ALA B 18 ? 0.2344 0.2331 0.2675 0.0050  0.0646  0.0100  160 ALA B C   
708 O O   . ALA B 18 ? 0.2612 0.2647 0.3017 0.0044  0.0677  0.0109  160 ALA B O   
709 C CB  . ALA B 18 ? 0.2698 0.2784 0.3127 0.0051  0.0624  0.0045  160 ALA B CB  
710 N N   . ALA B 19 ? 0.2524 0.2409 0.2711 0.0047  0.0666  0.0096  161 ALA B N   
711 C CA  . ALA B 19 ? 0.2581 0.2397 0.2686 0.0033  0.0726  0.0109  161 ALA B CA  
712 C C   . ALA B 19 ? 0.3062 0.2847 0.3175 0.0049  0.0693  0.0159  161 ALA B C   
713 O O   . ALA B 19 ? 0.2821 0.2598 0.2954 0.0040  0.0741  0.0169  161 ALA B O   
714 C CB  . ALA B 19 ? 0.2748 0.2467 0.2693 0.0025  0.0744  0.0098  161 ALA B CB  
715 N N   . GLU B 20 ? 0.2471 0.2238 0.2569 0.0070  0.0613  0.0188  162 GLU B N   
716 C CA  . GLU B 20 ? 0.2843 0.2586 0.2950 0.0090  0.0571  0.0237  162 GLU B CA  
717 C C   . GLU B 20 ? 0.2652 0.2492 0.2912 0.0094  0.0575  0.0240  162 GLU B C   
718 O O   . GLU B 20 ? 0.3166 0.2987 0.3445 0.0099  0.0594  0.0262  162 GLU B O   
719 C CB  . GLU B 20 ? 0.4203 0.3935 0.4279 0.0110  0.0481  0.0260  162 GLU B CB  
720 C CG  . GLU B 20 ? 0.5405 0.5093 0.5449 0.0133  0.0432  0.0313  162 GLU B CG  
721 C CD  . GLU B 20 ? 0.5501 0.5189 0.5508 0.0147  0.0345  0.0330  162 GLU B CD  
722 O OE1 . GLU B 20 ? 0.6306 0.5918 0.6199 0.0158  0.0316  0.0363  162 GLU B OE1 
723 O OE2 . GLU B 20 ? 0.3981 0.3745 0.4075 0.0145  0.0305  0.0312  162 GLU B OE2 
724 N N   . ASP B 21 ? 0.2394 0.2340 0.2767 0.0089  0.0557  0.0215  163 ASP B N   
725 C CA  . ASP B 21 ? 0.2380 0.2436 0.2904 0.0089  0.0550  0.0218  163 ASP B CA  
726 C C   . ASP B 21 ? 0.2942 0.3037 0.3518 0.0067  0.0637  0.0192  163 ASP B C   
727 O O   . ASP B 21 ? 0.3170 0.3317 0.3835 0.0068  0.0648  0.0200  163 ASP B O   
728 C CB  . ASP B 21 ? 0.2061 0.2219 0.2686 0.0089  0.0499  0.0206  163 ASP B CB  
729 C CG  . ASP B 21 ? 0.2671 0.2812 0.3273 0.0108  0.0406  0.0236  163 ASP B CG  
730 O OD1 . ASP B 21 ? 0.2839 0.2899 0.3352 0.0125  0.0380  0.0267  163 ASP B OD1 
731 O OD2 . ASP B 21 ? 0.3138 0.3351 0.3814 0.0107  0.0358  0.0230  163 ASP B OD2 
732 N N   . LEU B 22 ? 0.2856 0.2931 0.3382 0.0047  0.0698  0.0159  164 LEU B N   
733 C CA  . LEU B 22 ? 0.2457 0.2561 0.3013 0.0022  0.0786  0.0133  164 LEU B CA  
734 C C   . LEU B 22 ? 0.3661 0.3679 0.4167 0.0024  0.0811  0.0159  164 LEU B C   
735 O O   . LEU B 22 ? 0.3702 0.3763 0.4282 0.0012  0.0855  0.0151  164 LEU B O   
736 C CB  . LEU B 22 ? 0.2999 0.3072 0.3475 0.0001  0.0845  0.0097  164 LEU B CB  
737 C CG  . LEU B 22 ? 0.3573 0.3673 0.4063 -0.0031 0.0933  0.0067  164 LEU B CG  
738 C CD1 . LEU B 22 ? 0.3958 0.4182 0.4548 -0.0038 0.0864  0.0040  164 LEU B CD1 
739 C CD2 . LEU B 22 ? 0.3638 0.3692 0.4019 -0.0047 0.0965  0.0034  164 LEU B CD2 
740 N N   . ALA B 23 ? 0.3492 0.3391 0.3872 0.0041  0.0782  0.0191  165 ALA B N   
741 C CA  . ALA B 23 ? 0.4104 0.3901 0.4417 0.0046  0.0806  0.0222  165 ALA B CA  
742 C C   . ALA B 23 ? 0.5142 0.4964 0.5541 0.0071  0.0766  0.0252  165 ALA B C   
743 O O   . ALA B 23 ? 0.5495 0.5236 0.5857 0.0080  0.0783  0.0279  165 ALA B O   
744 C CB  . ALA B 23 ? 0.4321 0.3991 0.4473 0.0054  0.0785  0.0250  165 ALA B CB  
745 N N   . ASN B 24 ? 0.5155 0.5086 0.5667 0.0083  0.0709  0.0249  166 ASN B N   
746 C CA  . ASN B 24 ? 0.6374 0.6369 0.6999 0.0099  0.0683  0.0265  166 ASN B CA  
747 C C   . ASN B 24 ? 0.6450 0.6569 0.7183 0.0108  0.0612  0.0263  166 ASN B C   
748 O O   . ASN B 24 ? 0.6830 0.7070 0.7681 0.0089  0.0631  0.0235  166 ASN B O   
749 C CB  . ASN B 24 ? 0.7603 0.7496 0.8165 0.0131  0.0653  0.0312  166 ASN B CB  
750 C CG  . ASN B 24 ? 0.8315 0.8206 0.8943 0.0132  0.0699  0.0311  166 ASN B CG  
751 O OD1 . ASN B 24 ? 0.8855 0.8845 0.9596 0.0111  0.0739  0.0275  166 ASN B OD1 
752 N ND2 . ASN B 24 ? 0.8744 0.8524 0.9305 0.0157  0.0692  0.0350  166 ASN B ND2 
# 
